data_5B3K
# 
_entry.id   5B3K 
# 
_audit_conform.dict_name       mmcif_pdbx.dic 
_audit_conform.dict_version    5.387 
_audit_conform.dict_location   http://mmcif.pdb.org/dictionaries/ascii/mmcif_pdbx.dic 
# 
loop_
_database_2.database_id 
_database_2.database_code 
_database_2.pdbx_database_accession 
_database_2.pdbx_DOI 
PDB   5B3K         pdb_00005b3k 10.2210/pdb5b3k/pdb 
WWPDB D_1300000468 ?            ?                   
# 
loop_
_pdbx_audit_revision_history.ordinal 
_pdbx_audit_revision_history.data_content_type 
_pdbx_audit_revision_history.major_revision 
_pdbx_audit_revision_history.minor_revision 
_pdbx_audit_revision_history.revision_date 
1 'Structure model' 1 0 2017-03-08 
2 'Structure model' 1 1 2020-02-26 
3 'Structure model' 1 2 2024-03-20 
# 
_pdbx_audit_revision_details.ordinal             1 
_pdbx_audit_revision_details.revision_ordinal    1 
_pdbx_audit_revision_details.data_content_type   'Structure model' 
_pdbx_audit_revision_details.provider            repository 
_pdbx_audit_revision_details.type                'Initial release' 
_pdbx_audit_revision_details.description         ? 
_pdbx_audit_revision_details.details             ? 
# 
loop_
_pdbx_audit_revision_group.ordinal 
_pdbx_audit_revision_group.revision_ordinal 
_pdbx_audit_revision_group.data_content_type 
_pdbx_audit_revision_group.group 
1 2 'Structure model' 'Data collection'     
2 3 'Structure model' 'Data collection'     
3 3 'Structure model' 'Database references' 
# 
loop_
_pdbx_audit_revision_category.ordinal 
_pdbx_audit_revision_category.revision_ordinal 
_pdbx_audit_revision_category.data_content_type 
_pdbx_audit_revision_category.category 
1 2 'Structure model' diffrn_source  
2 3 'Structure model' chem_comp_atom 
3 3 'Structure model' chem_comp_bond 
4 3 'Structure model' database_2     
# 
loop_
_pdbx_audit_revision_item.ordinal 
_pdbx_audit_revision_item.revision_ordinal 
_pdbx_audit_revision_item.data_content_type 
_pdbx_audit_revision_item.item 
1 2 'Structure model' '_diffrn_source.pdbx_synchrotron_site' 
2 3 'Structure model' '_database_2.pdbx_DOI'                 
3 3 'Structure model' '_database_2.pdbx_database_accession'  
# 
_pdbx_database_status.status_code                     REL 
_pdbx_database_status.status_code_sf                  REL 
_pdbx_database_status.status_code_mr                  ? 
_pdbx_database_status.entry_id                        5B3K 
_pdbx_database_status.recvd_initial_deposition_date   2016-03-03 
_pdbx_database_status.SG_entry                        N 
_pdbx_database_status.deposit_site                    PDBJ 
_pdbx_database_status.process_site                    PDBJ 
_pdbx_database_status.status_code_cs                  ? 
_pdbx_database_status.methods_development_category    ? 
_pdbx_database_status.pdb_format_compatible           Y 
_pdbx_database_status.status_code_nmr_data            ? 
# 
_pdbx_database_related.content_type   unspecified 
_pdbx_database_related.db_id          5B3L 
_pdbx_database_related.db_name        PDB 
_pdbx_database_related.details        . 
# 
loop_
_audit_author.name 
_audit_author.pdbx_ordinal 
'Okada, D.'     1 
'Nakanishi, T.' 2 
'Kitamura, M.'  3 
# 
_citation.abstract                  ? 
_citation.abstract_id_CAS           ? 
_citation.book_id_ISBN              ? 
_citation.book_publisher            ? 
_citation.book_publisher_city       ? 
_citation.book_title                ? 
_citation.coordinate_linkage        ? 
_citation.country                   ? 
_citation.database_id_Medline       ? 
_citation.details                   ? 
_citation.id                        primary 
_citation.journal_abbrev            'To Be Published' 
_citation.journal_id_ASTM           ? 
_citation.journal_id_CSD            0353 
_citation.journal_id_ISSN           ? 
_citation.journal_full              ? 
_citation.journal_issue             ? 
_citation.journal_volume            ? 
_citation.language                  ? 
_citation.page_first                ? 
_citation.page_last                 ? 
_citation.title                     'C101A mutant of Flavodoxin from Pseudomonas aeruginosa' 
_citation.year                      ? 
_citation.database_id_CSD           ? 
_citation.pdbx_database_id_DOI      ? 
_citation.pdbx_database_id_PubMed   ? 
_citation.unpublished_flag          ? 
# 
loop_
_citation_author.citation_id 
_citation_author.name 
_citation_author.ordinal 
_citation_author.identifier_ORCID 
primary 'Okada, D.'     1 ? 
primary 'Nakanishi, T.' 2 ? 
primary 'Kitamura, M.'  3 ? 
# 
loop_
_entity.id 
_entity.type 
_entity.src_method 
_entity.pdbx_description 
_entity.formula_weight 
_entity.pdbx_number_of_molecules 
_entity.pdbx_ec 
_entity.pdbx_mutation 
_entity.pdbx_fragment 
_entity.details 
1 polymer     man 'Uncharacterized protein PA3435' 15851.837 1   ? C101A ? ? 
2 non-polymer syn 'SULFATE ION'                    96.063    1   ? ?     ? ? 
3 water       nat water                            18.015    130 ? ?     ? ? 
# 
_entity_poly.entity_id                      1 
_entity_poly.type                           'polypeptide(L)' 
_entity_poly.nstd_linkage                   no 
_entity_poly.nstd_monomer                   no 
_entity_poly.pdbx_seq_one_letter_code       
;MKVAILSGSVYGTAEEVARHAQKLLSAAGLEASHLPRASLDELKAFAPEAFLVVTSTTGMGELPDNLQPLYYAIRDQLPA
WHGLPGGVIGLGDSSYGDTFAGGGEQVRELFGELGVREVLPMLRLDASETVTPETDAEPWLAEFAAALKG
;
_entity_poly.pdbx_seq_one_letter_code_can   
;MKVAILSGSVYGTAEEVARHAQKLLSAAGLEASHLPRASLDELKAFAPEAFLVVTSTTGMGELPDNLQPLYYAIRDQLPA
WHGLPGGVIGLGDSSYGDTFAGGGEQVRELFGELGVREVLPMLRLDASETVTPETDAEPWLAEFAAALKG
;
_entity_poly.pdbx_strand_id                 A 
_entity_poly.pdbx_target_identifier         ? 
# 
loop_
_pdbx_entity_nonpoly.entity_id 
_pdbx_entity_nonpoly.name 
_pdbx_entity_nonpoly.comp_id 
2 'SULFATE ION' SO4 
3 water         HOH 
# 
loop_
_entity_poly_seq.entity_id 
_entity_poly_seq.num 
_entity_poly_seq.mon_id 
_entity_poly_seq.hetero 
1 1   MET n 
1 2   LYS n 
1 3   VAL n 
1 4   ALA n 
1 5   ILE n 
1 6   LEU n 
1 7   SER n 
1 8   GLY n 
1 9   SER n 
1 10  VAL n 
1 11  TYR n 
1 12  GLY n 
1 13  THR n 
1 14  ALA n 
1 15  GLU n 
1 16  GLU n 
1 17  VAL n 
1 18  ALA n 
1 19  ARG n 
1 20  HIS n 
1 21  ALA n 
1 22  GLN n 
1 23  LYS n 
1 24  LEU n 
1 25  LEU n 
1 26  SER n 
1 27  ALA n 
1 28  ALA n 
1 29  GLY n 
1 30  LEU n 
1 31  GLU n 
1 32  ALA n 
1 33  SER n 
1 34  HIS n 
1 35  LEU n 
1 36  PRO n 
1 37  ARG n 
1 38  ALA n 
1 39  SER n 
1 40  LEU n 
1 41  ASP n 
1 42  GLU n 
1 43  LEU n 
1 44  LYS n 
1 45  ALA n 
1 46  PHE n 
1 47  ALA n 
1 48  PRO n 
1 49  GLU n 
1 50  ALA n 
1 51  PHE n 
1 52  LEU n 
1 53  VAL n 
1 54  VAL n 
1 55  THR n 
1 56  SER n 
1 57  THR n 
1 58  THR n 
1 59  GLY n 
1 60  MET n 
1 61  GLY n 
1 62  GLU n 
1 63  LEU n 
1 64  PRO n 
1 65  ASP n 
1 66  ASN n 
1 67  LEU n 
1 68  GLN n 
1 69  PRO n 
1 70  LEU n 
1 71  TYR n 
1 72  TYR n 
1 73  ALA n 
1 74  ILE n 
1 75  ARG n 
1 76  ASP n 
1 77  GLN n 
1 78  LEU n 
1 79  PRO n 
1 80  ALA n 
1 81  TRP n 
1 82  HIS n 
1 83  GLY n 
1 84  LEU n 
1 85  PRO n 
1 86  GLY n 
1 87  GLY n 
1 88  VAL n 
1 89  ILE n 
1 90  GLY n 
1 91  LEU n 
1 92  GLY n 
1 93  ASP n 
1 94  SER n 
1 95  SER n 
1 96  TYR n 
1 97  GLY n 
1 98  ASP n 
1 99  THR n 
1 100 PHE n 
1 101 ALA n 
1 102 GLY n 
1 103 GLY n 
1 104 GLY n 
1 105 GLU n 
1 106 GLN n 
1 107 VAL n 
1 108 ARG n 
1 109 GLU n 
1 110 LEU n 
1 111 PHE n 
1 112 GLY n 
1 113 GLU n 
1 114 LEU n 
1 115 GLY n 
1 116 VAL n 
1 117 ARG n 
1 118 GLU n 
1 119 VAL n 
1 120 LEU n 
1 121 PRO n 
1 122 MET n 
1 123 LEU n 
1 124 ARG n 
1 125 LEU n 
1 126 ASP n 
1 127 ALA n 
1 128 SER n 
1 129 GLU n 
1 130 THR n 
1 131 VAL n 
1 132 THR n 
1 133 PRO n 
1 134 GLU n 
1 135 THR n 
1 136 ASP n 
1 137 ALA n 
1 138 GLU n 
1 139 PRO n 
1 140 TRP n 
1 141 LEU n 
1 142 ALA n 
1 143 GLU n 
1 144 PHE n 
1 145 ALA n 
1 146 ALA n 
1 147 ALA n 
1 148 LEU n 
1 149 LYS n 
1 150 GLY n 
# 
_entity_src_gen.entity_id                          1 
_entity_src_gen.pdbx_src_id                        1 
_entity_src_gen.pdbx_alt_source_flag               sample 
_entity_src_gen.pdbx_seq_type                      'Biological sequence' 
_entity_src_gen.pdbx_beg_seq_num                   1 
_entity_src_gen.pdbx_end_seq_num                   150 
_entity_src_gen.gene_src_common_name               ? 
_entity_src_gen.gene_src_genus                     ? 
_entity_src_gen.pdbx_gene_src_gene                 PA3435 
_entity_src_gen.gene_src_species                   ? 
_entity_src_gen.gene_src_strain                    'ATCC 15692 / PAO1 / 1C / PRS 101 / LMG 12228' 
_entity_src_gen.gene_src_tissue                    ? 
_entity_src_gen.gene_src_tissue_fraction           ? 
_entity_src_gen.gene_src_details                   ? 
_entity_src_gen.pdbx_gene_src_fragment             ? 
_entity_src_gen.pdbx_gene_src_scientific_name      'Pseudomonas aeruginosa (strain ATCC 15692 / PAO1 / 1C / PRS 101 / LMG 12228)' 
_entity_src_gen.pdbx_gene_src_ncbi_taxonomy_id     208964 
_entity_src_gen.pdbx_gene_src_variant              ? 
_entity_src_gen.pdbx_gene_src_cell_line            ? 
_entity_src_gen.pdbx_gene_src_atcc                 ? 
_entity_src_gen.pdbx_gene_src_organ                ? 
_entity_src_gen.pdbx_gene_src_organelle            ? 
_entity_src_gen.pdbx_gene_src_cell                 ? 
_entity_src_gen.pdbx_gene_src_cellular_location    ? 
_entity_src_gen.host_org_common_name               ? 
_entity_src_gen.pdbx_host_org_scientific_name      'Escherichia coli' 
_entity_src_gen.pdbx_host_org_ncbi_taxonomy_id     562 
_entity_src_gen.host_org_genus                     ? 
_entity_src_gen.pdbx_host_org_gene                 ? 
_entity_src_gen.pdbx_host_org_organ                ? 
_entity_src_gen.host_org_species                   ? 
_entity_src_gen.pdbx_host_org_tissue               ? 
_entity_src_gen.pdbx_host_org_tissue_fraction      ? 
_entity_src_gen.pdbx_host_org_strain               ? 
_entity_src_gen.pdbx_host_org_variant              ? 
_entity_src_gen.pdbx_host_org_cell_line            ? 
_entity_src_gen.pdbx_host_org_atcc                 ? 
_entity_src_gen.pdbx_host_org_culture_collection   ? 
_entity_src_gen.pdbx_host_org_cell                 ? 
_entity_src_gen.pdbx_host_org_organelle            ? 
_entity_src_gen.pdbx_host_org_cellular_location    ? 
_entity_src_gen.pdbx_host_org_vector_type          ? 
_entity_src_gen.pdbx_host_org_vector               ? 
_entity_src_gen.host_org_details                   ? 
_entity_src_gen.expression_system_id               ? 
_entity_src_gen.plasmid_name                       ? 
_entity_src_gen.plasmid_details                    ? 
_entity_src_gen.pdbx_description                   ? 
# 
loop_
_chem_comp.id 
_chem_comp.type 
_chem_comp.mon_nstd_flag 
_chem_comp.name 
_chem_comp.pdbx_synonyms 
_chem_comp.formula 
_chem_comp.formula_weight 
ALA 'L-peptide linking' y ALANINE         ? 'C3 H7 N O2'     89.093  
ARG 'L-peptide linking' y ARGININE        ? 'C6 H15 N4 O2 1' 175.209 
ASN 'L-peptide linking' y ASPARAGINE      ? 'C4 H8 N2 O3'    132.118 
ASP 'L-peptide linking' y 'ASPARTIC ACID' ? 'C4 H7 N O4'     133.103 
CYS 'L-peptide linking' y CYSTEINE        ? 'C3 H7 N O2 S'   121.158 
GLN 'L-peptide linking' y GLUTAMINE       ? 'C5 H10 N2 O3'   146.144 
GLU 'L-peptide linking' y 'GLUTAMIC ACID' ? 'C5 H9 N O4'     147.129 
GLY 'peptide linking'   y GLYCINE         ? 'C2 H5 N O2'     75.067  
HIS 'L-peptide linking' y HISTIDINE       ? 'C6 H10 N3 O2 1' 156.162 
HOH non-polymer         . WATER           ? 'H2 O'           18.015  
ILE 'L-peptide linking' y ISOLEUCINE      ? 'C6 H13 N O2'    131.173 
LEU 'L-peptide linking' y LEUCINE         ? 'C6 H13 N O2'    131.173 
LYS 'L-peptide linking' y LYSINE          ? 'C6 H15 N2 O2 1' 147.195 
MET 'L-peptide linking' y METHIONINE      ? 'C5 H11 N O2 S'  149.211 
PHE 'L-peptide linking' y PHENYLALANINE   ? 'C9 H11 N O2'    165.189 
PRO 'L-peptide linking' y PROLINE         ? 'C5 H9 N O2'     115.130 
SER 'L-peptide linking' y SERINE          ? 'C3 H7 N O3'     105.093 
SO4 non-polymer         . 'SULFATE ION'   ? 'O4 S -2'        96.063  
THR 'L-peptide linking' y THREONINE       ? 'C4 H9 N O3'     119.119 
TRP 'L-peptide linking' y TRYPTOPHAN      ? 'C11 H12 N2 O2'  204.225 
TYR 'L-peptide linking' y TYROSINE        ? 'C9 H11 N O3'    181.189 
VAL 'L-peptide linking' y VALINE          ? 'C5 H11 N O2'    117.146 
# 
loop_
_pdbx_poly_seq_scheme.asym_id 
_pdbx_poly_seq_scheme.entity_id 
_pdbx_poly_seq_scheme.seq_id 
_pdbx_poly_seq_scheme.mon_id 
_pdbx_poly_seq_scheme.ndb_seq_num 
_pdbx_poly_seq_scheme.pdb_seq_num 
_pdbx_poly_seq_scheme.auth_seq_num 
_pdbx_poly_seq_scheme.pdb_mon_id 
_pdbx_poly_seq_scheme.auth_mon_id 
_pdbx_poly_seq_scheme.pdb_strand_id 
_pdbx_poly_seq_scheme.pdb_ins_code 
_pdbx_poly_seq_scheme.hetero 
A 1 1   MET 1   1   1   MET MET A . n 
A 1 2   LYS 2   2   2   LYS LYS A . n 
A 1 3   VAL 3   3   3   VAL VAL A . n 
A 1 4   ALA 4   4   4   ALA ALA A . n 
A 1 5   ILE 5   5   5   ILE ILE A . n 
A 1 6   LEU 6   6   6   LEU LEU A . n 
A 1 7   SER 7   7   7   SER SER A . n 
A 1 8   GLY 8   8   8   GLY GLY A . n 
A 1 9   SER 9   9   9   SER SER A . n 
A 1 10  VAL 10  10  10  VAL VAL A . n 
A 1 11  TYR 11  11  11  TYR TYR A . n 
A 1 12  GLY 12  12  12  GLY GLY A . n 
A 1 13  THR 13  13  13  THR THR A . n 
A 1 14  ALA 14  14  14  ALA ALA A . n 
A 1 15  GLU 15  15  15  GLU GLU A . n 
A 1 16  GLU 16  16  16  GLU GLU A . n 
A 1 17  VAL 17  17  17  VAL VAL A . n 
A 1 18  ALA 18  18  18  ALA ALA A . n 
A 1 19  ARG 19  19  19  ARG ARG A . n 
A 1 20  HIS 20  20  20  HIS HIS A . n 
A 1 21  ALA 21  21  21  ALA ALA A . n 
A 1 22  GLN 22  22  22  GLN GLN A . n 
A 1 23  LYS 23  23  23  LYS LYS A . n 
A 1 24  LEU 24  24  24  LEU LEU A . n 
A 1 25  LEU 25  25  25  LEU LEU A . n 
A 1 26  SER 26  26  26  SER SER A . n 
A 1 27  ALA 27  27  27  ALA ALA A . n 
A 1 28  ALA 28  28  28  ALA ALA A . n 
A 1 29  GLY 29  29  29  GLY GLY A . n 
A 1 30  LEU 30  30  30  LEU LEU A . n 
A 1 31  GLU 31  31  31  GLU GLU A . n 
A 1 32  ALA 32  32  32  ALA ALA A . n 
A 1 33  SER 33  33  33  SER SER A . n 
A 1 34  HIS 34  34  34  HIS HIS A . n 
A 1 35  LEU 35  35  35  LEU LEU A . n 
A 1 36  PRO 36  36  36  PRO PRO A . n 
A 1 37  ARG 37  37  37  ARG ARG A . n 
A 1 38  ALA 38  38  38  ALA ALA A . n 
A 1 39  SER 39  39  39  SER SER A . n 
A 1 40  LEU 40  40  40  LEU LEU A . n 
A 1 41  ASP 41  41  41  ASP ASP A . n 
A 1 42  GLU 42  42  42  GLU GLU A . n 
A 1 43  LEU 43  43  43  LEU LEU A . n 
A 1 44  LYS 44  44  44  LYS LYS A . n 
A 1 45  ALA 45  45  45  ALA ALA A . n 
A 1 46  PHE 46  46  46  PHE PHE A . n 
A 1 47  ALA 47  47  47  ALA ALA A . n 
A 1 48  PRO 48  48  48  PRO PRO A . n 
A 1 49  GLU 49  49  49  GLU GLU A . n 
A 1 50  ALA 50  50  50  ALA ALA A . n 
A 1 51  PHE 51  51  51  PHE PHE A . n 
A 1 52  LEU 52  52  52  LEU LEU A . n 
A 1 53  VAL 53  53  53  VAL VAL A . n 
A 1 54  VAL 54  54  54  VAL VAL A . n 
A 1 55  THR 55  55  55  THR THR A . n 
A 1 56  SER 56  56  56  SER SER A . n 
A 1 57  THR 57  57  57  THR THR A . n 
A 1 58  THR 58  58  58  THR THR A . n 
A 1 59  GLY 59  59  59  GLY GLY A . n 
A 1 60  MET 60  60  60  MET MET A . n 
A 1 61  GLY 61  61  61  GLY GLY A . n 
A 1 62  GLU 62  62  62  GLU GLU A . n 
A 1 63  LEU 63  63  63  LEU LEU A . n 
A 1 64  PRO 64  64  64  PRO PRO A . n 
A 1 65  ASP 65  65  65  ASP ASP A . n 
A 1 66  ASN 66  66  66  ASN ASN A . n 
A 1 67  LEU 67  67  67  LEU LEU A . n 
A 1 68  GLN 68  68  68  GLN GLN A . n 
A 1 69  PRO 69  69  69  PRO PRO A . n 
A 1 70  LEU 70  70  70  LEU LEU A . n 
A 1 71  TYR 71  71  71  TYR TYR A . n 
A 1 72  TYR 72  72  72  TYR TYR A . n 
A 1 73  ALA 73  73  73  ALA ALA A . n 
A 1 74  ILE 74  74  74  ILE ILE A . n 
A 1 75  ARG 75  75  75  ARG ARG A . n 
A 1 76  ASP 76  76  76  ASP ASP A . n 
A 1 77  GLN 77  77  77  GLN GLN A . n 
A 1 78  LEU 78  78  78  LEU LEU A . n 
A 1 79  PRO 79  79  79  PRO PRO A . n 
A 1 80  ALA 80  80  80  ALA ALA A . n 
A 1 81  TRP 81  81  81  TRP TRP A . n 
A 1 82  HIS 82  82  82  HIS HIS A . n 
A 1 83  GLY 83  83  83  GLY GLY A . n 
A 1 84  LEU 84  84  84  LEU LEU A . n 
A 1 85  PRO 85  85  85  PRO PRO A . n 
A 1 86  GLY 86  86  86  GLY GLY A . n 
A 1 87  GLY 87  87  87  GLY GLY A . n 
A 1 88  VAL 88  88  88  VAL VAL A . n 
A 1 89  ILE 89  89  89  ILE ILE A . n 
A 1 90  GLY 90  90  90  GLY GLY A . n 
A 1 91  LEU 91  91  91  LEU LEU A . n 
A 1 92  GLY 92  92  92  GLY GLY A . n 
A 1 93  ASP 93  93  93  ASP ASP A . n 
A 1 94  SER 94  94  94  SER SER A . n 
A 1 95  SER 95  95  95  SER SER A . n 
A 1 96  TYR 96  96  96  TYR TYR A . n 
A 1 97  GLY 97  97  97  GLY GLY A . n 
A 1 98  ASP 98  98  98  ASP ASP A . n 
A 1 99  THR 99  99  99  THR THR A . n 
A 1 100 PHE 100 100 100 PHE PHE A . n 
A 1 101 ALA 101 101 101 ALA ALA A . n 
A 1 102 GLY 102 102 102 GLY GLY A . n 
A 1 103 GLY 103 103 103 GLY GLY A . n 
A 1 104 GLY 104 104 104 GLY GLY A . n 
A 1 105 GLU 105 105 105 GLU GLU A . n 
A 1 106 GLN 106 106 106 GLN GLN A . n 
A 1 107 VAL 107 107 107 VAL VAL A . n 
A 1 108 ARG 108 108 108 ARG ARG A . n 
A 1 109 GLU 109 109 109 GLU GLU A . n 
A 1 110 LEU 110 110 110 LEU LEU A . n 
A 1 111 PHE 111 111 111 PHE PHE A . n 
A 1 112 GLY 112 112 112 GLY GLY A . n 
A 1 113 GLU 113 113 113 GLU GLU A . n 
A 1 114 LEU 114 114 114 LEU LEU A . n 
A 1 115 GLY 115 115 115 GLY GLY A . n 
A 1 116 VAL 116 116 116 VAL VAL A . n 
A 1 117 ARG 117 117 117 ARG ARG A . n 
A 1 118 GLU 118 118 118 GLU GLU A . n 
A 1 119 VAL 119 119 119 VAL VAL A . n 
A 1 120 LEU 120 120 120 LEU LEU A . n 
A 1 121 PRO 121 121 121 PRO PRO A . n 
A 1 122 MET 122 122 122 MET MET A . n 
A 1 123 LEU 123 123 123 LEU LEU A . n 
A 1 124 ARG 124 124 124 ARG ARG A . n 
A 1 125 LEU 125 125 125 LEU LEU A . n 
A 1 126 ASP 126 126 126 ASP ASP A . n 
A 1 127 ALA 127 127 127 ALA ALA A . n 
A 1 128 SER 128 128 128 SER SER A . n 
A 1 129 GLU 129 129 129 GLU GLU A . n 
A 1 130 THR 130 130 130 THR THR A . n 
A 1 131 VAL 131 131 131 VAL VAL A . n 
A 1 132 THR 132 132 132 THR THR A . n 
A 1 133 PRO 133 133 133 PRO PRO A . n 
A 1 134 GLU 134 134 134 GLU GLU A . n 
A 1 135 THR 135 135 135 THR THR A . n 
A 1 136 ASP 136 136 136 ASP ASP A . n 
A 1 137 ALA 137 137 137 ALA ALA A . n 
A 1 138 GLU 138 138 138 GLU GLU A . n 
A 1 139 PRO 139 139 139 PRO PRO A . n 
A 1 140 TRP 140 140 140 TRP TRP A . n 
A 1 141 LEU 141 141 141 LEU LEU A . n 
A 1 142 ALA 142 142 142 ALA ALA A . n 
A 1 143 GLU 143 143 143 GLU GLU A . n 
A 1 144 PHE 144 144 144 PHE PHE A . n 
A 1 145 ALA 145 145 145 ALA ALA A . n 
A 1 146 ALA 146 146 146 ALA ALA A . n 
A 1 147 ALA 147 147 147 ALA ALA A . n 
A 1 148 LEU 148 148 148 LEU LEU A . n 
A 1 149 LYS 149 149 149 LYS LYS A . n 
A 1 150 GLY 150 150 150 GLY GLY A . n 
# 
loop_
_pdbx_nonpoly_scheme.asym_id 
_pdbx_nonpoly_scheme.entity_id 
_pdbx_nonpoly_scheme.mon_id 
_pdbx_nonpoly_scheme.ndb_seq_num 
_pdbx_nonpoly_scheme.pdb_seq_num 
_pdbx_nonpoly_scheme.auth_seq_num 
_pdbx_nonpoly_scheme.pdb_mon_id 
_pdbx_nonpoly_scheme.auth_mon_id 
_pdbx_nonpoly_scheme.pdb_strand_id 
_pdbx_nonpoly_scheme.pdb_ins_code 
B 2 SO4 1   201 131 SO4 SO4 A . 
C 3 HOH 1   301 130 HOH HOH A . 
C 3 HOH 2   302 47  HOH HOH A . 
C 3 HOH 3   303 95  HOH HOH A . 
C 3 HOH 4   304 73  HOH HOH A . 
C 3 HOH 5   305 19  HOH HOH A . 
C 3 HOH 6   306 77  HOH HOH A . 
C 3 HOH 7   307 45  HOH HOH A . 
C 3 HOH 8   308 87  HOH HOH A . 
C 3 HOH 9   309 60  HOH HOH A . 
C 3 HOH 10  310 55  HOH HOH A . 
C 3 HOH 11  311 119 HOH HOH A . 
C 3 HOH 12  312 67  HOH HOH A . 
C 3 HOH 13  313 23  HOH HOH A . 
C 3 HOH 14  314 94  HOH HOH A . 
C 3 HOH 15  315 61  HOH HOH A . 
C 3 HOH 16  316 24  HOH HOH A . 
C 3 HOH 17  317 56  HOH HOH A . 
C 3 HOH 18  318 101 HOH HOH A . 
C 3 HOH 19  319 20  HOH HOH A . 
C 3 HOH 20  320 108 HOH HOH A . 
C 3 HOH 21  321 118 HOH HOH A . 
C 3 HOH 22  322 105 HOH HOH A . 
C 3 HOH 23  323 4   HOH HOH A . 
C 3 HOH 24  324 6   HOH HOH A . 
C 3 HOH 25  325 100 HOH HOH A . 
C 3 HOH 26  326 35  HOH HOH A . 
C 3 HOH 27  327 59  HOH HOH A . 
C 3 HOH 28  328 125 HOH HOH A . 
C 3 HOH 29  329 54  HOH HOH A . 
C 3 HOH 30  330 30  HOH HOH A . 
C 3 HOH 31  331 116 HOH HOH A . 
C 3 HOH 32  332 25  HOH HOH A . 
C 3 HOH 33  333 37  HOH HOH A . 
C 3 HOH 34  334 13  HOH HOH A . 
C 3 HOH 35  335 8   HOH HOH A . 
C 3 HOH 36  336 124 HOH HOH A . 
C 3 HOH 37  337 52  HOH HOH A . 
C 3 HOH 38  338 85  HOH HOH A . 
C 3 HOH 39  339 46  HOH HOH A . 
C 3 HOH 40  340 5   HOH HOH A . 
C 3 HOH 41  341 32  HOH HOH A . 
C 3 HOH 42  342 58  HOH HOH A . 
C 3 HOH 43  343 7   HOH HOH A . 
C 3 HOH 44  344 39  HOH HOH A . 
C 3 HOH 45  345 42  HOH HOH A . 
C 3 HOH 46  346 79  HOH HOH A . 
C 3 HOH 47  347 26  HOH HOH A . 
C 3 HOH 48  348 63  HOH HOH A . 
C 3 HOH 49  349 70  HOH HOH A . 
C 3 HOH 50  350 71  HOH HOH A . 
C 3 HOH 51  351 9   HOH HOH A . 
C 3 HOH 52  352 76  HOH HOH A . 
C 3 HOH 53  353 2   HOH HOH A . 
C 3 HOH 54  354 33  HOH HOH A . 
C 3 HOH 55  355 78  HOH HOH A . 
C 3 HOH 56  356 129 HOH HOH A . 
C 3 HOH 57  357 69  HOH HOH A . 
C 3 HOH 58  358 106 HOH HOH A . 
C 3 HOH 59  359 22  HOH HOH A . 
C 3 HOH 60  360 75  HOH HOH A . 
C 3 HOH 61  361 3   HOH HOH A . 
C 3 HOH 62  362 88  HOH HOH A . 
C 3 HOH 63  363 64  HOH HOH A . 
C 3 HOH 64  364 34  HOH HOH A . 
C 3 HOH 65  365 117 HOH HOH A . 
C 3 HOH 66  366 21  HOH HOH A . 
C 3 HOH 67  367 51  HOH HOH A . 
C 3 HOH 68  368 91  HOH HOH A . 
C 3 HOH 69  369 38  HOH HOH A . 
C 3 HOH 70  370 68  HOH HOH A . 
C 3 HOH 71  371 29  HOH HOH A . 
C 3 HOH 72  372 17  HOH HOH A . 
C 3 HOH 73  373 31  HOH HOH A . 
C 3 HOH 74  374 65  HOH HOH A . 
C 3 HOH 75  375 10  HOH HOH A . 
C 3 HOH 76  376 14  HOH HOH A . 
C 3 HOH 77  377 48  HOH HOH A . 
C 3 HOH 78  378 16  HOH HOH A . 
C 3 HOH 79  379 80  HOH HOH A . 
C 3 HOH 80  380 36  HOH HOH A . 
C 3 HOH 81  381 1   HOH HOH A . 
C 3 HOH 82  382 41  HOH HOH A . 
C 3 HOH 83  383 18  HOH HOH A . 
C 3 HOH 84  384 27  HOH HOH A . 
C 3 HOH 85  385 49  HOH HOH A . 
C 3 HOH 86  386 127 HOH HOH A . 
C 3 HOH 87  387 126 HOH HOH A . 
C 3 HOH 88  388 110 HOH HOH A . 
C 3 HOH 89  389 12  HOH HOH A . 
C 3 HOH 90  390 81  HOH HOH A . 
C 3 HOH 91  391 28  HOH HOH A . 
C 3 HOH 92  392 89  HOH HOH A . 
C 3 HOH 93  393 122 HOH HOH A . 
C 3 HOH 94  394 115 HOH HOH A . 
C 3 HOH 95  395 121 HOH HOH A . 
C 3 HOH 96  396 50  HOH HOH A . 
C 3 HOH 97  397 57  HOH HOH A . 
C 3 HOH 98  398 15  HOH HOH A . 
C 3 HOH 99  399 92  HOH HOH A . 
C 3 HOH 100 400 43  HOH HOH A . 
C 3 HOH 101 401 111 HOH HOH A . 
C 3 HOH 102 402 90  HOH HOH A . 
C 3 HOH 103 403 103 HOH HOH A . 
C 3 HOH 104 404 72  HOH HOH A . 
C 3 HOH 105 405 83  HOH HOH A . 
C 3 HOH 106 406 62  HOH HOH A . 
C 3 HOH 107 407 86  HOH HOH A . 
C 3 HOH 108 408 53  HOH HOH A . 
C 3 HOH 109 409 74  HOH HOH A . 
C 3 HOH 110 410 107 HOH HOH A . 
C 3 HOH 111 411 44  HOH HOH A . 
C 3 HOH 112 412 84  HOH HOH A . 
C 3 HOH 113 413 109 HOH HOH A . 
C 3 HOH 114 414 104 HOH HOH A . 
C 3 HOH 115 415 128 HOH HOH A . 
C 3 HOH 116 416 113 HOH HOH A . 
C 3 HOH 117 417 93  HOH HOH A . 
C 3 HOH 118 418 40  HOH HOH A . 
C 3 HOH 119 419 123 HOH HOH A . 
C 3 HOH 120 420 102 HOH HOH A . 
C 3 HOH 121 421 98  HOH HOH A . 
C 3 HOH 122 422 120 HOH HOH A . 
C 3 HOH 123 423 96  HOH HOH A . 
C 3 HOH 124 424 82  HOH HOH A . 
C 3 HOH 125 425 99  HOH HOH A . 
C 3 HOH 126 426 97  HOH HOH A . 
C 3 HOH 127 427 66  HOH HOH A . 
C 3 HOH 128 428 114 HOH HOH A . 
C 3 HOH 129 429 112 HOH HOH A . 
C 3 HOH 130 430 11  HOH HOH A . 
# 
loop_
_software.citation_id 
_software.classification 
_software.compiler_name 
_software.compiler_version 
_software.contact_author 
_software.contact_author_email 
_software.date 
_software.description 
_software.dependencies 
_software.hardware 
_software.language 
_software.location 
_software.mods 
_software.name 
_software.os 
_software.os_version 
_software.type 
_software.version 
_software.pdbx_ordinal 
? refinement        ? ? ? ? ? ? ? ? ? ? ? REFMAC   ? ? ? 5.5.0102 1 
? 'data collection' ? ? ? ? ? ? ? ? ? ? ? HKL-2000 ? ? ? .        2 
? 'data scaling'    ? ? ? ? ? ? ? ? ? ? ? HKL-2000 ? ? ? .        3 
? 'model building'  ? ? ? ? ? ? ? ? ? ? ? MOLREP   ? ? ? .        4 
# 
_cell.angle_alpha                  90.00 
_cell.angle_alpha_esd              ? 
_cell.angle_beta                   90.00 
_cell.angle_beta_esd               ? 
_cell.angle_gamma                  120.00 
_cell.angle_gamma_esd              ? 
_cell.entry_id                     5B3K 
_cell.details                      ? 
_cell.formula_units_Z              ? 
_cell.length_a                     98.716 
_cell.length_a_esd                 ? 
_cell.length_b                     98.716 
_cell.length_b_esd                 ? 
_cell.length_c                     31.768 
_cell.length_c_esd                 ? 
_cell.volume                       ? 
_cell.volume_esd                   ? 
_cell.Z_PDB                        6 
_cell.reciprocal_angle_alpha       ? 
_cell.reciprocal_angle_beta        ? 
_cell.reciprocal_angle_gamma       ? 
_cell.reciprocal_angle_alpha_esd   ? 
_cell.reciprocal_angle_beta_esd    ? 
_cell.reciprocal_angle_gamma_esd   ? 
_cell.reciprocal_length_a          ? 
_cell.reciprocal_length_b          ? 
_cell.reciprocal_length_c          ? 
_cell.reciprocal_length_a_esd      ? 
_cell.reciprocal_length_b_esd      ? 
_cell.reciprocal_length_c_esd      ? 
_cell.pdbx_unique_axis             ? 
# 
_symmetry.entry_id                         5B3K 
_symmetry.cell_setting                     ? 
_symmetry.Int_Tables_number                169 
_symmetry.space_group_name_Hall            ? 
_symmetry.space_group_name_H-M             'P 61' 
_symmetry.pdbx_full_space_group_name_H-M   ? 
# 
_exptl.absorpt_coefficient_mu     ? 
_exptl.absorpt_correction_T_max   ? 
_exptl.absorpt_correction_T_min   ? 
_exptl.absorpt_correction_type    ? 
_exptl.absorpt_process_details    ? 
_exptl.entry_id                   5B3K 
_exptl.crystals_number            1 
_exptl.details                    ? 
_exptl.method                     'X-RAY DIFFRACTION' 
_exptl.method_details             ? 
# 
_exptl_crystal.colour                      ? 
_exptl_crystal.density_diffrn              ? 
_exptl_crystal.density_Matthews            2.82 
_exptl_crystal.density_method              ? 
_exptl_crystal.density_percent_sol         56.36 
_exptl_crystal.description                 ? 
_exptl_crystal.F_000                       ? 
_exptl_crystal.id                          1 
_exptl_crystal.preparation                 ? 
_exptl_crystal.size_max                    ? 
_exptl_crystal.size_mid                    ? 
_exptl_crystal.size_min                    ? 
_exptl_crystal.size_rad                    ? 
_exptl_crystal.colour_lustre               ? 
_exptl_crystal.colour_modifier             ? 
_exptl_crystal.colour_primary              ? 
_exptl_crystal.density_meas                ? 
_exptl_crystal.density_meas_esd            ? 
_exptl_crystal.density_meas_gt             ? 
_exptl_crystal.density_meas_lt             ? 
_exptl_crystal.density_meas_temp           ? 
_exptl_crystal.density_meas_temp_esd       ? 
_exptl_crystal.density_meas_temp_gt        ? 
_exptl_crystal.density_meas_temp_lt        ? 
_exptl_crystal.pdbx_crystal_image_url      ? 
_exptl_crystal.pdbx_crystal_image_format   ? 
_exptl_crystal.pdbx_mosaicity              ? 
_exptl_crystal.pdbx_mosaicity_esd          ? 
# 
_exptl_crystal_grow.apparatus       ? 
_exptl_crystal_grow.atmosphere      ? 
_exptl_crystal_grow.crystal_id      1 
_exptl_crystal_grow.details         ? 
_exptl_crystal_grow.method          'VAPOR DIFFUSION, HANGING DROP' 
_exptl_crystal_grow.method_ref      ? 
_exptl_crystal_grow.pH              7.6 
_exptl_crystal_grow.pressure        ? 
_exptl_crystal_grow.pressure_esd    ? 
_exptl_crystal_grow.seeding         ? 
_exptl_crystal_grow.seeding_ref     ? 
_exptl_crystal_grow.temp            293 
_exptl_crystal_grow.temp_details    ? 
_exptl_crystal_grow.temp_esd        ? 
_exptl_crystal_grow.time            ? 
_exptl_crystal_grow.pdbx_details    '1.9M Ammonium sulfate, 0.1M HEPES sodium, 2% PEG 400' 
_exptl_crystal_grow.pdbx_pH_range   ? 
# 
_diffrn.ambient_environment    ? 
_diffrn.ambient_temp           95 
_diffrn.ambient_temp_details   ? 
_diffrn.ambient_temp_esd       ? 
_diffrn.crystal_id             1 
_diffrn.crystal_support        ? 
_diffrn.crystal_treatment      ? 
_diffrn.details                ? 
_diffrn.id                     1 
_diffrn.ambient_pressure       ? 
_diffrn.ambient_pressure_esd   ? 
_diffrn.ambient_pressure_gt    ? 
_diffrn.ambient_pressure_lt    ? 
_diffrn.ambient_temp_gt        ? 
_diffrn.ambient_temp_lt        ? 
# 
_diffrn_detector.details                      ? 
_diffrn_detector.detector                     CCD 
_diffrn_detector.diffrn_id                    1 
_diffrn_detector.type                         'ADSC QUANTUM 270' 
_diffrn_detector.area_resol_mean              ? 
_diffrn_detector.dtime                        ? 
_diffrn_detector.pdbx_frames_total            ? 
_diffrn_detector.pdbx_collection_time_total   ? 
_diffrn_detector.pdbx_collection_date         2014-11-30 
# 
_diffrn_radiation.collimation                      ? 
_diffrn_radiation.diffrn_id                        1 
_diffrn_radiation.filter_edge                      ? 
_diffrn_radiation.inhomogeneity                    ? 
_diffrn_radiation.monochromator                    ? 
_diffrn_radiation.polarisn_norm                    ? 
_diffrn_radiation.polarisn_ratio                   ? 
_diffrn_radiation.probe                            ? 
_diffrn_radiation.type                             ? 
_diffrn_radiation.xray_symbol                      ? 
_diffrn_radiation.wavelength_id                    1 
_diffrn_radiation.pdbx_monochromatic_or_laue_m_l   M 
_diffrn_radiation.pdbx_wavelength_list             ? 
_diffrn_radiation.pdbx_wavelength                  ? 
_diffrn_radiation.pdbx_diffrn_protocol             'SINGLE WAVELENGTH' 
_diffrn_radiation.pdbx_analyzer                    ? 
_diffrn_radiation.pdbx_scattering_type             x-ray 
# 
_diffrn_radiation_wavelength.id           1 
_diffrn_radiation_wavelength.wavelength   1.0 
_diffrn_radiation_wavelength.wt           1.0 
# 
_diffrn_source.current                     ? 
_diffrn_source.details                     ? 
_diffrn_source.diffrn_id                   1 
_diffrn_source.power                       ? 
_diffrn_source.size                        ? 
_diffrn_source.source                      SYNCHROTRON 
_diffrn_source.target                      ? 
_diffrn_source.type                        'PHOTON FACTORY BEAMLINE AR-NE3A' 
_diffrn_source.voltage                     ? 
_diffrn_source.take-off_angle              ? 
_diffrn_source.pdbx_wavelength_list        1.0 
_diffrn_source.pdbx_wavelength             ? 
_diffrn_source.pdbx_synchrotron_beamline   AR-NE3A 
_diffrn_source.pdbx_synchrotron_site       'Photon Factory' 
# 
_reflns.B_iso_Wilson_estimate            ? 
_reflns.entry_id                         5B3K 
_reflns.data_reduction_details           ? 
_reflns.data_reduction_method            ? 
_reflns.d_resolution_high                1.7 
_reflns.d_resolution_low                 20 
_reflns.details                          ? 
_reflns.limit_h_max                      ? 
_reflns.limit_h_min                      ? 
_reflns.limit_k_max                      ? 
_reflns.limit_k_min                      ? 
_reflns.limit_l_max                      ? 
_reflns.limit_l_min                      ? 
_reflns.number_all                       ? 
_reflns.number_obs                       19685 
_reflns.observed_criterion               ? 
_reflns.observed_criterion_F_max         ? 
_reflns.observed_criterion_F_min         ? 
_reflns.observed_criterion_I_max         ? 
_reflns.observed_criterion_I_min         ? 
_reflns.observed_criterion_sigma_F       ? 
_reflns.observed_criterion_sigma_I       ? 
_reflns.percent_possible_obs             99.5 
_reflns.R_free_details                   ? 
_reflns.Rmerge_F_all                     ? 
_reflns.Rmerge_F_obs                     ? 
_reflns.Friedel_coverage                 ? 
_reflns.number_gt                        ? 
_reflns.threshold_expression             ? 
_reflns.pdbx_redundancy                  20.2 
_reflns.pdbx_Rmerge_I_obs                ? 
_reflns.pdbx_Rmerge_I_all                ? 
_reflns.pdbx_Rsym_value                  ? 
_reflns.pdbx_netI_over_av_sigmaI         ? 
_reflns.pdbx_netI_over_sigmaI            33.1 
_reflns.pdbx_res_netI_over_av_sigmaI_2   ? 
_reflns.pdbx_res_netI_over_sigmaI_2      ? 
_reflns.pdbx_chi_squared                 ? 
_reflns.pdbx_scaling_rejects             ? 
_reflns.pdbx_d_res_high_opt              ? 
_reflns.pdbx_d_res_low_opt               ? 
_reflns.pdbx_d_res_opt_method            ? 
_reflns.phase_calculation_details        ? 
_reflns.pdbx_Rrim_I_all                  ? 
_reflns.pdbx_Rpim_I_all                  ? 
_reflns.pdbx_d_opt                       ? 
_reflns.pdbx_number_measured_all         ? 
_reflns.pdbx_diffrn_id                   1 
_reflns.pdbx_ordinal                     1 
_reflns.pdbx_CC_half                     ? 
_reflns.pdbx_R_split                     ? 
# 
_reflns_shell.d_res_high                  . 
_reflns_shell.d_res_low                   ? 
_reflns_shell.meanI_over_sigI_all         ? 
_reflns_shell.meanI_over_sigI_obs         ? 
_reflns_shell.number_measured_all         ? 
_reflns_shell.number_measured_obs         ? 
_reflns_shell.number_possible             ? 
_reflns_shell.number_unique_all           ? 
_reflns_shell.number_unique_obs           ? 
_reflns_shell.percent_possible_all        ? 
_reflns_shell.percent_possible_obs        ? 
_reflns_shell.Rmerge_F_all                ? 
_reflns_shell.Rmerge_F_obs                ? 
_reflns_shell.Rmerge_I_all                ? 
_reflns_shell.Rmerge_I_obs                ? 
_reflns_shell.meanI_over_sigI_gt          ? 
_reflns_shell.meanI_over_uI_all           ? 
_reflns_shell.meanI_over_uI_gt            ? 
_reflns_shell.number_measured_gt          ? 
_reflns_shell.number_unique_gt            ? 
_reflns_shell.percent_possible_gt         ? 
_reflns_shell.Rmerge_F_gt                 ? 
_reflns_shell.Rmerge_I_gt                 ? 
_reflns_shell.pdbx_redundancy             ? 
_reflns_shell.pdbx_Rsym_value             ? 
_reflns_shell.pdbx_chi_squared            ? 
_reflns_shell.pdbx_netI_over_sigmaI_all   ? 
_reflns_shell.pdbx_netI_over_sigmaI_obs   ? 
_reflns_shell.pdbx_Rrim_I_all             ? 
_reflns_shell.pdbx_Rpim_I_all             ? 
_reflns_shell.pdbx_rejects                ? 
_reflns_shell.pdbx_ordinal                1 
_reflns_shell.pdbx_diffrn_id              1 
_reflns_shell.pdbx_CC_half                ? 
_reflns_shell.pdbx_R_split                ? 
# 
_refine.aniso_B[1][1]                            -1.07 
_refine.aniso_B[1][2]                            -0.54 
_refine.aniso_B[1][3]                            0.00 
_refine.aniso_B[2][2]                            -1.07 
_refine.aniso_B[2][3]                            0.00 
_refine.aniso_B[3][3]                            1.61 
_refine.B_iso_max                                ? 
_refine.B_iso_mean                               18.399 
_refine.B_iso_min                                ? 
_refine.correlation_coeff_Fo_to_Fc               0.947 
_refine.correlation_coeff_Fo_to_Fc_free          0.931 
_refine.details                                  'HYDROGENS HAVE BEEN ADDED IN THE RIDING POSITIONS' 
_refine.diff_density_max                         ? 
_refine.diff_density_max_esd                     ? 
_refine.diff_density_min                         ? 
_refine.diff_density_min_esd                     ? 
_refine.diff_density_rms                         ? 
_refine.diff_density_rms_esd                     ? 
_refine.entry_id                                 5B3K 
_refine.pdbx_refine_id                           'X-RAY DIFFRACTION' 
_refine.ls_abs_structure_details                 ? 
_refine.ls_abs_structure_Flack                   ? 
_refine.ls_abs_structure_Flack_esd               ? 
_refine.ls_abs_structure_Rogers                  ? 
_refine.ls_abs_structure_Rogers_esd              ? 
_refine.ls_d_res_high                            1.70 
_refine.ls_d_res_low                             20.00 
_refine.ls_extinction_coef                       ? 
_refine.ls_extinction_coef_esd                   ? 
_refine.ls_extinction_expression                 ? 
_refine.ls_extinction_method                     ? 
_refine.ls_goodness_of_fit_all                   ? 
_refine.ls_goodness_of_fit_all_esd               ? 
_refine.ls_goodness_of_fit_obs                   ? 
_refine.ls_goodness_of_fit_obs_esd               ? 
_refine.ls_hydrogen_treatment                    ? 
_refine.ls_matrix_type                           ? 
_refine.ls_number_constraints                    ? 
_refine.ls_number_parameters                     ? 
_refine.ls_number_reflns_all                     ? 
_refine.ls_number_reflns_obs                     18662 
_refine.ls_number_reflns_R_free                  1008 
_refine.ls_number_reflns_R_work                  ? 
_refine.ls_number_restraints                     ? 
_refine.ls_percent_reflns_obs                    99.39 
_refine.ls_percent_reflns_R_free                 5.1 
_refine.ls_R_factor_all                          ? 
_refine.ls_R_factor_obs                          0.19269 
_refine.ls_R_factor_R_free                       0.22015 
_refine.ls_R_factor_R_free_error                 ? 
_refine.ls_R_factor_R_free_error_details         ? 
_refine.ls_R_factor_R_work                       0.19119 
_refine.ls_R_Fsqd_factor_obs                     ? 
_refine.ls_R_I_factor_obs                        ? 
_refine.ls_redundancy_reflns_all                 ? 
_refine.ls_redundancy_reflns_obs                 ? 
_refine.ls_restrained_S_all                      ? 
_refine.ls_restrained_S_obs                      ? 
_refine.ls_shift_over_esd_max                    ? 
_refine.ls_shift_over_esd_mean                   ? 
_refine.ls_structure_factor_coef                 ? 
_refine.ls_weighting_details                     ? 
_refine.ls_weighting_scheme                      ? 
_refine.ls_wR_factor_all                         ? 
_refine.ls_wR_factor_obs                         ? 
_refine.ls_wR_factor_R_free                      ? 
_refine.ls_wR_factor_R_work                      ? 
_refine.occupancy_max                            ? 
_refine.occupancy_min                            ? 
_refine.solvent_model_details                    ? 
_refine.solvent_model_param_bsol                 ? 
_refine.solvent_model_param_ksol                 ? 
_refine.ls_R_factor_gt                           ? 
_refine.ls_goodness_of_fit_gt                    ? 
_refine.ls_goodness_of_fit_ref                   ? 
_refine.ls_shift_over_su_max                     ? 
_refine.ls_shift_over_su_max_lt                  ? 
_refine.ls_shift_over_su_mean                    ? 
_refine.ls_shift_over_su_mean_lt                 ? 
_refine.pdbx_ls_sigma_I                          ? 
_refine.pdbx_ls_sigma_F                          ? 
_refine.pdbx_ls_sigma_Fsqd                       ? 
_refine.pdbx_data_cutoff_high_absF               ? 
_refine.pdbx_data_cutoff_high_rms_absF           ? 
_refine.pdbx_data_cutoff_low_absF                ? 
_refine.pdbx_isotropic_thermal_model             ? 
_refine.pdbx_ls_cross_valid_method               THROUGHOUT 
_refine.pdbx_method_to_determine_struct          'MOLECULAR REPLACEMENT' 
_refine.pdbx_starting_model                      ? 
_refine.pdbx_stereochemistry_target_values       ? 
_refine.pdbx_R_Free_selection_details            RANDOM 
_refine.pdbx_stereochem_target_val_spec_case     ? 
_refine.pdbx_overall_ESU_R                       0.101 
_refine.pdbx_overall_ESU_R_Free                  0.099 
_refine.pdbx_solvent_vdw_probe_radii             1.40 
_refine.pdbx_solvent_ion_probe_radii             0.80 
_refine.pdbx_solvent_shrinkage_radii             0.80 
_refine.pdbx_real_space_R                        ? 
_refine.pdbx_density_correlation                 ? 
_refine.pdbx_pd_number_of_powder_patterns        ? 
_refine.pdbx_pd_number_of_points                 ? 
_refine.pdbx_pd_meas_number_of_points            ? 
_refine.pdbx_pd_proc_ls_prof_R_factor            ? 
_refine.pdbx_pd_proc_ls_prof_wR_factor           ? 
_refine.pdbx_pd_Marquardt_correlation_coeff      ? 
_refine.pdbx_pd_Fsqrd_R_factor                   ? 
_refine.pdbx_pd_ls_matrix_band_width             ? 
_refine.pdbx_overall_phase_error                 ? 
_refine.pdbx_overall_SU_R_free_Cruickshank_DPI   ? 
_refine.pdbx_overall_SU_R_free_Blow_DPI          ? 
_refine.pdbx_overall_SU_R_Blow_DPI               ? 
_refine.pdbx_TLS_residual_ADP_flag               ? 
_refine.pdbx_diffrn_id                           1 
_refine.overall_SU_B                             1.610 
_refine.overall_SU_ML                            0.056 
_refine.overall_SU_R_Cruickshank_DPI             ? 
_refine.overall_SU_R_free                        ? 
_refine.overall_FOM_free_R_set                   ? 
_refine.overall_FOM_work_R_set                   ? 
_refine.pdbx_average_fsc_overall                 ? 
_refine.pdbx_average_fsc_work                    ? 
_refine.pdbx_average_fsc_free                    ? 
# 
_refine_hist.pdbx_refine_id                   'X-RAY DIFFRACTION' 
_refine_hist.cycle_id                         1 
_refine_hist.pdbx_number_atoms_protein        1117 
_refine_hist.pdbx_number_atoms_nucleic_acid   0 
_refine_hist.pdbx_number_atoms_ligand         5 
_refine_hist.number_atoms_solvent             130 
_refine_hist.number_atoms_total               1252 
_refine_hist.d_res_high                       1.70 
_refine_hist.d_res_low                        20.00 
# 
loop_
_refine_ls_restr.pdbx_refine_id 
_refine_ls_restr.criterion 
_refine_ls_restr.dev_ideal 
_refine_ls_restr.dev_ideal_target 
_refine_ls_restr.number 
_refine_ls_restr.rejects 
_refine_ls_restr.type 
_refine_ls_restr.weight 
_refine_ls_restr.pdbx_restraint_function 
'X-RAY DIFFRACTION' ? 0.007  0.022  1145 ? r_bond_refined_d             ? ? 
'X-RAY DIFFRACTION' ? ?      ?      ?    ? r_bond_other_d               ? ? 
'X-RAY DIFFRACTION' ? 1.067  1.993  1559 ? r_angle_refined_deg          ? ? 
'X-RAY DIFFRACTION' ? ?      ?      ?    ? r_angle_other_deg            ? ? 
'X-RAY DIFFRACTION' ? 4.620  5.000  149  ? r_dihedral_angle_1_deg       ? ? 
'X-RAY DIFFRACTION' ? 38.477 24.348 46   ? r_dihedral_angle_2_deg       ? ? 
'X-RAY DIFFRACTION' ? 12.566 15.000 176  ? r_dihedral_angle_3_deg       ? ? 
'X-RAY DIFFRACTION' ? 18.669 15.000 6    ? r_dihedral_angle_4_deg       ? ? 
'X-RAY DIFFRACTION' ? 0.069  0.200  175  ? r_chiral_restr               ? ? 
'X-RAY DIFFRACTION' ? 0.005  0.021  875  ? r_gen_planes_refined         ? ? 
'X-RAY DIFFRACTION' ? ?      ?      ?    ? r_gen_planes_other           ? ? 
'X-RAY DIFFRACTION' ? ?      ?      ?    ? r_nbd_refined                ? ? 
'X-RAY DIFFRACTION' ? ?      ?      ?    ? r_nbd_other                  ? ? 
'X-RAY DIFFRACTION' ? ?      ?      ?    ? r_nbtor_refined              ? ? 
'X-RAY DIFFRACTION' ? ?      ?      ?    ? r_nbtor_other                ? ? 
'X-RAY DIFFRACTION' ? ?      ?      ?    ? r_xyhbond_nbd_refined        ? ? 
'X-RAY DIFFRACTION' ? ?      ?      ?    ? r_xyhbond_nbd_other          ? ? 
'X-RAY DIFFRACTION' ? ?      ?      ?    ? r_metal_ion_refined          ? ? 
'X-RAY DIFFRACTION' ? ?      ?      ?    ? r_metal_ion_other            ? ? 
'X-RAY DIFFRACTION' ? ?      ?      ?    ? r_symmetry_vdw_refined       ? ? 
'X-RAY DIFFRACTION' ? ?      ?      ?    ? r_symmetry_vdw_other         ? ? 
'X-RAY DIFFRACTION' ? ?      ?      ?    ? r_symmetry_hbond_refined     ? ? 
'X-RAY DIFFRACTION' ? ?      ?      ?    ? r_symmetry_hbond_other       ? ? 
'X-RAY DIFFRACTION' ? ?      ?      ?    ? r_symmetry_metal_ion_refined ? ? 
'X-RAY DIFFRACTION' ? ?      ?      ?    ? r_symmetry_metal_ion_other   ? ? 
'X-RAY DIFFRACTION' ? 0.607  1.500  742  ? r_mcbond_it                  ? ? 
'X-RAY DIFFRACTION' ? ?      ?      ?    ? r_mcbond_other               ? ? 
'X-RAY DIFFRACTION' ? 1.258  2.000  1176 ? r_mcangle_it                 ? ? 
'X-RAY DIFFRACTION' ? ?      ?      ?    ? r_mcangle_other              ? ? 
'X-RAY DIFFRACTION' ? 2.146  3.000  403  ? r_scbond_it                  ? ? 
'X-RAY DIFFRACTION' ? ?      ?      ?    ? r_scbond_other               ? ? 
'X-RAY DIFFRACTION' ? 3.795  4.500  383  ? r_scangle_it                 ? ? 
'X-RAY DIFFRACTION' ? ?      ?      ?    ? r_scangle_other              ? ? 
'X-RAY DIFFRACTION' ? ?      ?      ?    ? r_long_range_B_refined       ? ? 
'X-RAY DIFFRACTION' ? ?      ?      ?    ? r_long_range_B_other         ? ? 
'X-RAY DIFFRACTION' ? ?      ?      ?    ? r_rigid_bond_restr           ? ? 
'X-RAY DIFFRACTION' ? ?      ?      ?    ? r_sphericity_free            ? ? 
'X-RAY DIFFRACTION' ? ?      ?      ?    ? r_sphericity_bonded          ? ? 
# 
_refine_ls_shell.pdbx_refine_id                   'X-RAY DIFFRACTION' 
_refine_ls_shell.d_res_high                       1.700 
_refine_ls_shell.d_res_low                        1.744 
_refine_ls_shell.number_reflns_all                ? 
_refine_ls_shell.number_reflns_obs                ? 
_refine_ls_shell.number_reflns_R_free             77 
_refine_ls_shell.number_reflns_R_work             1346 
_refine_ls_shell.percent_reflns_obs               100.00 
_refine_ls_shell.percent_reflns_R_free            ? 
_refine_ls_shell.R_factor_all                     ? 
_refine_ls_shell.R_factor_obs                     ? 
_refine_ls_shell.R_factor_R_free                  0.234 
_refine_ls_shell.R_factor_R_free_error            ? 
_refine_ls_shell.R_factor_R_work                  0.205 
_refine_ls_shell.redundancy_reflns_all            ? 
_refine_ls_shell.redundancy_reflns_obs            ? 
_refine_ls_shell.wR_factor_all                    ? 
_refine_ls_shell.wR_factor_obs                    ? 
_refine_ls_shell.wR_factor_R_free                 ? 
_refine_ls_shell.wR_factor_R_work                 ? 
_refine_ls_shell.pdbx_total_number_of_bins_used   20 
_refine_ls_shell.pdbx_phase_error                 ? 
_refine_ls_shell.pdbx_fsc_work                    ? 
_refine_ls_shell.pdbx_fsc_free                    ? 
# 
_struct.entry_id                     5B3K 
_struct.title                        'C101A mutant of Flavodoxin from Pseudomonas aeruginosa' 
_struct.pdbx_model_details           ? 
_struct.pdbx_formula_weight          ? 
_struct.pdbx_formula_weight_method   ? 
_struct.pdbx_model_type_details      ? 
_struct.pdbx_CASP_flag               ? 
# 
_struct_keywords.entry_id        5B3K 
_struct_keywords.text            'Electron Transport' 
_struct_keywords.pdbx_keywords   'ELECTRON TRANSPORT' 
# 
loop_
_struct_asym.id 
_struct_asym.pdbx_blank_PDB_chainid_flag 
_struct_asym.pdbx_modified 
_struct_asym.entity_id 
_struct_asym.details 
A N N 1 ? 
B N N 2 ? 
C N N 3 ? 
# 
_struct_ref.id                         1 
_struct_ref.db_name                    UNP 
_struct_ref.db_code                    Y3435_PSEAE 
_struct_ref.pdbx_db_accession          Q9HYH1 
_struct_ref.pdbx_db_isoform            ? 
_struct_ref.entity_id                  1 
_struct_ref.pdbx_seq_one_letter_code   
;MKVAILSGSVYGTAEEVARHAQKLLSAAGLEASHLPRASLDELKAFAPEAFLVVTSTTGMGELPDNLQPLYYAIRDQLPA
WHGLPGGVIGLGDSSYGDTFCGGGEQVRELFGELGVREVLPMLRLDASETVTPETDAEPWLAEFAAALKG
;
_struct_ref.pdbx_align_begin           1 
# 
_struct_ref_seq.align_id                      1 
_struct_ref_seq.ref_id                        1 
_struct_ref_seq.pdbx_PDB_id_code              5B3K 
_struct_ref_seq.pdbx_strand_id                A 
_struct_ref_seq.seq_align_beg                 1 
_struct_ref_seq.pdbx_seq_align_beg_ins_code   ? 
_struct_ref_seq.seq_align_end                 150 
_struct_ref_seq.pdbx_seq_align_end_ins_code   ? 
_struct_ref_seq.pdbx_db_accession             Q9HYH1 
_struct_ref_seq.db_align_beg                  1 
_struct_ref_seq.pdbx_db_align_beg_ins_code    ? 
_struct_ref_seq.db_align_end                  150 
_struct_ref_seq.pdbx_db_align_end_ins_code    ? 
_struct_ref_seq.pdbx_auth_seq_align_beg       1 
_struct_ref_seq.pdbx_auth_seq_align_end       150 
# 
_struct_ref_seq_dif.align_id                     1 
_struct_ref_seq_dif.pdbx_pdb_id_code             5B3K 
_struct_ref_seq_dif.mon_id                       ALA 
_struct_ref_seq_dif.pdbx_pdb_strand_id           A 
_struct_ref_seq_dif.seq_num                      101 
_struct_ref_seq_dif.pdbx_pdb_ins_code            ? 
_struct_ref_seq_dif.pdbx_seq_db_name             UNP 
_struct_ref_seq_dif.pdbx_seq_db_accession_code   Q9HYH1 
_struct_ref_seq_dif.db_mon_id                    CYS 
_struct_ref_seq_dif.pdbx_seq_db_seq_num          101 
_struct_ref_seq_dif.details                      'engineered mutation' 
_struct_ref_seq_dif.pdbx_auth_seq_num            101 
_struct_ref_seq_dif.pdbx_ordinal                 1 
# 
_pdbx_struct_assembly.id                   1 
_pdbx_struct_assembly.details              author_and_software_defined_assembly 
_pdbx_struct_assembly.method_details       PISA 
_pdbx_struct_assembly.oligomeric_details   monomeric 
_pdbx_struct_assembly.oligomeric_count     1 
# 
loop_
_pdbx_struct_assembly_prop.biol_id 
_pdbx_struct_assembly_prop.type 
_pdbx_struct_assembly_prop.value 
_pdbx_struct_assembly_prop.details 
1 'ABSA (A^2)' 220  ? 
1 MORE         -19  ? 
1 'SSA (A^2)'  7160 ? 
# 
_pdbx_struct_assembly_gen.assembly_id       1 
_pdbx_struct_assembly_gen.oper_expression   1 
_pdbx_struct_assembly_gen.asym_id_list      A,B,C 
# 
_pdbx_struct_oper_list.id                   1 
_pdbx_struct_oper_list.type                 'identity operation' 
_pdbx_struct_oper_list.name                 1_555 
_pdbx_struct_oper_list.symmetry_operation   x,y,z 
_pdbx_struct_oper_list.matrix[1][1]         1.0000000000 
_pdbx_struct_oper_list.matrix[1][2]         0.0000000000 
_pdbx_struct_oper_list.matrix[1][3]         0.0000000000 
_pdbx_struct_oper_list.vector[1]            0.0000000000 
_pdbx_struct_oper_list.matrix[2][1]         0.0000000000 
_pdbx_struct_oper_list.matrix[2][2]         1.0000000000 
_pdbx_struct_oper_list.matrix[2][3]         0.0000000000 
_pdbx_struct_oper_list.vector[2]            0.0000000000 
_pdbx_struct_oper_list.matrix[3][1]         0.0000000000 
_pdbx_struct_oper_list.matrix[3][2]         0.0000000000 
_pdbx_struct_oper_list.matrix[3][3]         1.0000000000 
_pdbx_struct_oper_list.vector[3]            0.0000000000 
# 
loop_
_struct_conf.conf_type_id 
_struct_conf.id 
_struct_conf.pdbx_PDB_helix_id 
_struct_conf.beg_label_comp_id 
_struct_conf.beg_label_asym_id 
_struct_conf.beg_label_seq_id 
_struct_conf.pdbx_beg_PDB_ins_code 
_struct_conf.end_label_comp_id 
_struct_conf.end_label_asym_id 
_struct_conf.end_label_seq_id 
_struct_conf.pdbx_end_PDB_ins_code 
_struct_conf.beg_auth_comp_id 
_struct_conf.beg_auth_asym_id 
_struct_conf.beg_auth_seq_id 
_struct_conf.end_auth_comp_id 
_struct_conf.end_auth_asym_id 
_struct_conf.end_auth_seq_id 
_struct_conf.pdbx_PDB_helix_class 
_struct_conf.details 
_struct_conf.pdbx_PDB_helix_length 
HELX_P HELX_P1 AA1 GLY A 12  ? ALA A 28  ? GLY A 12  ALA A 28  1 ? 17 
HELX_P HELX_P2 AA2 SER A 39  ? ALA A 47  ? SER A 39  ALA A 47  1 ? 9  
HELX_P HELX_P3 AA3 LEU A 67  ? LEU A 78  ? LEU A 67  LEU A 78  1 ? 12 
HELX_P HELX_P4 AA4 ALA A 101 ? GLY A 115 ? ALA A 101 GLY A 115 1 ? 15 
HELX_P HELX_P5 AA5 THR A 132 ? ALA A 137 ? THR A 132 ALA A 137 1 ? 6  
HELX_P HELX_P6 AA6 ALA A 137 ? LYS A 149 ? ALA A 137 LYS A 149 1 ? 13 
# 
_struct_conf_type.id          HELX_P 
_struct_conf_type.criteria    ? 
_struct_conf_type.reference   ? 
# 
_struct_mon_prot_cis.pdbx_id                1 
_struct_mon_prot_cis.label_comp_id          LYS 
_struct_mon_prot_cis.label_seq_id           149 
_struct_mon_prot_cis.label_asym_id          A 
_struct_mon_prot_cis.label_alt_id           . 
_struct_mon_prot_cis.pdbx_PDB_ins_code      ? 
_struct_mon_prot_cis.auth_comp_id           LYS 
_struct_mon_prot_cis.auth_seq_id            149 
_struct_mon_prot_cis.auth_asym_id           A 
_struct_mon_prot_cis.pdbx_label_comp_id_2   GLY 
_struct_mon_prot_cis.pdbx_label_seq_id_2    150 
_struct_mon_prot_cis.pdbx_label_asym_id_2   A 
_struct_mon_prot_cis.pdbx_PDB_ins_code_2    ? 
_struct_mon_prot_cis.pdbx_auth_comp_id_2    GLY 
_struct_mon_prot_cis.pdbx_auth_seq_id_2     150 
_struct_mon_prot_cis.pdbx_auth_asym_id_2    A 
_struct_mon_prot_cis.pdbx_PDB_model_num     1 
_struct_mon_prot_cis.pdbx_omega_angle       3.80 
# 
loop_
_struct_sheet.id 
_struct_sheet.type 
_struct_sheet.number_strands 
_struct_sheet.details 
AA1 ? 5 ? 
AA2 ? 5 ? 
# 
loop_
_struct_sheet_order.sheet_id 
_struct_sheet_order.range_id_1 
_struct_sheet_order.range_id_2 
_struct_sheet_order.offset 
_struct_sheet_order.sense 
AA1 1 2 ? parallel 
AA1 2 3 ? parallel 
AA1 3 4 ? parallel 
AA1 4 5 ? parallel 
AA2 1 2 ? parallel 
AA2 2 3 ? parallel 
AA2 3 4 ? parallel 
AA2 4 5 ? parallel 
# 
loop_
_struct_sheet_range.sheet_id 
_struct_sheet_range.id 
_struct_sheet_range.beg_label_comp_id 
_struct_sheet_range.beg_label_asym_id 
_struct_sheet_range.beg_label_seq_id 
_struct_sheet_range.pdbx_beg_PDB_ins_code 
_struct_sheet_range.end_label_comp_id 
_struct_sheet_range.end_label_asym_id 
_struct_sheet_range.end_label_seq_id 
_struct_sheet_range.pdbx_end_PDB_ins_code 
_struct_sheet_range.beg_auth_comp_id 
_struct_sheet_range.beg_auth_asym_id 
_struct_sheet_range.beg_auth_seq_id 
_struct_sheet_range.end_auth_comp_id 
_struct_sheet_range.end_auth_asym_id 
_struct_sheet_range.end_auth_seq_id 
AA1 1 GLU A 31  ? HIS A 34  ? GLU A 31  HIS A 34  
AA1 2 LYS A 2   ? GLY A 8   ? LYS A 2   GLY A 8   
AA1 3 ALA A 50  ? SER A 56  ? ALA A 50  SER A 56  
AA1 4 PRO A 85  ? GLY A 92  ? PRO A 85  GLY A 92  
AA1 5 ARG A 117 ? GLU A 118 ? ARG A 117 GLU A 118 
AA2 1 GLU A 31  ? HIS A 34  ? GLU A 31  HIS A 34  
AA2 2 LYS A 2   ? GLY A 8   ? LYS A 2   GLY A 8   
AA2 3 ALA A 50  ? SER A 56  ? ALA A 50  SER A 56  
AA2 4 PRO A 85  ? GLY A 92  ? PRO A 85  GLY A 92  
AA2 5 LEU A 123 ? ASP A 126 ? LEU A 123 ASP A 126 
# 
loop_
_pdbx_struct_sheet_hbond.sheet_id 
_pdbx_struct_sheet_hbond.range_id_1 
_pdbx_struct_sheet_hbond.range_id_2 
_pdbx_struct_sheet_hbond.range_1_label_atom_id 
_pdbx_struct_sheet_hbond.range_1_label_comp_id 
_pdbx_struct_sheet_hbond.range_1_label_asym_id 
_pdbx_struct_sheet_hbond.range_1_label_seq_id 
_pdbx_struct_sheet_hbond.range_1_PDB_ins_code 
_pdbx_struct_sheet_hbond.range_1_auth_atom_id 
_pdbx_struct_sheet_hbond.range_1_auth_comp_id 
_pdbx_struct_sheet_hbond.range_1_auth_asym_id 
_pdbx_struct_sheet_hbond.range_1_auth_seq_id 
_pdbx_struct_sheet_hbond.range_2_label_atom_id 
_pdbx_struct_sheet_hbond.range_2_label_comp_id 
_pdbx_struct_sheet_hbond.range_2_label_asym_id 
_pdbx_struct_sheet_hbond.range_2_label_seq_id 
_pdbx_struct_sheet_hbond.range_2_PDB_ins_code 
_pdbx_struct_sheet_hbond.range_2_auth_atom_id 
_pdbx_struct_sheet_hbond.range_2_auth_comp_id 
_pdbx_struct_sheet_hbond.range_2_auth_asym_id 
_pdbx_struct_sheet_hbond.range_2_auth_seq_id 
AA1 1 2 O SER A 33 ? O SER A 33 N ILE A 5   ? N ILE A 5   
AA1 2 3 N LEU A 6  ? N LEU A 6  O LEU A 52  ? O LEU A 52  
AA1 3 4 N VAL A 53 ? N VAL A 53 O ILE A 89  ? O ILE A 89  
AA1 4 5 N GLY A 86 ? N GLY A 86 O ARG A 117 ? O ARG A 117 
AA2 1 2 O SER A 33 ? O SER A 33 N ILE A 5   ? N ILE A 5   
AA2 2 3 N LEU A 6  ? N LEU A 6  O LEU A 52  ? O LEU A 52  
AA2 3 4 N VAL A 53 ? N VAL A 53 O ILE A 89  ? O ILE A 89  
AA2 4 5 N GLY A 90 ? N GLY A 90 O LEU A 123 ? O LEU A 123 
# 
_struct_site.id                   AC1 
_struct_site.pdbx_evidence_code   Software 
_struct_site.pdbx_auth_asym_id    A 
_struct_site.pdbx_auth_comp_id    SO4 
_struct_site.pdbx_auth_seq_id     201 
_struct_site.pdbx_auth_ins_code   ? 
_struct_site.pdbx_num_residues    8 
_struct_site.details              'binding site for residue SO4 A 201' 
# 
loop_
_struct_site_gen.id 
_struct_site_gen.site_id 
_struct_site_gen.pdbx_num_res 
_struct_site_gen.label_comp_id 
_struct_site_gen.label_asym_id 
_struct_site_gen.label_seq_id 
_struct_site_gen.pdbx_auth_ins_code 
_struct_site_gen.auth_comp_id 
_struct_site_gen.auth_asym_id 
_struct_site_gen.auth_seq_id 
_struct_site_gen.label_atom_id 
_struct_site_gen.label_alt_id 
_struct_site_gen.symmetry 
_struct_site_gen.details 
1 AC1 8 SER A 9  ? SER A 9   . ? 1_555 ? 
2 AC1 8 VAL A 10 ? VAL A 10  . ? 1_555 ? 
3 AC1 8 TYR A 11 ? TYR A 11  . ? 1_555 ? 
4 AC1 8 GLY A 12 ? GLY A 12  . ? 1_555 ? 
5 AC1 8 THR A 13 ? THR A 13  . ? 1_555 ? 
6 AC1 8 ALA A 14 ? ALA A 14  . ? 1_555 ? 
7 AC1 8 SER A 56 ? SER A 56  . ? 1_555 ? 
8 AC1 8 HOH C .  ? HOH A 317 . ? 1_555 ? 
# 
_pdbx_validate_close_contact.id               1 
_pdbx_validate_close_contact.PDB_model_num    1 
_pdbx_validate_close_contact.auth_atom_id_1   NE 
_pdbx_validate_close_contact.auth_asym_id_1   A 
_pdbx_validate_close_contact.auth_comp_id_1   ARG 
_pdbx_validate_close_contact.auth_seq_id_1    37 
_pdbx_validate_close_contact.PDB_ins_code_1   ? 
_pdbx_validate_close_contact.label_alt_id_1   ? 
_pdbx_validate_close_contact.auth_atom_id_2   O 
_pdbx_validate_close_contact.auth_asym_id_2   A 
_pdbx_validate_close_contact.auth_comp_id_2   HOH 
_pdbx_validate_close_contact.auth_seq_id_2    301 
_pdbx_validate_close_contact.PDB_ins_code_2   ? 
_pdbx_validate_close_contact.label_alt_id_2   ? 
_pdbx_validate_close_contact.dist             2.14 
# 
_pdbx_validate_torsion.id              1 
_pdbx_validate_torsion.PDB_model_num   1 
_pdbx_validate_torsion.auth_comp_id    LEU 
_pdbx_validate_torsion.auth_asym_id    A 
_pdbx_validate_torsion.auth_seq_id     78 
_pdbx_validate_torsion.PDB_ins_code    ? 
_pdbx_validate_torsion.label_alt_id    ? 
_pdbx_validate_torsion.phi             46.03 
_pdbx_validate_torsion.psi             71.61 
# 
loop_
_chem_comp_atom.comp_id 
_chem_comp_atom.atom_id 
_chem_comp_atom.type_symbol 
_chem_comp_atom.pdbx_aromatic_flag 
_chem_comp_atom.pdbx_stereo_config 
_chem_comp_atom.pdbx_ordinal 
ALA N    N N N 1   
ALA CA   C N S 2   
ALA C    C N N 3   
ALA O    O N N 4   
ALA CB   C N N 5   
ALA OXT  O N N 6   
ALA H    H N N 7   
ALA H2   H N N 8   
ALA HA   H N N 9   
ALA HB1  H N N 10  
ALA HB2  H N N 11  
ALA HB3  H N N 12  
ALA HXT  H N N 13  
ARG N    N N N 14  
ARG CA   C N S 15  
ARG C    C N N 16  
ARG O    O N N 17  
ARG CB   C N N 18  
ARG CG   C N N 19  
ARG CD   C N N 20  
ARG NE   N N N 21  
ARG CZ   C N N 22  
ARG NH1  N N N 23  
ARG NH2  N N N 24  
ARG OXT  O N N 25  
ARG H    H N N 26  
ARG H2   H N N 27  
ARG HA   H N N 28  
ARG HB2  H N N 29  
ARG HB3  H N N 30  
ARG HG2  H N N 31  
ARG HG3  H N N 32  
ARG HD2  H N N 33  
ARG HD3  H N N 34  
ARG HE   H N N 35  
ARG HH11 H N N 36  
ARG HH12 H N N 37  
ARG HH21 H N N 38  
ARG HH22 H N N 39  
ARG HXT  H N N 40  
ASN N    N N N 41  
ASN CA   C N S 42  
ASN C    C N N 43  
ASN O    O N N 44  
ASN CB   C N N 45  
ASN CG   C N N 46  
ASN OD1  O N N 47  
ASN ND2  N N N 48  
ASN OXT  O N N 49  
ASN H    H N N 50  
ASN H2   H N N 51  
ASN HA   H N N 52  
ASN HB2  H N N 53  
ASN HB3  H N N 54  
ASN HD21 H N N 55  
ASN HD22 H N N 56  
ASN HXT  H N N 57  
ASP N    N N N 58  
ASP CA   C N S 59  
ASP C    C N N 60  
ASP O    O N N 61  
ASP CB   C N N 62  
ASP CG   C N N 63  
ASP OD1  O N N 64  
ASP OD2  O N N 65  
ASP OXT  O N N 66  
ASP H    H N N 67  
ASP H2   H N N 68  
ASP HA   H N N 69  
ASP HB2  H N N 70  
ASP HB3  H N N 71  
ASP HD2  H N N 72  
ASP HXT  H N N 73  
CYS N    N N N 74  
CYS CA   C N R 75  
CYS C    C N N 76  
CYS O    O N N 77  
CYS CB   C N N 78  
CYS SG   S N N 79  
CYS OXT  O N N 80  
CYS H    H N N 81  
CYS H2   H N N 82  
CYS HA   H N N 83  
CYS HB2  H N N 84  
CYS HB3  H N N 85  
CYS HG   H N N 86  
CYS HXT  H N N 87  
GLN N    N N N 88  
GLN CA   C N S 89  
GLN C    C N N 90  
GLN O    O N N 91  
GLN CB   C N N 92  
GLN CG   C N N 93  
GLN CD   C N N 94  
GLN OE1  O N N 95  
GLN NE2  N N N 96  
GLN OXT  O N N 97  
GLN H    H N N 98  
GLN H2   H N N 99  
GLN HA   H N N 100 
GLN HB2  H N N 101 
GLN HB3  H N N 102 
GLN HG2  H N N 103 
GLN HG3  H N N 104 
GLN HE21 H N N 105 
GLN HE22 H N N 106 
GLN HXT  H N N 107 
GLU N    N N N 108 
GLU CA   C N S 109 
GLU C    C N N 110 
GLU O    O N N 111 
GLU CB   C N N 112 
GLU CG   C N N 113 
GLU CD   C N N 114 
GLU OE1  O N N 115 
GLU OE2  O N N 116 
GLU OXT  O N N 117 
GLU H    H N N 118 
GLU H2   H N N 119 
GLU HA   H N N 120 
GLU HB2  H N N 121 
GLU HB3  H N N 122 
GLU HG2  H N N 123 
GLU HG3  H N N 124 
GLU HE2  H N N 125 
GLU HXT  H N N 126 
GLY N    N N N 127 
GLY CA   C N N 128 
GLY C    C N N 129 
GLY O    O N N 130 
GLY OXT  O N N 131 
GLY H    H N N 132 
GLY H2   H N N 133 
GLY HA2  H N N 134 
GLY HA3  H N N 135 
GLY HXT  H N N 136 
HIS N    N N N 137 
HIS CA   C N S 138 
HIS C    C N N 139 
HIS O    O N N 140 
HIS CB   C N N 141 
HIS CG   C Y N 142 
HIS ND1  N Y N 143 
HIS CD2  C Y N 144 
HIS CE1  C Y N 145 
HIS NE2  N Y N 146 
HIS OXT  O N N 147 
HIS H    H N N 148 
HIS H2   H N N 149 
HIS HA   H N N 150 
HIS HB2  H N N 151 
HIS HB3  H N N 152 
HIS HD1  H N N 153 
HIS HD2  H N N 154 
HIS HE1  H N N 155 
HIS HE2  H N N 156 
HIS HXT  H N N 157 
HOH O    O N N 158 
HOH H1   H N N 159 
HOH H2   H N N 160 
ILE N    N N N 161 
ILE CA   C N S 162 
ILE C    C N N 163 
ILE O    O N N 164 
ILE CB   C N S 165 
ILE CG1  C N N 166 
ILE CG2  C N N 167 
ILE CD1  C N N 168 
ILE OXT  O N N 169 
ILE H    H N N 170 
ILE H2   H N N 171 
ILE HA   H N N 172 
ILE HB   H N N 173 
ILE HG12 H N N 174 
ILE HG13 H N N 175 
ILE HG21 H N N 176 
ILE HG22 H N N 177 
ILE HG23 H N N 178 
ILE HD11 H N N 179 
ILE HD12 H N N 180 
ILE HD13 H N N 181 
ILE HXT  H N N 182 
LEU N    N N N 183 
LEU CA   C N S 184 
LEU C    C N N 185 
LEU O    O N N 186 
LEU CB   C N N 187 
LEU CG   C N N 188 
LEU CD1  C N N 189 
LEU CD2  C N N 190 
LEU OXT  O N N 191 
LEU H    H N N 192 
LEU H2   H N N 193 
LEU HA   H N N 194 
LEU HB2  H N N 195 
LEU HB3  H N N 196 
LEU HG   H N N 197 
LEU HD11 H N N 198 
LEU HD12 H N N 199 
LEU HD13 H N N 200 
LEU HD21 H N N 201 
LEU HD22 H N N 202 
LEU HD23 H N N 203 
LEU HXT  H N N 204 
LYS N    N N N 205 
LYS CA   C N S 206 
LYS C    C N N 207 
LYS O    O N N 208 
LYS CB   C N N 209 
LYS CG   C N N 210 
LYS CD   C N N 211 
LYS CE   C N N 212 
LYS NZ   N N N 213 
LYS OXT  O N N 214 
LYS H    H N N 215 
LYS H2   H N N 216 
LYS HA   H N N 217 
LYS HB2  H N N 218 
LYS HB3  H N N 219 
LYS HG2  H N N 220 
LYS HG3  H N N 221 
LYS HD2  H N N 222 
LYS HD3  H N N 223 
LYS HE2  H N N 224 
LYS HE3  H N N 225 
LYS HZ1  H N N 226 
LYS HZ2  H N N 227 
LYS HZ3  H N N 228 
LYS HXT  H N N 229 
MET N    N N N 230 
MET CA   C N S 231 
MET C    C N N 232 
MET O    O N N 233 
MET CB   C N N 234 
MET CG   C N N 235 
MET SD   S N N 236 
MET CE   C N N 237 
MET OXT  O N N 238 
MET H    H N N 239 
MET H2   H N N 240 
MET HA   H N N 241 
MET HB2  H N N 242 
MET HB3  H N N 243 
MET HG2  H N N 244 
MET HG3  H N N 245 
MET HE1  H N N 246 
MET HE2  H N N 247 
MET HE3  H N N 248 
MET HXT  H N N 249 
PHE N    N N N 250 
PHE CA   C N S 251 
PHE C    C N N 252 
PHE O    O N N 253 
PHE CB   C N N 254 
PHE CG   C Y N 255 
PHE CD1  C Y N 256 
PHE CD2  C Y N 257 
PHE CE1  C Y N 258 
PHE CE2  C Y N 259 
PHE CZ   C Y N 260 
PHE OXT  O N N 261 
PHE H    H N N 262 
PHE H2   H N N 263 
PHE HA   H N N 264 
PHE HB2  H N N 265 
PHE HB3  H N N 266 
PHE HD1  H N N 267 
PHE HD2  H N N 268 
PHE HE1  H N N 269 
PHE HE2  H N N 270 
PHE HZ   H N N 271 
PHE HXT  H N N 272 
PRO N    N N N 273 
PRO CA   C N S 274 
PRO C    C N N 275 
PRO O    O N N 276 
PRO CB   C N N 277 
PRO CG   C N N 278 
PRO CD   C N N 279 
PRO OXT  O N N 280 
PRO H    H N N 281 
PRO HA   H N N 282 
PRO HB2  H N N 283 
PRO HB3  H N N 284 
PRO HG2  H N N 285 
PRO HG3  H N N 286 
PRO HD2  H N N 287 
PRO HD3  H N N 288 
PRO HXT  H N N 289 
SER N    N N N 290 
SER CA   C N S 291 
SER C    C N N 292 
SER O    O N N 293 
SER CB   C N N 294 
SER OG   O N N 295 
SER OXT  O N N 296 
SER H    H N N 297 
SER H2   H N N 298 
SER HA   H N N 299 
SER HB2  H N N 300 
SER HB3  H N N 301 
SER HG   H N N 302 
SER HXT  H N N 303 
SO4 S    S N N 304 
SO4 O1   O N N 305 
SO4 O2   O N N 306 
SO4 O3   O N N 307 
SO4 O4   O N N 308 
THR N    N N N 309 
THR CA   C N S 310 
THR C    C N N 311 
THR O    O N N 312 
THR CB   C N R 313 
THR OG1  O N N 314 
THR CG2  C N N 315 
THR OXT  O N N 316 
THR H    H N N 317 
THR H2   H N N 318 
THR HA   H N N 319 
THR HB   H N N 320 
THR HG1  H N N 321 
THR HG21 H N N 322 
THR HG22 H N N 323 
THR HG23 H N N 324 
THR HXT  H N N 325 
TRP N    N N N 326 
TRP CA   C N S 327 
TRP C    C N N 328 
TRP O    O N N 329 
TRP CB   C N N 330 
TRP CG   C Y N 331 
TRP CD1  C Y N 332 
TRP CD2  C Y N 333 
TRP NE1  N Y N 334 
TRP CE2  C Y N 335 
TRP CE3  C Y N 336 
TRP CZ2  C Y N 337 
TRP CZ3  C Y N 338 
TRP CH2  C Y N 339 
TRP OXT  O N N 340 
TRP H    H N N 341 
TRP H2   H N N 342 
TRP HA   H N N 343 
TRP HB2  H N N 344 
TRP HB3  H N N 345 
TRP HD1  H N N 346 
TRP HE1  H N N 347 
TRP HE3  H N N 348 
TRP HZ2  H N N 349 
TRP HZ3  H N N 350 
TRP HH2  H N N 351 
TRP HXT  H N N 352 
TYR N    N N N 353 
TYR CA   C N S 354 
TYR C    C N N 355 
TYR O    O N N 356 
TYR CB   C N N 357 
TYR CG   C Y N 358 
TYR CD1  C Y N 359 
TYR CD2  C Y N 360 
TYR CE1  C Y N 361 
TYR CE2  C Y N 362 
TYR CZ   C Y N 363 
TYR OH   O N N 364 
TYR OXT  O N N 365 
TYR H    H N N 366 
TYR H2   H N N 367 
TYR HA   H N N 368 
TYR HB2  H N N 369 
TYR HB3  H N N 370 
TYR HD1  H N N 371 
TYR HD2  H N N 372 
TYR HE1  H N N 373 
TYR HE2  H N N 374 
TYR HH   H N N 375 
TYR HXT  H N N 376 
VAL N    N N N 377 
VAL CA   C N S 378 
VAL C    C N N 379 
VAL O    O N N 380 
VAL CB   C N N 381 
VAL CG1  C N N 382 
VAL CG2  C N N 383 
VAL OXT  O N N 384 
VAL H    H N N 385 
VAL H2   H N N 386 
VAL HA   H N N 387 
VAL HB   H N N 388 
VAL HG11 H N N 389 
VAL HG12 H N N 390 
VAL HG13 H N N 391 
VAL HG21 H N N 392 
VAL HG22 H N N 393 
VAL HG23 H N N 394 
VAL HXT  H N N 395 
# 
loop_
_chem_comp_bond.comp_id 
_chem_comp_bond.atom_id_1 
_chem_comp_bond.atom_id_2 
_chem_comp_bond.value_order 
_chem_comp_bond.pdbx_aromatic_flag 
_chem_comp_bond.pdbx_stereo_config 
_chem_comp_bond.pdbx_ordinal 
ALA N   CA   sing N N 1   
ALA N   H    sing N N 2   
ALA N   H2   sing N N 3   
ALA CA  C    sing N N 4   
ALA CA  CB   sing N N 5   
ALA CA  HA   sing N N 6   
ALA C   O    doub N N 7   
ALA C   OXT  sing N N 8   
ALA CB  HB1  sing N N 9   
ALA CB  HB2  sing N N 10  
ALA CB  HB3  sing N N 11  
ALA OXT HXT  sing N N 12  
ARG N   CA   sing N N 13  
ARG N   H    sing N N 14  
ARG N   H2   sing N N 15  
ARG CA  C    sing N N 16  
ARG CA  CB   sing N N 17  
ARG CA  HA   sing N N 18  
ARG C   O    doub N N 19  
ARG C   OXT  sing N N 20  
ARG CB  CG   sing N N 21  
ARG CB  HB2  sing N N 22  
ARG CB  HB3  sing N N 23  
ARG CG  CD   sing N N 24  
ARG CG  HG2  sing N N 25  
ARG CG  HG3  sing N N 26  
ARG CD  NE   sing N N 27  
ARG CD  HD2  sing N N 28  
ARG CD  HD3  sing N N 29  
ARG NE  CZ   sing N N 30  
ARG NE  HE   sing N N 31  
ARG CZ  NH1  sing N N 32  
ARG CZ  NH2  doub N N 33  
ARG NH1 HH11 sing N N 34  
ARG NH1 HH12 sing N N 35  
ARG NH2 HH21 sing N N 36  
ARG NH2 HH22 sing N N 37  
ARG OXT HXT  sing N N 38  
ASN N   CA   sing N N 39  
ASN N   H    sing N N 40  
ASN N   H2   sing N N 41  
ASN CA  C    sing N N 42  
ASN CA  CB   sing N N 43  
ASN CA  HA   sing N N 44  
ASN C   O    doub N N 45  
ASN C   OXT  sing N N 46  
ASN CB  CG   sing N N 47  
ASN CB  HB2  sing N N 48  
ASN CB  HB3  sing N N 49  
ASN CG  OD1  doub N N 50  
ASN CG  ND2  sing N N 51  
ASN ND2 HD21 sing N N 52  
ASN ND2 HD22 sing N N 53  
ASN OXT HXT  sing N N 54  
ASP N   CA   sing N N 55  
ASP N   H    sing N N 56  
ASP N   H2   sing N N 57  
ASP CA  C    sing N N 58  
ASP CA  CB   sing N N 59  
ASP CA  HA   sing N N 60  
ASP C   O    doub N N 61  
ASP C   OXT  sing N N 62  
ASP CB  CG   sing N N 63  
ASP CB  HB2  sing N N 64  
ASP CB  HB3  sing N N 65  
ASP CG  OD1  doub N N 66  
ASP CG  OD2  sing N N 67  
ASP OD2 HD2  sing N N 68  
ASP OXT HXT  sing N N 69  
CYS N   CA   sing N N 70  
CYS N   H    sing N N 71  
CYS N   H2   sing N N 72  
CYS CA  C    sing N N 73  
CYS CA  CB   sing N N 74  
CYS CA  HA   sing N N 75  
CYS C   O    doub N N 76  
CYS C   OXT  sing N N 77  
CYS CB  SG   sing N N 78  
CYS CB  HB2  sing N N 79  
CYS CB  HB3  sing N N 80  
CYS SG  HG   sing N N 81  
CYS OXT HXT  sing N N 82  
GLN N   CA   sing N N 83  
GLN N   H    sing N N 84  
GLN N   H2   sing N N 85  
GLN CA  C    sing N N 86  
GLN CA  CB   sing N N 87  
GLN CA  HA   sing N N 88  
GLN C   O    doub N N 89  
GLN C   OXT  sing N N 90  
GLN CB  CG   sing N N 91  
GLN CB  HB2  sing N N 92  
GLN CB  HB3  sing N N 93  
GLN CG  CD   sing N N 94  
GLN CG  HG2  sing N N 95  
GLN CG  HG3  sing N N 96  
GLN CD  OE1  doub N N 97  
GLN CD  NE2  sing N N 98  
GLN NE2 HE21 sing N N 99  
GLN NE2 HE22 sing N N 100 
GLN OXT HXT  sing N N 101 
GLU N   CA   sing N N 102 
GLU N   H    sing N N 103 
GLU N   H2   sing N N 104 
GLU CA  C    sing N N 105 
GLU CA  CB   sing N N 106 
GLU CA  HA   sing N N 107 
GLU C   O    doub N N 108 
GLU C   OXT  sing N N 109 
GLU CB  CG   sing N N 110 
GLU CB  HB2  sing N N 111 
GLU CB  HB3  sing N N 112 
GLU CG  CD   sing N N 113 
GLU CG  HG2  sing N N 114 
GLU CG  HG3  sing N N 115 
GLU CD  OE1  doub N N 116 
GLU CD  OE2  sing N N 117 
GLU OE2 HE2  sing N N 118 
GLU OXT HXT  sing N N 119 
GLY N   CA   sing N N 120 
GLY N   H    sing N N 121 
GLY N   H2   sing N N 122 
GLY CA  C    sing N N 123 
GLY CA  HA2  sing N N 124 
GLY CA  HA3  sing N N 125 
GLY C   O    doub N N 126 
GLY C   OXT  sing N N 127 
GLY OXT HXT  sing N N 128 
HIS N   CA   sing N N 129 
HIS N   H    sing N N 130 
HIS N   H2   sing N N 131 
HIS CA  C    sing N N 132 
HIS CA  CB   sing N N 133 
HIS CA  HA   sing N N 134 
HIS C   O    doub N N 135 
HIS C   OXT  sing N N 136 
HIS CB  CG   sing N N 137 
HIS CB  HB2  sing N N 138 
HIS CB  HB3  sing N N 139 
HIS CG  ND1  sing Y N 140 
HIS CG  CD2  doub Y N 141 
HIS ND1 CE1  doub Y N 142 
HIS ND1 HD1  sing N N 143 
HIS CD2 NE2  sing Y N 144 
HIS CD2 HD2  sing N N 145 
HIS CE1 NE2  sing Y N 146 
HIS CE1 HE1  sing N N 147 
HIS NE2 HE2  sing N N 148 
HIS OXT HXT  sing N N 149 
HOH O   H1   sing N N 150 
HOH O   H2   sing N N 151 
ILE N   CA   sing N N 152 
ILE N   H    sing N N 153 
ILE N   H2   sing N N 154 
ILE CA  C    sing N N 155 
ILE CA  CB   sing N N 156 
ILE CA  HA   sing N N 157 
ILE C   O    doub N N 158 
ILE C   OXT  sing N N 159 
ILE CB  CG1  sing N N 160 
ILE CB  CG2  sing N N 161 
ILE CB  HB   sing N N 162 
ILE CG1 CD1  sing N N 163 
ILE CG1 HG12 sing N N 164 
ILE CG1 HG13 sing N N 165 
ILE CG2 HG21 sing N N 166 
ILE CG2 HG22 sing N N 167 
ILE CG2 HG23 sing N N 168 
ILE CD1 HD11 sing N N 169 
ILE CD1 HD12 sing N N 170 
ILE CD1 HD13 sing N N 171 
ILE OXT HXT  sing N N 172 
LEU N   CA   sing N N 173 
LEU N   H    sing N N 174 
LEU N   H2   sing N N 175 
LEU CA  C    sing N N 176 
LEU CA  CB   sing N N 177 
LEU CA  HA   sing N N 178 
LEU C   O    doub N N 179 
LEU C   OXT  sing N N 180 
LEU CB  CG   sing N N 181 
LEU CB  HB2  sing N N 182 
LEU CB  HB3  sing N N 183 
LEU CG  CD1  sing N N 184 
LEU CG  CD2  sing N N 185 
LEU CG  HG   sing N N 186 
LEU CD1 HD11 sing N N 187 
LEU CD1 HD12 sing N N 188 
LEU CD1 HD13 sing N N 189 
LEU CD2 HD21 sing N N 190 
LEU CD2 HD22 sing N N 191 
LEU CD2 HD23 sing N N 192 
LEU OXT HXT  sing N N 193 
LYS N   CA   sing N N 194 
LYS N   H    sing N N 195 
LYS N   H2   sing N N 196 
LYS CA  C    sing N N 197 
LYS CA  CB   sing N N 198 
LYS CA  HA   sing N N 199 
LYS C   O    doub N N 200 
LYS C   OXT  sing N N 201 
LYS CB  CG   sing N N 202 
LYS CB  HB2  sing N N 203 
LYS CB  HB3  sing N N 204 
LYS CG  CD   sing N N 205 
LYS CG  HG2  sing N N 206 
LYS CG  HG3  sing N N 207 
LYS CD  CE   sing N N 208 
LYS CD  HD2  sing N N 209 
LYS CD  HD3  sing N N 210 
LYS CE  NZ   sing N N 211 
LYS CE  HE2  sing N N 212 
LYS CE  HE3  sing N N 213 
LYS NZ  HZ1  sing N N 214 
LYS NZ  HZ2  sing N N 215 
LYS NZ  HZ3  sing N N 216 
LYS OXT HXT  sing N N 217 
MET N   CA   sing N N 218 
MET N   H    sing N N 219 
MET N   H2   sing N N 220 
MET CA  C    sing N N 221 
MET CA  CB   sing N N 222 
MET CA  HA   sing N N 223 
MET C   O    doub N N 224 
MET C   OXT  sing N N 225 
MET CB  CG   sing N N 226 
MET CB  HB2  sing N N 227 
MET CB  HB3  sing N N 228 
MET CG  SD   sing N N 229 
MET CG  HG2  sing N N 230 
MET CG  HG3  sing N N 231 
MET SD  CE   sing N N 232 
MET CE  HE1  sing N N 233 
MET CE  HE2  sing N N 234 
MET CE  HE3  sing N N 235 
MET OXT HXT  sing N N 236 
PHE N   CA   sing N N 237 
PHE N   H    sing N N 238 
PHE N   H2   sing N N 239 
PHE CA  C    sing N N 240 
PHE CA  CB   sing N N 241 
PHE CA  HA   sing N N 242 
PHE C   O    doub N N 243 
PHE C   OXT  sing N N 244 
PHE CB  CG   sing N N 245 
PHE CB  HB2  sing N N 246 
PHE CB  HB3  sing N N 247 
PHE CG  CD1  doub Y N 248 
PHE CG  CD2  sing Y N 249 
PHE CD1 CE1  sing Y N 250 
PHE CD1 HD1  sing N N 251 
PHE CD2 CE2  doub Y N 252 
PHE CD2 HD2  sing N N 253 
PHE CE1 CZ   doub Y N 254 
PHE CE1 HE1  sing N N 255 
PHE CE2 CZ   sing Y N 256 
PHE CE2 HE2  sing N N 257 
PHE CZ  HZ   sing N N 258 
PHE OXT HXT  sing N N 259 
PRO N   CA   sing N N 260 
PRO N   CD   sing N N 261 
PRO N   H    sing N N 262 
PRO CA  C    sing N N 263 
PRO CA  CB   sing N N 264 
PRO CA  HA   sing N N 265 
PRO C   O    doub N N 266 
PRO C   OXT  sing N N 267 
PRO CB  CG   sing N N 268 
PRO CB  HB2  sing N N 269 
PRO CB  HB3  sing N N 270 
PRO CG  CD   sing N N 271 
PRO CG  HG2  sing N N 272 
PRO CG  HG3  sing N N 273 
PRO CD  HD2  sing N N 274 
PRO CD  HD3  sing N N 275 
PRO OXT HXT  sing N N 276 
SER N   CA   sing N N 277 
SER N   H    sing N N 278 
SER N   H2   sing N N 279 
SER CA  C    sing N N 280 
SER CA  CB   sing N N 281 
SER CA  HA   sing N N 282 
SER C   O    doub N N 283 
SER C   OXT  sing N N 284 
SER CB  OG   sing N N 285 
SER CB  HB2  sing N N 286 
SER CB  HB3  sing N N 287 
SER OG  HG   sing N N 288 
SER OXT HXT  sing N N 289 
SO4 S   O1   doub N N 290 
SO4 S   O2   doub N N 291 
SO4 S   O3   sing N N 292 
SO4 S   O4   sing N N 293 
THR N   CA   sing N N 294 
THR N   H    sing N N 295 
THR N   H2   sing N N 296 
THR CA  C    sing N N 297 
THR CA  CB   sing N N 298 
THR CA  HA   sing N N 299 
THR C   O    doub N N 300 
THR C   OXT  sing N N 301 
THR CB  OG1  sing N N 302 
THR CB  CG2  sing N N 303 
THR CB  HB   sing N N 304 
THR OG1 HG1  sing N N 305 
THR CG2 HG21 sing N N 306 
THR CG2 HG22 sing N N 307 
THR CG2 HG23 sing N N 308 
THR OXT HXT  sing N N 309 
TRP N   CA   sing N N 310 
TRP N   H    sing N N 311 
TRP N   H2   sing N N 312 
TRP CA  C    sing N N 313 
TRP CA  CB   sing N N 314 
TRP CA  HA   sing N N 315 
TRP C   O    doub N N 316 
TRP C   OXT  sing N N 317 
TRP CB  CG   sing N N 318 
TRP CB  HB2  sing N N 319 
TRP CB  HB3  sing N N 320 
TRP CG  CD1  doub Y N 321 
TRP CG  CD2  sing Y N 322 
TRP CD1 NE1  sing Y N 323 
TRP CD1 HD1  sing N N 324 
TRP CD2 CE2  doub Y N 325 
TRP CD2 CE3  sing Y N 326 
TRP NE1 CE2  sing Y N 327 
TRP NE1 HE1  sing N N 328 
TRP CE2 CZ2  sing Y N 329 
TRP CE3 CZ3  doub Y N 330 
TRP CE3 HE3  sing N N 331 
TRP CZ2 CH2  doub Y N 332 
TRP CZ2 HZ2  sing N N 333 
TRP CZ3 CH2  sing Y N 334 
TRP CZ3 HZ3  sing N N 335 
TRP CH2 HH2  sing N N 336 
TRP OXT HXT  sing N N 337 
TYR N   CA   sing N N 338 
TYR N   H    sing N N 339 
TYR N   H2   sing N N 340 
TYR CA  C    sing N N 341 
TYR CA  CB   sing N N 342 
TYR CA  HA   sing N N 343 
TYR C   O    doub N N 344 
TYR C   OXT  sing N N 345 
TYR CB  CG   sing N N 346 
TYR CB  HB2  sing N N 347 
TYR CB  HB3  sing N N 348 
TYR CG  CD1  doub Y N 349 
TYR CG  CD2  sing Y N 350 
TYR CD1 CE1  sing Y N 351 
TYR CD1 HD1  sing N N 352 
TYR CD2 CE2  doub Y N 353 
TYR CD2 HD2  sing N N 354 
TYR CE1 CZ   doub Y N 355 
TYR CE1 HE1  sing N N 356 
TYR CE2 CZ   sing Y N 357 
TYR CE2 HE2  sing N N 358 
TYR CZ  OH   sing N N 359 
TYR OH  HH   sing N N 360 
TYR OXT HXT  sing N N 361 
VAL N   CA   sing N N 362 
VAL N   H    sing N N 363 
VAL N   H2   sing N N 364 
VAL CA  C    sing N N 365 
VAL CA  CB   sing N N 366 
VAL CA  HA   sing N N 367 
VAL C   O    doub N N 368 
VAL C   OXT  sing N N 369 
VAL CB  CG1  sing N N 370 
VAL CB  CG2  sing N N 371 
VAL CB  HB   sing N N 372 
VAL CG1 HG11 sing N N 373 
VAL CG1 HG12 sing N N 374 
VAL CG1 HG13 sing N N 375 
VAL CG2 HG21 sing N N 376 
VAL CG2 HG22 sing N N 377 
VAL CG2 HG23 sing N N 378 
VAL OXT HXT  sing N N 379 
# 
_atom_sites.entry_id                    5B3K 
_atom_sites.fract_transf_matrix[1][1]   0.00985890 
_atom_sites.fract_transf_matrix[1][2]   0.00621346 
_atom_sites.fract_transf_matrix[1][3]   0.00101131 
_atom_sites.fract_transf_matrix[2][1]   -0.00049669 
_atom_sites.fract_transf_matrix[2][2]   0.01133794 
_atom_sites.fract_transf_matrix[2][3]   0.00283271 
_atom_sites.fract_transf_matrix[3][1]   0.00162974 
_atom_sites.fract_transf_matrix[3][2]   -0.00755258 
_atom_sites.fract_transf_matrix[3][3]   0.03051503 
_atom_sites.fract_transf_vector[1]      -0.007719 
_atom_sites.fract_transf_vector[2]      0.371565 
_atom_sites.fract_transf_vector[3]      0.001998 
# 
loop_
_atom_type.symbol 
C 
N 
O 
S 
# 
loop_
_atom_site.group_PDB 
_atom_site.id 
_atom_site.type_symbol 
_atom_site.label_atom_id 
_atom_site.label_alt_id 
_atom_site.label_comp_id 
_atom_site.label_asym_id 
_atom_site.label_entity_id 
_atom_site.label_seq_id 
_atom_site.pdbx_PDB_ins_code 
_atom_site.Cartn_x 
_atom_site.Cartn_y 
_atom_site.Cartn_z 
_atom_site.occupancy 
_atom_site.B_iso_or_equiv 
_atom_site.pdbx_formal_charge 
_atom_site.auth_seq_id 
_atom_site.auth_comp_id 
_atom_site.auth_asym_id 
_atom_site.auth_atom_id 
_atom_site.pdbx_PDB_model_num 
ATOM   1    N N   . MET A 1 1   ? -15.215 -2.939  8.866   1.00 21.72 ? 1   MET A N   1 
ATOM   2    C CA  . MET A 1 1   ? -14.626 -2.968  7.495   1.00 21.06 ? 1   MET A CA  1 
ATOM   3    C C   . MET A 1 1   ? -13.221 -3.569  7.505   1.00 19.87 ? 1   MET A C   1 
ATOM   4    O O   . MET A 1 1   ? -12.319 -3.058  8.177   1.00 20.05 ? 1   MET A O   1 
ATOM   5    C CB  . MET A 1 1   ? -14.578 -1.565  6.906   1.00 21.76 ? 1   MET A CB  1 
ATOM   6    C CG  . MET A 1 1   ? -14.277 -1.546  5.428   1.00 24.61 ? 1   MET A CG  1 
ATOM   7    S SD  . MET A 1 1   ? -13.998 0.121   4.829   1.00 31.38 ? 1   MET A SD  1 
ATOM   8    C CE  . MET A 1 1   ? -14.467 -0.067  3.117   1.00 29.99 ? 1   MET A CE  1 
ATOM   9    N N   . LYS A 1 2   ? -13.045 -4.652  6.751   1.00 18.27 ? 2   LYS A N   1 
ATOM   10   C CA  . LYS A 1 2   ? -11.764 -5.339  6.691   1.00 16.57 ? 2   LYS A CA  1 
ATOM   11   C C   . LYS A 1 2   ? -10.848 -4.649  5.692   1.00 15.56 ? 2   LYS A C   1 
ATOM   12   O O   . LYS A 1 2   ? -11.184 -4.518  4.514   1.00 15.70 ? 2   LYS A O   1 
ATOM   13   C CB  . LYS A 1 2   ? -11.948 -6.808  6.305   1.00 17.10 ? 2   LYS A CB  1 
ATOM   14   C CG  . LYS A 1 2   ? -12.799 -7.595  7.287   1.00 18.89 ? 2   LYS A CG  1 
ATOM   15   C CD  . LYS A 1 2   ? -12.738 -9.093  7.003   1.00 20.35 ? 2   LYS A CD  1 
ATOM   16   C CE  . LYS A 1 2   ? -11.498 -9.723  7.631   1.00 23.34 ? 2   LYS A CE  1 
ATOM   17   N NZ  . LYS A 1 2   ? -11.505 -11.210 7.517   1.00 25.32 ? 2   LYS A NZ  1 
ATOM   18   N N   . VAL A 1 3   ? -9.697  -4.203  6.178   1.00 13.49 ? 3   VAL A N   1 
ATOM   19   C CA  . VAL A 1 3   ? -8.723  -3.509  5.346   1.00 12.37 ? 3   VAL A CA  1 
ATOM   20   C C   . VAL A 1 3   ? -7.464  -4.365  5.256   1.00 11.24 ? 3   VAL A C   1 
ATOM   21   O O   . VAL A 1 3   ? -6.832  -4.651  6.273   1.00 11.22 ? 3   VAL A O   1 
ATOM   22   C CB  . VAL A 1 3   ? -8.359  -2.122  5.940   1.00 12.74 ? 3   VAL A CB  1 
ATOM   23   C CG1 . VAL A 1 3   ? -7.419  -1.369  4.996   1.00 12.59 ? 3   VAL A CG1 1 
ATOM   24   C CG2 . VAL A 1 3   ? -9.614  -1.306  6.210   1.00 12.71 ? 3   VAL A CG2 1 
ATOM   25   N N   . ALA A 1 4   ? -7.103  -4.776  4.044   1.00 10.27 ? 4   ALA A N   1 
ATOM   26   C CA  . ALA A 1 4   ? -5.862  -5.508  3.833   1.00 9.79  ? 4   ALA A CA  1 
ATOM   27   C C   . ALA A 1 4   ? -4.757  -4.504  3.589   1.00 9.80  ? 4   ALA A C   1 
ATOM   28   O O   . ALA A 1 4   ? -4.865  -3.682  2.680   1.00 10.11 ? 4   ALA A O   1 
ATOM   29   C CB  . ALA A 1 4   ? -5.982  -6.435  2.635   1.00 9.79  ? 4   ALA A CB  1 
ATOM   30   N N   . ILE A 1 5   ? -3.717  -4.567  4.413   1.00 9.34  ? 5   ILE A N   1 
ATOM   31   C CA  . ILE A 1 5   ? -2.557  -3.697  4.246   1.00 9.70  ? 5   ILE A CA  1 
ATOM   32   C C   . ILE A 1 5   ? -1.411  -4.533  3.710   1.00 10.46 ? 5   ILE A C   1 
ATOM   33   O O   . ILE A 1 5   ? -0.932  -5.457  4.380   1.00 10.84 ? 5   ILE A O   1 
ATOM   34   C CB  . ILE A 1 5   ? -2.158  -3.008  5.553   1.00 9.44  ? 5   ILE A CB  1 
ATOM   35   C CG1 . ILE A 1 5   ? -3.346  -2.217  6.109   1.00 9.69  ? 5   ILE A CG1 1 
ATOM   36   C CG2 . ILE A 1 5   ? -0.942  -2.084  5.332   1.00 9.76  ? 5   ILE A CG2 1 
ATOM   37   C CD1 . ILE A 1 5   ? -3.143  -1.765  7.546   1.00 11.44 ? 5   ILE A CD1 1 
ATOM   38   N N   . LEU A 1 6   ? -0.987  -4.206  2.490   1.00 10.69 ? 6   LEU A N   1 
ATOM   39   C CA  . LEU A 1 6   ? 0.105   -4.902  1.817   1.00 11.41 ? 6   LEU A CA  1 
ATOM   40   C C   . LEU A 1 6   ? 1.346   -4.033  1.828   1.00 11.66 ? 6   LEU A C   1 
ATOM   41   O O   . LEU A 1 6   ? 1.247   -2.809  1.836   1.00 11.26 ? 6   LEU A O   1 
ATOM   42   C CB  . LEU A 1 6   ? -0.282  -5.218  0.373   1.00 11.75 ? 6   LEU A CB  1 
ATOM   43   C CG  . LEU A 1 6   ? -1.599  -5.979  0.174   1.00 13.24 ? 6   LEU A CG  1 
ATOM   44   C CD1 . LEU A 1 6   ? -1.850  -6.225  -1.304  1.00 14.65 ? 6   LEU A CD1 1 
ATOM   45   C CD2 . LEU A 1 6   ? -1.597  -7.299  0.946   1.00 16.12 ? 6   LEU A CD2 1 
ATOM   46   N N   . SER A 1 7   ? 2.514   -4.663  1.850   1.00 12.05 ? 7   SER A N   1 
ATOM   47   C CA  . SER A 1 7   ? 3.756   -3.897  1.854   1.00 12.32 ? 7   SER A CA  1 
ATOM   48   C C   . SER A 1 7   ? 4.808   -4.465  0.909   1.00 12.69 ? 7   SER A C   1 
ATOM   49   O O   . SER A 1 7   ? 4.882   -5.682  0.694   1.00 12.94 ? 7   SER A O   1 
ATOM   50   C CB  . SER A 1 7   ? 4.298   -3.734  3.284   1.00 13.14 ? 7   SER A CB  1 
ATOM   51   O OG  . SER A 1 7   ? 4.575   -4.983  3.882   1.00 14.40 ? 7   SER A OG  1 
ATOM   52   N N   . GLY A 1 8   ? 5.595   -3.561  0.328   1.00 12.77 ? 8   GLY A N   1 
ATOM   53   C CA  . GLY A 1 8   ? 6.735   -3.916  -0.520  1.00 12.72 ? 8   GLY A CA  1 
ATOM   54   C C   . GLY A 1 8   ? 7.917   -3.152  0.036   1.00 12.96 ? 8   GLY A C   1 
ATOM   55   O O   . GLY A 1 8   ? 7.873   -1.928  0.127   1.00 12.85 ? 8   GLY A O   1 
ATOM   56   N N   . SER A 1 9   ? 8.963   -3.869  0.440   1.00 13.39 ? 9   SER A N   1 
ATOM   57   C CA  . SER A 1 9   ? 10.088  -3.247  1.124   1.00 14.21 ? 9   SER A CA  1 
ATOM   58   C C   . SER A 1 9   ? 11.357  -4.061  0.896   1.00 14.61 ? 9   SER A C   1 
ATOM   59   O O   . SER A 1 9   ? 11.322  -5.279  0.998   1.00 14.80 ? 9   SER A O   1 
ATOM   60   C CB  . SER A 1 9   ? 9.791   -3.189  2.630   1.00 14.45 ? 9   SER A CB  1 
ATOM   61   O OG  . SER A 1 9   ? 10.702  -2.341  3.311   1.00 15.87 ? 9   SER A OG  1 
ATOM   62   N N   . VAL A 1 10  ? 12.468  -3.383  0.599   1.00 14.69 ? 10  VAL A N   1 
ATOM   63   C CA  . VAL A 1 10  ? 13.770  -4.060  0.458   1.00 15.57 ? 10  VAL A CA  1 
ATOM   64   C C   . VAL A 1 10  ? 14.441  -4.262  1.818   1.00 15.98 ? 10  VAL A C   1 
ATOM   65   O O   . VAL A 1 10  ? 14.923  -5.369  2.122   1.00 16.84 ? 10  VAL A O   1 
ATOM   66   C CB  . VAL A 1 10  ? 14.714  -3.290  -0.511  1.00 15.00 ? 10  VAL A CB  1 
ATOM   67   C CG1 . VAL A 1 10  ? 16.049  -4.024  -0.666  1.00 16.17 ? 10  VAL A CG1 1 
ATOM   68   C CG2 . VAL A 1 10  ? 14.053  -3.113  -1.882  1.00 15.94 ? 10  VAL A CG2 1 
ATOM   69   N N   . TYR A 1 11  ? 14.445  -3.213  2.644   1.00 16.09 ? 11  TYR A N   1 
ATOM   70   C CA  . TYR A 1 11  ? 15.136  -3.228  3.946   1.00 16.82 ? 11  TYR A CA  1 
ATOM   71   C C   . TYR A 1 11  ? 14.235  -3.042  5.165   1.00 17.19 ? 11  TYR A C   1 
ATOM   72   O O   . TYR A 1 11  ? 14.715  -3.063  6.301   1.00 18.52 ? 11  TYR A O   1 
ATOM   73   C CB  . TYR A 1 11  ? 16.278  -2.209  3.971   1.00 16.64 ? 11  TYR A CB  1 
ATOM   74   C CG  . TYR A 1 11  ? 17.329  -2.498  2.935   1.00 17.07 ? 11  TYR A CG  1 
ATOM   75   C CD1 . TYR A 1 11  ? 18.087  -3.670  2.995   1.00 19.44 ? 11  TYR A CD1 1 
ATOM   76   C CD2 . TYR A 1 11  ? 17.567  -1.608  1.891   1.00 17.36 ? 11  TYR A CD2 1 
ATOM   77   C CE1 . TYR A 1 11  ? 19.051  -3.946  2.035   1.00 20.29 ? 11  TYR A CE1 1 
ATOM   78   C CE2 . TYR A 1 11  ? 18.523  -1.881  0.922   1.00 19.13 ? 11  TYR A CE2 1 
ATOM   79   C CZ  . TYR A 1 11  ? 19.266  -3.047  1.008   1.00 20.98 ? 11  TYR A CZ  1 
ATOM   80   O OH  . TYR A 1 11  ? 20.219  -3.324  0.053   1.00 22.64 ? 11  TYR A OH  1 
ATOM   81   N N   . GLY A 1 12  ? 12.941  -2.852  4.937   1.00 16.90 ? 12  GLY A N   1 
ATOM   82   C CA  . GLY A 1 12  ? 11.987  -2.819  6.038   1.00 16.75 ? 12  GLY A CA  1 
ATOM   83   C C   . GLY A 1 12  ? 11.281  -1.507  6.310   1.00 16.79 ? 12  GLY A C   1 
ATOM   84   O O   . GLY A 1 12  ? 10.379  -1.463  7.143   1.00 16.67 ? 12  GLY A O   1 
ATOM   85   N N   . THR A 1 13  ? 11.678  -0.438  5.622   1.00 16.39 ? 13  THR A N   1 
ATOM   86   C CA  . THR A 1 13  ? 11.117  0.886   5.898   1.00 16.83 ? 13  THR A CA  1 
ATOM   87   C C   . THR A 1 13  ? 9.618   0.956   5.563   1.00 16.59 ? 13  THR A C   1 
ATOM   88   O O   . THR A 1 13  ? 8.804   1.381   6.397   1.00 16.07 ? 13  THR A O   1 
ATOM   89   C CB  . THR A 1 13  ? 11.889  2.008   5.171   1.00 16.98 ? 13  THR A CB  1 
ATOM   90   O OG1 . THR A 1 13  ? 13.284  1.902   5.470   1.00 18.91 ? 13  THR A OG1 1 
ATOM   91   C CG2 . THR A 1 13  ? 11.400  3.372   5.618   1.00 18.57 ? 13  THR A CG2 1 
ATOM   92   N N   . ALA A 1 14  ? 9.254   0.535   4.354   1.00 16.61 ? 14  ALA A N   1 
ATOM   93   C CA  . ALA A 1 14  ? 7.840   0.506   3.969   1.00 16.56 ? 14  ALA A CA  1 
ATOM   94   C C   . ALA A 1 14  ? 7.040   -0.449  4.851   1.00 16.56 ? 14  ALA A C   1 
ATOM   95   O O   . ALA A 1 14  ? 5.868   -0.201  5.145   1.00 16.19 ? 14  ALA A O   1 
ATOM   96   C CB  . ALA A 1 14  ? 7.682   0.143   2.487   1.00 17.02 ? 14  ALA A CB  1 
ATOM   97   N N   . GLU A 1 15  ? 7.684   -1.532  5.278   1.00 16.43 ? 15  GLU A N   1 
ATOM   98   C CA  . GLU A 1 15  ? 7.048   -2.503  6.159   1.00 16.77 ? 15  GLU A CA  1 
ATOM   99   C C   . GLU A 1 15  ? 6.684   -1.862  7.493   1.00 15.90 ? 15  GLU A C   1 
ATOM   100  O O   . GLU A 1 15  ? 5.610   -2.113  8.040   1.00 15.49 ? 15  GLU A O   1 
ATOM   101  C CB  . GLU A 1 15  ? 7.968   -3.704  6.385   1.00 17.83 ? 15  GLU A CB  1 
ATOM   102  C CG  . GLU A 1 15  ? 7.242   -5.038  6.443   1.00 22.04 ? 15  GLU A CG  1 
ATOM   103  C CD  . GLU A 1 15  ? 7.596   -5.945  5.280   1.00 27.49 ? 15  GLU A CD  1 
ATOM   104  O OE1 . GLU A 1 15  ? 8.312   -6.944  5.501   1.00 29.45 ? 15  GLU A OE1 1 
ATOM   105  O OE2 . GLU A 1 15  ? 7.158   -5.659  4.146   1.00 30.21 ? 15  GLU A OE2 1 
ATOM   106  N N   . GLU A 1 16  ? 7.584   -1.032  8.012   1.00 15.11 ? 16  GLU A N   1 
ATOM   107  C CA  . GLU A 1 16  ? 7.346   -0.340  9.275   1.00 14.68 ? 16  GLU A CA  1 
ATOM   108  C C   . GLU A 1 16  ? 6.237   0.695   9.131   1.00 13.64 ? 16  GLU A C   1 
ATOM   109  O O   . GLU A 1 16  ? 5.441   0.889   10.050  1.00 13.28 ? 16  GLU A O   1 
ATOM   110  C CB  . GLU A 1 16  ? 8.632   0.283   9.822   1.00 16.16 ? 16  GLU A CB  1 
ATOM   111  C CG  . GLU A 1 16  ? 9.584   -0.766  10.436  1.00 20.03 ? 16  GLU A CG  1 
ATOM   112  C CD  . GLU A 1 16  ? 8.870   -1.733  11.390  1.00 26.33 ? 16  GLU A CD  1 
ATOM   113  O OE1 . GLU A 1 16  ? 8.389   -1.284  12.455  1.00 29.25 ? 16  GLU A OE1 1 
ATOM   114  O OE2 . GLU A 1 16  ? 8.776   -2.946  11.071  1.00 29.73 ? 16  GLU A OE2 1 
ATOM   115  N N   . VAL A 1 17  ? 6.173   1.351   7.976   1.00 12.05 ? 17  VAL A N   1 
ATOM   116  C CA  . VAL A 1 17  ? 5.077   2.294   7.728   1.00 11.30 ? 17  VAL A CA  1 
ATOM   117  C C   . VAL A 1 17  ? 3.752   1.537   7.718   1.00 11.04 ? 17  VAL A C   1 
ATOM   118  O O   . VAL A 1 17  ? 2.774   1.983   8.314   1.00 11.30 ? 17  VAL A O   1 
ATOM   119  C CB  . VAL A 1 17  ? 5.284   3.110   6.428   1.00 11.33 ? 17  VAL A CB  1 
ATOM   120  C CG1 . VAL A 1 17  ? 4.048   3.958   6.120   1.00 11.20 ? 17  VAL A CG1 1 
ATOM   121  C CG2 . VAL A 1 17  ? 6.503   4.016   6.573   1.00 11.45 ? 17  VAL A CG2 1 
ATOM   122  N N   . ALA A 1 18  ? 3.742   0.377   7.058   1.00 10.88 ? 18  ALA A N   1 
ATOM   123  C CA  . ALA A 1 18  ? 2.541   -0.452  6.961   1.00 10.41 ? 18  ALA A CA  1 
ATOM   124  C C   . ALA A 1 18  ? 2.094   -0.937  8.342   1.00 10.92 ? 18  ALA A C   1 
ATOM   125  O O   . ALA A 1 18  ? 0.907   -0.966  8.631   1.00 10.64 ? 18  ALA A O   1 
ATOM   126  C CB  . ALA A 1 18  ? 2.794   -1.630  6.032   1.00 10.54 ? 18  ALA A CB  1 
ATOM   127  N N   . ARG A 1 19  ? 3.055   -1.314  9.182   1.00 11.17 ? 19  ARG A N   1 
ATOM   128  C CA  . ARG A 1 19  ? 2.773   -1.756  10.542  1.00 11.96 ? 19  ARG A CA  1 
ATOM   129  C C   . ARG A 1 19  ? 2.142   -0.620  11.360  1.00 11.73 ? 19  ARG A C   1 
ATOM   130  O O   . ARG A 1 19  ? 1.166   -0.830  12.096  1.00 11.97 ? 19  ARG A O   1 
ATOM   131  C CB  . ARG A 1 19  ? 4.071   -2.236  11.188  1.00 13.04 ? 19  ARG A CB  1 
ATOM   132  C CG  . ARG A 1 19  ? 3.936   -2.773  12.586  1.00 16.28 ? 19  ARG A CG  1 
ATOM   133  C CD  . ARG A 1 19  ? 5.308   -3.174  13.106  1.00 22.86 ? 19  ARG A CD  1 
ATOM   134  N NE  . ARG A 1 19  ? 5.295   -3.381  14.550  1.00 26.45 ? 19  ARG A NE  1 
ATOM   135  C CZ  . ARG A 1 19  ? 6.372   -3.631  15.286  1.00 28.77 ? 19  ARG A CZ  1 
ATOM   136  N NH1 . ARG A 1 19  ? 7.573   -3.707  14.721  1.00 29.67 ? 19  ARG A NH1 1 
ATOM   137  N NH2 . ARG A 1 19  ? 6.244   -3.801  16.595  1.00 29.81 ? 19  ARG A NH2 1 
ATOM   138  N N   . HIS A 1 20  ? 2.700   0.574   11.212  1.00 10.94 ? 20  HIS A N   1 
ATOM   139  C CA  . HIS A 1 20  ? 2.158   1.773   11.854  1.00 11.07 ? 20  HIS A CA  1 
ATOM   140  C C   . HIS A 1 20  ? 0.737   2.055   11.358  1.00 10.63 ? 20  HIS A C   1 
ATOM   141  O O   . HIS A 1 20  ? -0.157  2.355   12.156  1.00 10.29 ? 20  HIS A O   1 
ATOM   142  C CB  . HIS A 1 20  ? 3.077   2.974   11.611  1.00 11.54 ? 20  HIS A CB  1 
ATOM   143  C CG  . HIS A 1 20  ? 2.745   4.177   12.444  1.00 13.36 ? 20  HIS A CG  1 
ATOM   144  N ND1 . HIS A 1 20  ? 2.754   4.148   13.824  1.00 15.68 ? 20  HIS A ND1 1 
ATOM   145  C CD2 . HIS A 1 20  ? 2.411   5.444   12.096  1.00 14.27 ? 20  HIS A CD2 1 
ATOM   146  C CE1 . HIS A 1 20  ? 2.432   5.342   14.289  1.00 15.10 ? 20  HIS A CE1 1 
ATOM   147  N NE2 . HIS A 1 20  ? 2.232   6.152   13.264  1.00 16.06 ? 20  HIS A NE2 1 
ATOM   148  N N   . ALA A 1 21  ? 0.526   1.915   10.048  1.00 10.15 ? 21  ALA A N   1 
ATOM   149  C CA  . ALA A 1 21  ? -0.787  2.144   9.453   1.00 10.16 ? 21  ALA A CA  1 
ATOM   150  C C   . ALA A 1 21  ? -1.815  1.187   10.043  1.00 10.20 ? 21  ALA A C   1 
ATOM   151  O O   . ALA A 1 21  ? -2.952  1.582   10.306  1.00 10.90 ? 21  ALA A O   1 
ATOM   152  C CB  . ALA A 1 21  ? -0.738  2.011   7.944   1.00 10.09 ? 21  ALA A CB  1 
ATOM   153  N N   . GLN A 1 22  ? -1.403  -0.057  10.282  1.00 10.00 ? 22  GLN A N   1 
ATOM   154  C CA  . GLN A 1 22  ? -2.302  -1.043  10.876  1.00 10.55 ? 22  GLN A CA  1 
ATOM   155  C C   . GLN A 1 22  ? -2.789  -0.552  12.241  1.00 10.91 ? 22  GLN A C   1 
ATOM   156  O O   . GLN A 1 22  ? -3.986  -0.611  12.543  1.00 11.07 ? 22  GLN A O   1 
ATOM   157  C CB  . GLN A 1 22  ? -1.615  -2.410  10.989  1.00 10.40 ? 22  GLN A CB  1 
ATOM   158  C CG  . GLN A 1 22  ? -2.558  -3.541  11.418  1.00 12.20 ? 22  GLN A CG  1 
ATOM   159  C CD  . GLN A 1 22  ? -2.825  -3.586  12.923  1.00 13.08 ? 22  GLN A CD  1 
ATOM   160  O OE1 . GLN A 1 22  ? -1.981  -3.204  13.744  1.00 14.73 ? 22  GLN A OE1 1 
ATOM   161  N NE2 . GLN A 1 22  ? -4.008  -4.060  13.288  1.00 15.52 ? 22  GLN A NE2 1 
ATOM   162  N N   . LYS A 1 23  ? -1.869  -0.035  13.051  1.00 11.41 ? 23  LYS A N   1 
ATOM   163  C CA  . LYS A 1 23  ? -2.223  0.403   14.399  1.00 12.65 ? 23  LYS A CA  1 
ATOM   164  C C   . LYS A 1 23  ? -3.157  1.606   14.353  1.00 12.61 ? 23  LYS A C   1 
ATOM   165  O O   . LYS A 1 23  ? -4.112  1.675   15.122  1.00 13.20 ? 23  LYS A O   1 
ATOM   166  C CB  . LYS A 1 23  ? -0.970  0.718   15.206  1.00 13.44 ? 23  LYS A CB  1 
ATOM   167  C CG  . LYS A 1 23  ? -0.193  -0.530  15.609  1.00 16.36 ? 23  LYS A CG  1 
ATOM   168  C CD  . LYS A 1 23  ? 1.144   -0.171  16.243  1.00 21.94 ? 23  LYS A CD  1 
ATOM   169  C CE  . LYS A 1 23  ? 1.867   -1.427  16.755  1.00 24.99 ? 23  LYS A CE  1 
ATOM   170  N NZ  . LYS A 1 23  ? 2.238   -2.380  15.674  1.00 28.56 ? 23  LYS A NZ  1 
ATOM   171  N N   . LEU A 1 24  ? -2.899  2.536   13.433  1.00 12.04 ? 24  LEU A N   1 
ATOM   172  C CA  . LEU A 1 24  ? -3.724  3.751   13.346  1.00 11.89 ? 24  LEU A CA  1 
ATOM   173  C C   . LEU A 1 24  ? -5.130  3.442   12.840  1.00 11.56 ? 24  LEU A C   1 
ATOM   174  O O   . LEU A 1 24  ? -6.115  3.971   13.360  1.00 11.07 ? 24  LEU A O   1 
ATOM   175  C CB  . LEU A 1 24  ? -3.069  4.828   12.463  1.00 12.68 ? 24  LEU A CB  1 
ATOM   176  C CG  . LEU A 1 24  ? -1.633  5.293   12.742  1.00 16.12 ? 24  LEU A CG  1 
ATOM   177  C CD1 . LEU A 1 24  ? -1.385  6.655   12.109  1.00 15.45 ? 24  LEU A CD1 1 
ATOM   178  C CD2 . LEU A 1 24  ? -1.244  5.300   14.205  1.00 15.92 ? 24  LEU A CD2 1 
ATOM   179  N N   . LEU A 1 25  ? -5.223  2.586   11.822  1.00 10.66 ? 25  LEU A N   1 
ATOM   180  C CA  . LEU A 1 25  ? -6.521  2.250   11.238  1.00 10.80 ? 25  LEU A CA  1 
ATOM   181  C C   . LEU A 1 25  ? -7.349  1.395   12.188  1.00 10.54 ? 25  LEU A C   1 
ATOM   182  O O   . LEU A 1 25  ? -8.551  1.595   12.300  1.00 10.27 ? 25  LEU A O   1 
ATOM   183  C CB  . LEU A 1 25  ? -6.352  1.583   9.876   1.00 10.80 ? 25  LEU A CB  1 
ATOM   184  C CG  . LEU A 1 25  ? -5.708  2.466   8.799   1.00 12.45 ? 25  LEU A CG  1 
ATOM   185  C CD1 . LEU A 1 25  ? -5.609  1.651   7.511   1.00 13.55 ? 25  LEU A CD1 1 
ATOM   186  C CD2 . LEU A 1 25  ? -6.451  3.789   8.568   1.00 13.28 ? 25  LEU A CD2 1 
ATOM   187  N N   . SER A 1 26  ? -6.696  0.487   12.910  1.00 10.68 ? 26  SER A N   1 
ATOM   188  C CA  . SER A 1 26  ? -7.391  -0.312  13.920  1.00 11.77 ? 26  SER A CA  1 
ATOM   189  C C   . SER A 1 26  ? -7.892  0.559   15.071  1.00 11.91 ? 26  SER A C   1 
ATOM   190  O O   . SER A 1 26  ? -9.006  0.360   15.571  1.00 12.08 ? 26  SER A O   1 
ATOM   191  C CB  . SER A 1 26  ? -6.483  -1.432  14.424  1.00 12.04 ? 26  SER A CB  1 
ATOM   192  O OG  . SER A 1 26  ? -6.298  -2.375  13.375  1.00 17.11 ? 26  SER A OG  1 
ATOM   193  N N   . ALA A 1 27  ? -7.086  1.543   15.459  1.00 11.60 ? 27  ALA A N   1 
ATOM   194  C CA  . ALA A 1 27  ? -7.496  2.507   16.496  1.00 11.72 ? 27  ALA A CA  1 
ATOM   195  C C   . ALA A 1 27  ? -8.778  3.237   16.105  1.00 11.84 ? 27  ALA A C   1 
ATOM   196  O O   . ALA A 1 27  ? -9.636  3.520   16.955  1.00 12.36 ? 27  ALA A O   1 
ATOM   197  C CB  . ALA A 1 27  ? -6.383  3.499   16.777  1.00 12.06 ? 27  ALA A CB  1 
ATOM   198  N N   . ALA A 1 28  ? -8.916  3.521   14.812  1.00 11.83 ? 28  ALA A N   1 
ATOM   199  C CA  . ALA A 1 28  ? -10.074 4.235   14.283  1.00 12.47 ? 28  ALA A CA  1 
ATOM   200  C C   . ALA A 1 28  ? -11.313 3.340   14.174  1.00 13.09 ? 28  ALA A C   1 
ATOM   201  O O   . ALA A 1 28  ? -12.402 3.805   13.805  1.00 14.01 ? 28  ALA A O   1 
ATOM   202  C CB  . ALA A 1 28  ? -9.730  4.832   12.928  1.00 12.64 ? 28  ALA A CB  1 
ATOM   203  N N   . GLY A 1 29  ? -11.132 2.053   14.457  1.00 13.25 ? 29  GLY A N   1 
ATOM   204  C CA  . GLY A 1 29  ? -12.234 1.094   14.491  1.00 13.77 ? 29  GLY A CA  1 
ATOM   205  C C   . GLY A 1 29  ? -12.345 0.200   13.268  1.00 14.56 ? 29  GLY A C   1 
ATOM   206  O O   . GLY A 1 29  ? -13.273 -0.611  13.168  1.00 15.58 ? 29  GLY A O   1 
ATOM   207  N N   . LEU A 1 30  ? -11.421 0.348   12.326  1.00 14.38 ? 30  LEU A N   1 
ATOM   208  C CA  . LEU A 1 30  ? -11.379 -0.541  11.154  1.00 14.35 ? 30  LEU A CA  1 
ATOM   209  C C   . LEU A 1 30  ? -10.769 -1.904  11.499  1.00 14.67 ? 30  LEU A C   1 
ATOM   210  O O   . LEU A 1 30  ? -9.913  -2.005  12.375  1.00 14.83 ? 30  LEU A O   1 
ATOM   211  C CB  . LEU A 1 30  ? -10.599 0.121   10.012  1.00 14.34 ? 30  LEU A CB  1 
ATOM   212  C CG  . LEU A 1 30  ? -11.204 1.405   9.437   1.00 14.79 ? 30  LEU A CG  1 
ATOM   213  C CD1 . LEU A 1 30  ? -10.142 2.232   8.717   1.00 15.69 ? 30  LEU A CD1 1 
ATOM   214  C CD2 . LEU A 1 30  ? -12.375 1.089   8.507   1.00 16.14 ? 30  LEU A CD2 1 
ATOM   215  N N   . GLU A 1 31  ? -11.221 -2.954  10.814  1.00 15.04 ? 31  GLU A N   1 
ATOM   216  C CA  . GLU A 1 31  ? -10.635 -4.284  10.988  1.00 15.83 ? 31  GLU A CA  1 
ATOM   217  C C   . GLU A 1 31  ? -9.431  -4.401  10.056  1.00 15.35 ? 31  GLU A C   1 
ATOM   218  O O   . GLU A 1 31  ? -9.482  -5.082  9.027   1.00 15.20 ? 31  GLU A O   1 
ATOM   219  C CB  . GLU A 1 31  ? -11.648 -5.384  10.672  1.00 16.82 ? 31  GLU A CB  1 
ATOM   220  C CG  . GLU A 1 31  ? -12.960 -5.296  11.408  1.00 21.63 ? 31  GLU A CG  1 
ATOM   221  C CD  . GLU A 1 31  ? -13.966 -6.312  10.882  1.00 26.54 ? 31  GLU A CD  1 
ATOM   222  O OE1 . GLU A 1 31  ? -14.961 -5.899  10.234  1.00 29.11 ? 31  GLU A OE1 1 
ATOM   223  O OE2 . GLU A 1 31  ? -13.740 -7.524  11.096  1.00 29.79 ? 31  GLU A OE2 1 
ATOM   224  N N   . ALA A 1 32  ? -8.353  -3.720  10.419  1.00 14.67 ? 32  ALA A N   1 
ATOM   225  C CA  . ALA A 1 32  ? -7.180  -3.627  9.556   1.00 14.14 ? 32  ALA A CA  1 
ATOM   226  C C   . ALA A 1 32  ? -6.126  -4.663  9.938   1.00 13.95 ? 32  ALA A C   1 
ATOM   227  O O   . ALA A 1 32  ? -5.817  -4.853  11.117  1.00 14.53 ? 32  ALA A O   1 
ATOM   228  C CB  . ALA A 1 32  ? -6.596  -2.221  9.608   1.00 14.48 ? 32  ALA A CB  1 
ATOM   229  N N   . SER A 1 33  ? -5.587  -5.340  8.933   1.00 13.64 ? 33  SER A N   1 
ATOM   230  C CA  . SER A 1 33  ? -4.520  -6.307  9.154   1.00 14.11 ? 33  SER A CA  1 
ATOM   231  C C   . SER A 1 33  ? -3.384  -6.066  8.189   1.00 14.32 ? 33  SER A C   1 
ATOM   232  O O   . SER A 1 33  ? -3.617  -5.871  6.998   1.00 14.23 ? 33  SER A O   1 
ATOM   233  C CB  . SER A 1 33  ? -5.035  -7.734  8.989   1.00 14.49 ? 33  SER A CB  1 
ATOM   234  O OG  . SER A 1 33  ? -5.985  -8.036  10.000  1.00 16.14 ? 33  SER A OG  1 
ATOM   235  N N   . HIS A 1 34  ? -2.166  -6.079  8.721   1.00 14.56 ? 34  HIS A N   1 
ATOM   236  C CA  . HIS A 1 34  ? -0.967  -6.042  7.895   1.00 15.69 ? 34  HIS A CA  1 
ATOM   237  C C   . HIS A 1 34  ? -0.612  -7.471  7.505   1.00 15.72 ? 34  HIS A C   1 
ATOM   238  O O   . HIS A 1 34  ? -0.473  -8.346  8.370   1.00 15.83 ? 34  HIS A O   1 
ATOM   239  C CB  . HIS A 1 34  ? 0.181   -5.367  8.637   1.00 15.87 ? 34  HIS A CB  1 
ATOM   240  C CG  . HIS A 1 34  ? 1.446   -5.279  7.839   1.00 17.08 ? 34  HIS A CG  1 
ATOM   241  N ND1 . HIS A 1 34  ? 2.691   -5.322  8.424   1.00 19.66 ? 34  HIS A ND1 1 
ATOM   242  C CD2 . HIS A 1 34  ? 1.659   -5.178  6.503   1.00 17.93 ? 34  HIS A CD2 1 
ATOM   243  C CE1 . HIS A 1 34  ? 3.617   -5.240  7.487   1.00 20.14 ? 34  HIS A CE1 1 
ATOM   244  N NE2 . HIS A 1 34  ? 3.019   -5.146  6.313   1.00 20.52 ? 34  HIS A NE2 1 
ATOM   245  N N   . LEU A 1 35  ? -0.495  -7.692  6.200   1.00 15.93 ? 35  LEU A N   1 
ATOM   246  C CA  . LEU A 1 35  ? -0.244  -9.013  5.636   1.00 16.84 ? 35  LEU A CA  1 
ATOM   247  C C   . LEU A 1 35  ? 1.075   -8.919  4.869   1.00 17.77 ? 35  LEU A C   1 
ATOM   248  O O   . LEU A 1 35  ? 1.082   -8.716  3.654   1.00 17.21 ? 35  LEU A O   1 
ATOM   249  C CB  . LEU A 1 35  ? -1.415  -9.433  4.737   1.00 16.91 ? 35  LEU A CB  1 
ATOM   250  C CG  . LEU A 1 35  ? -2.801  -9.283  5.384   1.00 17.84 ? 35  LEU A CG  1 
ATOM   251  C CD1 . LEU A 1 35  ? -3.913  -9.417  4.362   1.00 19.39 ? 35  LEU A CD1 1 
ATOM   252  C CD2 . LEU A 1 35  ? -2.991  -10.266 6.545   1.00 18.90 ? 35  LEU A CD2 1 
ATOM   253  N N   . PRO A 1 36  ? 2.208   -9.045  5.584   1.00 18.90 ? 36  PRO A N   1 
ATOM   254  C CA  . PRO A 1 36  ? 3.480   -8.958  4.867   1.00 19.75 ? 36  PRO A CA  1 
ATOM   255  C C   . PRO A 1 36  ? 3.696   -10.301 4.186   1.00 20.66 ? 36  PRO A C   1 
ATOM   256  O O   . PRO A 1 36  ? 3.256   -11.330 4.705   1.00 20.81 ? 36  PRO A O   1 
ATOM   257  C CB  . PRO A 1 36  ? 4.514   -8.724  5.973   1.00 20.10 ? 36  PRO A CB  1 
ATOM   258  C CG  . PRO A 1 36  ? 3.875   -9.218  7.206   1.00 19.78 ? 36  PRO A CG  1 
ATOM   259  C CD  . PRO A 1 36  ? 2.406   -8.932  7.050   1.00 19.29 ? 36  PRO A CD  1 
ATOM   260  N N   . ARG A 1 37  ? 4.334   -10.282 3.016   1.00 21.73 ? 37  ARG A N   1 
ATOM   261  C CA  . ARG A 1 37  ? 4.563   -11.505 2.230   1.00 22.84 ? 37  ARG A CA  1 
ATOM   262  C C   . ARG A 1 37  ? 3.271   -12.317 2.012   1.00 22.79 ? 37  ARG A C   1 
ATOM   263  O O   . ARG A 1 37  ? 3.300   -13.549 1.958   1.00 23.46 ? 37  ARG A O   1 
ATOM   264  C CB  . ARG A 1 37  ? 5.658   -12.369 2.880   1.00 23.38 ? 37  ARG A CB  1 
ATOM   265  C CG  . ARG A 1 37  ? 6.912   -11.597 3.276   1.00 26.02 ? 37  ARG A CG  1 
ATOM   266  C CD  . ARG A 1 37  ? 7.630   -12.251 4.451   1.00 30.59 ? 37  ARG A CD  1 
ATOM   267  N NE  . ARG A 1 37  ? 8.137   -11.242 5.382   1.00 33.75 ? 37  ARG A NE  1 
ATOM   268  C CZ  . ARG A 1 37  ? 7.569   -10.929 6.546   1.00 35.64 ? 37  ARG A CZ  1 
ATOM   269  N NH1 . ARG A 1 37  ? 6.474   -11.563 6.958   1.00 37.51 ? 37  ARG A NH1 1 
ATOM   270  N NH2 . ARG A 1 37  ? 8.107   -9.988  7.311   1.00 36.41 ? 37  ARG A NH2 1 
ATOM   271  N N   . ALA A 1 38  ? 2.145   -11.613 1.886   1.00 22.28 ? 38  ALA A N   1 
ATOM   272  C CA  . ALA A 1 38  ? 0.844   -12.225 1.623   1.00 21.96 ? 38  ALA A CA  1 
ATOM   273  C C   . ALA A 1 38  ? 0.824   -13.002 0.311   1.00 21.51 ? 38  ALA A C   1 
ATOM   274  O O   . ALA A 1 38  ? 1.502   -12.646 -0.652  1.00 21.44 ? 38  ALA A O   1 
ATOM   275  C CB  . ALA A 1 38  ? -0.245  -11.158 1.607   1.00 21.93 ? 38  ALA A CB  1 
ATOM   276  N N   . SER A 1 39  ? 0.032   -14.068 0.291   1.00 21.20 ? 39  SER A N   1 
ATOM   277  C CA  . SER A 1 39  ? -0.252  -14.819 -0.922  1.00 20.87 ? 39  SER A CA  1 
ATOM   278  C C   . SER A 1 39  ? -1.668  -14.493 -1.394  1.00 20.18 ? 39  SER A C   1 
ATOM   279  O O   . SER A 1 39  ? -2.454  -13.910 -0.640  1.00 19.85 ? 39  SER A O   1 
ATOM   280  C CB  . SER A 1 39  ? -0.133  -16.312 -0.633  1.00 20.65 ? 39  SER A CB  1 
ATOM   281  O OG  . SER A 1 39  ? -1.112  -16.725 0.311   1.00 21.51 ? 39  SER A OG  1 
ATOM   282  N N   . LEU A 1 40  ? -2.001  -14.864 -2.633  1.00 19.50 ? 40  LEU A N   1 
ATOM   283  C CA  . LEU A 1 40  ? -3.383  -14.759 -3.101  1.00 19.59 ? 40  LEU A CA  1 
ATOM   284  C C   . LEU A 1 40  ? -4.330  -15.538 -2.196  1.00 19.23 ? 40  LEU A C   1 
ATOM   285  O O   . LEU A 1 40  ? -5.437  -15.084 -1.914  1.00 19.21 ? 40  LEU A O   1 
ATOM   286  C CB  . LEU A 1 40  ? -3.542  -15.269 -4.536  1.00 19.97 ? 40  LEU A CB  1 
ATOM   287  C CG  . LEU A 1 40  ? -3.358  -14.310 -5.706  1.00 20.83 ? 40  LEU A CG  1 
ATOM   288  C CD1 . LEU A 1 40  ? -3.688  -15.055 -6.998  1.00 21.41 ? 40  LEU A CD1 1 
ATOM   289  C CD2 . LEU A 1 40  ? -4.224  -13.070 -5.544  1.00 22.70 ? 40  LEU A CD2 1 
ATOM   290  N N   . ASP A 1 41  ? -3.884  -16.707 -1.736  1.00 18.96 ? 41  ASP A N   1 
ATOM   291  C CA  . ASP A 1 41  ? -4.712  -17.545 -0.867  1.00 18.76 ? 41  ASP A CA  1 
ATOM   292  C C   . ASP A 1 41  ? -5.040  -16.853 0.456   1.00 18.16 ? 41  ASP A C   1 
ATOM   293  O O   . ASP A 1 41  ? -6.166  -16.967 0.964   1.00 18.07 ? 41  ASP A O   1 
ATOM   294  C CB  . ASP A 1 41  ? -4.050  -18.907 -0.613  1.00 19.22 ? 41  ASP A CB  1 
ATOM   295  C CG  . ASP A 1 41  ? -4.191  -19.860 -1.797  1.00 21.80 ? 41  ASP A CG  1 
ATOM   296  O OD1 . ASP A 1 41  ? -3.218  -20.585 -2.093  1.00 24.62 ? 41  ASP A OD1 1 
ATOM   297  O OD2 . ASP A 1 41  ? -5.269  -19.893 -2.424  1.00 23.99 ? 41  ASP A OD2 1 
ATOM   298  N N   . GLU A 1 42  ? -4.064  -16.122 0.995   1.00 17.39 ? 42  GLU A N   1 
ATOM   299  C CA  . GLU A 1 42  ? -4.264  -15.398 2.240   1.00 17.01 ? 42  GLU A CA  1 
ATOM   300  C C   . GLU A 1 42  ? -5.257  -14.259 2.056   1.00 16.15 ? 42  GLU A C   1 
ATOM   301  O O   . GLU A 1 42  ? -6.112  -14.033 2.909   1.00 15.98 ? 42  GLU A O   1 
ATOM   302  C CB  . GLU A 1 42  ? -2.941  -14.868 2.789   1.00 17.43 ? 42  GLU A CB  1 
ATOM   303  C CG  . GLU A 1 42  ? -3.078  -14.280 4.188   1.00 20.58 ? 42  GLU A CG  1 
ATOM   304  C CD  . GLU A 1 42  ? -1.750  -13.903 4.812   1.00 25.10 ? 42  GLU A CD  1 
ATOM   305  O OE1 . GLU A 1 42  ? -0.694  -14.119 4.180   1.00 28.01 ? 42  GLU A OE1 1 
ATOM   306  O OE2 . GLU A 1 42  ? -1.773  -13.394 5.953   1.00 28.23 ? 42  GLU A OE2 1 
ATOM   307  N N   . LEU A 1 43  ? -5.142  -13.535 0.943   1.00 15.65 ? 43  LEU A N   1 
ATOM   308  C CA  . LEU A 1 43  ? -6.084  -12.458 0.653   1.00 15.58 ? 43  LEU A CA  1 
ATOM   309  C C   . LEU A 1 43  ? -7.490  -12.974 0.433   1.00 15.52 ? 43  LEU A C   1 
ATOM   310  O O   . LEU A 1 43  ? -8.458  -12.360 0.883   1.00 15.58 ? 43  LEU A O   1 
ATOM   311  C CB  . LEU A 1 43  ? -5.639  -11.654 -0.565  1.00 15.68 ? 43  LEU A CB  1 
ATOM   312  C CG  . LEU A 1 43  ? -4.513  -10.667 -0.318  1.00 16.96 ? 43  LEU A CG  1 
ATOM   313  C CD1 . LEU A 1 43  ? -4.054  -10.110 -1.651  1.00 16.69 ? 43  LEU A CD1 1 
ATOM   314  C CD2 . LEU A 1 43  ? -4.990  -9.540  0.590   1.00 17.27 ? 43  LEU A CD2 1 
ATOM   315  N N   . LYS A 1 44  ? -7.599  -14.104 -0.266  1.00 15.06 ? 44  LYS A N   1 
ATOM   316  C CA  . LYS A 1 44  ? -8.890  -14.721 -0.520  1.00 14.99 ? 44  LYS A CA  1 
ATOM   317  C C   . LYS A 1 44  ? -9.544  -15.117 0.802   1.00 14.93 ? 44  LYS A C   1 
ATOM   318  O O   . LYS A 1 44  ? -10.744 -14.893 1.000   1.00 14.71 ? 44  LYS A O   1 
ATOM   319  C CB  . LYS A 1 44  ? -8.734  -15.921 -1.463  1.00 14.71 ? 44  LYS A CB  1 
ATOM   320  C CG  . LYS A 1 44  ? -10.032 -16.658 -1.782  1.00 15.40 ? 44  LYS A CG  1 
ATOM   321  C CD  . LYS A 1 44  ? -9.791  -17.689 -2.886  1.00 16.43 ? 44  LYS A CD  1 
ATOM   322  C CE  . LYS A 1 44  ? -11.025 -18.541 -3.126  1.00 17.28 ? 44  LYS A CE  1 
ATOM   323  N NZ  . LYS A 1 44  ? -11.226 -19.536 -2.028  1.00 18.69 ? 44  LYS A NZ  1 
ATOM   324  N N   . ALA A 1 45  ? -8.749  -15.684 1.711   1.00 14.54 ? 45  ALA A N   1 
ATOM   325  C CA  . ALA A 1 45  ? -9.245  -16.065 3.030   1.00 14.77 ? 45  ALA A CA  1 
ATOM   326  C C   . ALA A 1 45  ? -9.694  -14.842 3.834   1.00 14.99 ? 45  ALA A C   1 
ATOM   327  O O   . ALA A 1 45  ? -10.708 -14.888 4.526   1.00 15.51 ? 45  ALA A O   1 
ATOM   328  C CB  . ALA A 1 45  ? -8.189  -16.846 3.780   1.00 14.54 ? 45  ALA A CB  1 
ATOM   329  N N   . PHE A 1 46  ? -8.935  -13.751 3.715   1.00 14.77 ? 46  PHE A N   1 
ATOM   330  C CA  . PHE A 1 46  ? -9.202  -12.509 4.440   1.00 14.74 ? 46  PHE A CA  1 
ATOM   331  C C   . PHE A 1 46  ? -10.462 -11.796 3.957   1.00 14.55 ? 46  PHE A C   1 
ATOM   332  O O   . PHE A 1 46  ? -11.169 -11.173 4.749   1.00 15.08 ? 46  PHE A O   1 
ATOM   333  C CB  . PHE A 1 46  ? -7.989  -11.583 4.307   1.00 14.72 ? 46  PHE A CB  1 
ATOM   334  C CG  . PHE A 1 46  ? -8.048  -10.355 5.167   1.00 14.53 ? 46  PHE A CG  1 
ATOM   335  C CD1 . PHE A 1 46  ? -7.827  -10.433 6.536   1.00 17.01 ? 46  PHE A CD1 1 
ATOM   336  C CD2 . PHE A 1 46  ? -8.282  -9.110  4.602   1.00 15.28 ? 46  PHE A CD2 1 
ATOM   337  C CE1 . PHE A 1 46  ? -7.861  -9.295  7.335   1.00 18.21 ? 46  PHE A CE1 1 
ATOM   338  C CE2 . PHE A 1 46  ? -8.317  -7.965  5.392   1.00 16.01 ? 46  PHE A CE2 1 
ATOM   339  C CZ  . PHE A 1 46  ? -8.107  -8.056  6.758   1.00 16.75 ? 46  PHE A CZ  1 
ATOM   340  N N   . ALA A 1 47  ? -10.727 -11.888 2.655   1.00 14.26 ? 47  ALA A N   1 
ATOM   341  C CA  . ALA A 1 47  ? -11.872 -11.232 2.015   1.00 14.27 ? 47  ALA A CA  1 
ATOM   342  C C   . ALA A 1 47  ? -11.914 -9.723  2.249   1.00 14.15 ? 47  ALA A C   1 
ATOM   343  O O   . ALA A 1 47  ? -12.895 -9.189  2.762   1.00 13.93 ? 47  ALA A O   1 
ATOM   344  C CB  . ALA A 1 47  ? -13.193 -11.893 2.426   1.00 14.99 ? 47  ALA A CB  1 
ATOM   345  N N   . PRO A 1 48  ? -10.836 -9.030  1.860   1.00 14.13 ? 48  PRO A N   1 
ATOM   346  C CA  . PRO A 1 48  ? -10.731 -7.598  2.107   1.00 14.24 ? 48  PRO A CA  1 
ATOM   347  C C   . PRO A 1 48  ? -11.897 -6.770  1.559   1.00 13.90 ? 48  PRO A C   1 
ATOM   348  O O   . PRO A 1 48  ? -12.450 -7.086  0.492   1.00 13.95 ? 48  PRO A O   1 
ATOM   349  C CB  . PRO A 1 48  ? -9.420  -7.224  1.403   1.00 14.38 ? 48  PRO A CB  1 
ATOM   350  C CG  . PRO A 1 48  ? -9.271  -8.224  0.320   1.00 15.08 ? 48  PRO A CG  1 
ATOM   351  C CD  . PRO A 1 48  ? -9.838  -9.496  0.878   1.00 14.41 ? 48  PRO A CD  1 
ATOM   352  N N   . GLU A 1 49  ? -12.270 -5.732  2.298   1.00 13.42 ? 49  GLU A N   1 
ATOM   353  C CA  . GLU A 1 49  ? -13.265 -4.760  1.838   1.00 13.89 ? 49  GLU A CA  1 
ATOM   354  C C   . GLU A 1 49  ? -12.620 -3.421  1.461   1.00 13.27 ? 49  GLU A C   1 
ATOM   355  O O   . GLU A 1 49  ? -13.304 -2.494  1.028   1.00 13.57 ? 49  GLU A O   1 
ATOM   356  C CB  . GLU A 1 49  ? -14.326 -4.568  2.917   1.00 14.40 ? 49  GLU A CB  1 
ATOM   357  C CG  . GLU A 1 49  ? -15.090 -5.845  3.203   1.00 17.23 ? 49  GLU A CG  1 
ATOM   358  C CD  . GLU A 1 49  ? -16.001 -5.714  4.404   1.00 22.02 ? 49  GLU A CD  1 
ATOM   359  O OE1 . GLU A 1 49  ? -15.487 -5.588  5.536   1.00 22.91 ? 49  GLU A OE1 1 
ATOM   360  O OE2 . GLU A 1 49  ? -17.234 -5.748  4.207   1.00 26.62 ? 49  GLU A OE2 1 
ATOM   361  N N   . ALA A 1 50  ? -11.300 -3.341  1.627   1.00 12.27 ? 50  ALA A N   1 
ATOM   362  C CA  . ALA A 1 50  ? -10.520 -2.150  1.275   1.00 11.63 ? 50  ALA A CA  1 
ATOM   363  C C   . ALA A 1 50  ? -9.057  -2.552  1.215   1.00 10.74 ? 50  ALA A C   1 
ATOM   364  O O   . ALA A 1 50  ? -8.665  -3.562  1.803   1.00 10.50 ? 50  ALA A O   1 
ATOM   365  C CB  . ALA A 1 50  ? -10.700 -1.054  2.315   1.00 11.97 ? 50  ALA A CB  1 
ATOM   366  N N   . PHE A 1 51  ? -8.255  -1.784  0.499   1.00 10.51 ? 51  PHE A N   1 
ATOM   367  C CA  . PHE A 1 51  ? -6.846  -2.044  0.376   1.00 10.25 ? 51  PHE A CA  1 
ATOM   368  C C   . PHE A 1 51  ? -5.994  -0.816  0.736   1.00 9.57  ? 51  PHE A C   1 
ATOM   369  O O   . PHE A 1 51  ? -6.301  0.234   0.372   1.00 9.99  ? 51  PHE A O   1 
ATOM   370  C CB  . PHE A 1 51  ? -6.486  -2.410  -1.060  1.00 10.82 ? 51  PHE A CB  1 
ATOM   371  C CG  . PHE A 1 51  ? -7.020  -3.718  -1.496  1.00 13.23 ? 51  PHE A CG  1 
ATOM   372  C CD1 . PHE A 1 51  ? -6.366  -4.873  -1.189  1.00 16.61 ? 51  PHE A CD1 1 
ATOM   373  C CD2 . PHE A 1 51  ? -8.212  -3.798  -2.145  1.00 15.81 ? 51  PHE A CD2 1 
ATOM   374  C CE1 . PHE A 1 51  ? -6.902  -6.117  -1.597  1.00 17.59 ? 51  PHE A CE1 1 
ATOM   375  C CE2 . PHE A 1 51  ? -8.708  -5.053  -2.512  1.00 16.95 ? 51  PHE A CE2 1 
ATOM   376  C CZ  . PHE A 1 51  ? -8.012  -6.152  -2.240  1.00 16.21 ? 51  PHE A CZ  1 
ATOM   377  N N   . LEU A 1 52  ? -4.890  -1.070  1.400   1.00 8.84  ? 52  LEU A N   1 
ATOM   378  C CA  . LEU A 1 52  ? -3.832  -0.069  1.531   1.00 8.14  ? 52  LEU A CA  1 
ATOM   379  C C   . LEU A 1 52  ? -2.531  -0.744  1.132   1.00 8.05  ? 52  LEU A C   1 
ATOM   380  O O   . LEU A 1 52  ? -2.202  -1.796  1.661   1.00 8.70  ? 52  LEU A O   1 
ATOM   381  C CB  . LEU A 1 52  ? -3.751  0.452   2.964   1.00 7.97  ? 52  LEU A CB  1 
ATOM   382  C CG  . LEU A 1 52  ? -2.541  1.348   3.252   1.00 7.74  ? 52  LEU A CG  1 
ATOM   383  C CD1 . LEU A 1 52  ? -2.616  2.606   2.392   1.00 9.10  ? 52  LEU A CD1 1 
ATOM   384  C CD2 . LEU A 1 52  ? -2.484  1.733   4.723   1.00 9.43  ? 52  LEU A CD2 1 
ATOM   385  N N   . VAL A 1 53  ? -1.809  -0.171  0.166   1.00 7.76  ? 53  VAL A N   1 
ATOM   386  C CA  . VAL A 1 53  ? -0.530  -0.756  -0.252  1.00 8.56  ? 53  VAL A CA  1 
ATOM   387  C C   . VAL A 1 53  ? 0.550   0.265   0.035   1.00 8.16  ? 53  VAL A C   1 
ATOM   388  O O   . VAL A 1 53  ? 0.426   1.425   -0.359  1.00 8.66  ? 53  VAL A O   1 
ATOM   389  C CB  . VAL A 1 53  ? -0.522  -1.133  -1.737  1.00 8.65  ? 53  VAL A CB  1 
ATOM   390  C CG1 . VAL A 1 53  ? 0.797   -1.813  -2.122  1.00 9.41  ? 53  VAL A CG1 1 
ATOM   391  C CG2 . VAL A 1 53  ? -1.698  -2.051  -2.060  1.00 10.30 ? 53  VAL A CG2 1 
ATOM   392  N N   . VAL A 1 54  ? 1.581   -0.160  0.760   1.00 8.31  ? 54  VAL A N   1 
ATOM   393  C CA  . VAL A 1 54  ? 2.690   0.728   1.107   1.00 8.73  ? 54  VAL A CA  1 
ATOM   394  C C   . VAL A 1 54  ? 3.928   0.131   0.471   1.00 9.22  ? 54  VAL A C   1 
ATOM   395  O O   . VAL A 1 54  ? 4.315   -0.981  0.817   1.00 9.61  ? 54  VAL A O   1 
ATOM   396  C CB  . VAL A 1 54  ? 2.883   0.801   2.631   1.00 8.86  ? 54  VAL A CB  1 
ATOM   397  C CG1 . VAL A 1 54  ? 4.031   1.747   2.972   1.00 8.94  ? 54  VAL A CG1 1 
ATOM   398  C CG2 . VAL A 1 54  ? 1.588   1.244   3.319   1.00 10.10 ? 54  VAL A CG2 1 
ATOM   399  N N   . THR A 1 55  ? 4.546   0.818   -0.479  1.00 9.14  ? 55  THR A N   1 
ATOM   400  C CA  . THR A 1 55  ? 5.655   0.185   -1.182  1.00 9.77  ? 55  THR A CA  1 
ATOM   401  C C   . THR A 1 55  ? 6.750   1.126   -1.656  1.00 9.71  ? 55  THR A C   1 
ATOM   402  O O   . THR A 1 55  ? 6.480   2.181   -2.230  1.00 9.71  ? 55  THR A O   1 
ATOM   403  C CB  . THR A 1 55  ? 5.154   -0.631  -2.391  1.00 9.55  ? 55  THR A CB  1 
ATOM   404  O OG1 . THR A 1 55  ? 6.236   -1.397  -2.936  1.00 10.94 ? 55  THR A OG1 1 
ATOM   405  C CG2 . THR A 1 55  ? 4.600   0.292   -3.466  1.00 9.53  ? 55  THR A CG2 1 
ATOM   406  N N   . SER A 1 56  ? 7.994   0.719   -1.423  1.00 10.66 ? 56  SER A N   1 
ATOM   407  C CA  . SER A 1 56  ? 9.137   1.406   -2.010  1.00 11.68 ? 56  SER A CA  1 
ATOM   408  C C   . SER A 1 56  ? 9.333   0.958   -3.465  1.00 11.88 ? 56  SER A C   1 
ATOM   409  O O   . SER A 1 56  ? 8.521   0.207   -4.018  1.00 11.69 ? 56  SER A O   1 
ATOM   410  C CB  . SER A 1 56  ? 10.388  1.133   -1.176  1.00 12.38 ? 56  SER A CB  1 
ATOM   411  O OG  . SER A 1 56  ? 10.642  -0.258  -1.107  1.00 15.46 ? 56  SER A OG  1 
ATOM   412  N N   . THR A 1 57  ? 10.407  1.442   -4.083  1.00 12.30 ? 57  THR A N   1 
ATOM   413  C CA  . THR A 1 57  ? 10.800  1.036   -5.429  1.00 13.17 ? 57  THR A CA  1 
ATOM   414  C C   . THR A 1 57  ? 12.223  0.505   -5.302  1.00 13.55 ? 57  THR A C   1 
ATOM   415  O O   . THR A 1 57  ? 13.015  1.043   -4.536  1.00 14.01 ? 57  THR A O   1 
ATOM   416  C CB  . THR A 1 57  ? 10.793  2.233   -6.405  1.00 13.62 ? 57  THR A CB  1 
ATOM   417  O OG1 . THR A 1 57  ? 9.594   3.006   -6.237  1.00 13.89 ? 57  THR A OG1 1 
ATOM   418  C CG2 . THR A 1 57  ? 10.879  1.769   -7.857  1.00 13.99 ? 57  THR A CG2 1 
ATOM   419  N N   . THR A 1 58  ? 12.544  -0.564  -6.022  1.00 13.89 ? 58  THR A N   1 
ATOM   420  C CA  . THR A 1 58  ? 13.924  -1.065  -6.000  1.00 14.41 ? 58  THR A CA  1 
ATOM   421  C C   . THR A 1 58  ? 14.847  -0.159  -6.815  1.00 15.10 ? 58  THR A C   1 
ATOM   422  O O   . THR A 1 58  ? 14.392  0.732   -7.537  1.00 15.35 ? 58  THR A O   1 
ATOM   423  C CB  . THR A 1 58  ? 14.045  -2.502  -6.550  1.00 14.19 ? 58  THR A CB  1 
ATOM   424  O OG1 . THR A 1 58  ? 13.780  -2.497  -7.958  1.00 15.38 ? 58  THR A OG1 1 
ATOM   425  C CG2 . THR A 1 58  ? 13.094  -3.448  -5.826  1.00 14.12 ? 58  THR A CG2 1 
ATOM   426  N N   . GLY A 1 59  ? 16.148  -0.406  -6.701  1.00 16.47 ? 59  GLY A N   1 
ATOM   427  C CA  . GLY A 1 59  ? 17.136  0.301   -7.512  1.00 17.56 ? 59  GLY A CA  1 
ATOM   428  C C   . GLY A 1 59  ? 16.956  0.099   -9.005  1.00 18.29 ? 59  GLY A C   1 
ATOM   429  O O   . GLY A 1 59  ? 17.430  0.908   -9.806  1.00 18.27 ? 59  GLY A O   1 
ATOM   430  N N   . MET A 1 60  ? 16.262  -0.978  -9.383  1.00 19.07 ? 60  MET A N   1 
ATOM   431  C CA  . MET A 1 60  ? 15.980  -1.281  -10.793 1.00 19.92 ? 60  MET A CA  1 
ATOM   432  C C   . MET A 1 60  ? 14.637  -0.719  -11.280 1.00 19.73 ? 60  MET A C   1 
ATOM   433  O O   . MET A 1 60  ? 14.224  -0.955  -12.419 1.00 19.96 ? 60  MET A O   1 
ATOM   434  C CB  . MET A 1 60  ? 16.055  -2.796  -11.050 1.00 20.33 ? 60  MET A CB  1 
ATOM   435  C CG  . MET A 1 60  ? 17.444  -3.403  -10.868 1.00 23.24 ? 60  MET A CG  1 
ATOM   436  S SD  . MET A 1 60  ? 18.630  -2.888  -12.130 1.00 29.85 ? 60  MET A SD  1 
ATOM   437  C CE  . MET A 1 60  ? 18.008  -3.738  -13.583 1.00 29.09 ? 60  MET A CE  1 
ATOM   438  N N   . GLY A 1 61  ? 13.953  0.018   -10.411 1.00 19.65 ? 61  GLY A N   1 
ATOM   439  C CA  . GLY A 1 61  ? 12.687  0.636   -10.772 1.00 19.39 ? 61  GLY A CA  1 
ATOM   440  C C   . GLY A 1 61  ? 11.490  -0.295  -10.673 1.00 19.21 ? 61  GLY A C   1 
ATOM   441  O O   . GLY A 1 61  ? 10.432  0.007   -11.215 1.00 20.18 ? 61  GLY A O   1 
ATOM   442  N N   . GLU A 1 62  ? 11.644  -1.412  -9.961  1.00 18.62 ? 62  GLU A N   1 
ATOM   443  C CA  . GLU A 1 62  ? 10.574  -2.411  -9.852  1.00 18.44 ? 62  GLU A CA  1 
ATOM   444  C C   . GLU A 1 62  ? 9.979   -2.451  -8.450  1.00 17.02 ? 62  GLU A C   1 
ATOM   445  O O   . GLU A 1 62  ? 10.492  -1.826  -7.525  1.00 16.63 ? 62  GLU A O   1 
ATOM   446  C CB  . GLU A 1 62  ? 11.092  -3.811  -10.205 1.00 19.08 ? 62  GLU A CB  1 
ATOM   447  C CG  . GLU A 1 62  ? 11.735  -3.947  -11.585 1.00 22.55 ? 62  GLU A CG  1 
ATOM   448  C CD  . GLU A 1 62  ? 12.363  -5.321  -11.786 1.00 27.85 ? 62  GLU A CD  1 
ATOM   449  O OE1 . GLU A 1 62  ? 13.609  -5.426  -11.755 1.00 30.61 ? 62  GLU A OE1 1 
ATOM   450  O OE2 . GLU A 1 62  ? 11.612  -6.308  -11.954 1.00 31.65 ? 62  GLU A OE2 1 
ATOM   451  N N   . LEU A 1 63  ? 8.895   -3.202  -8.291  1.00 16.19 ? 63  LEU A N   1 
ATOM   452  C CA  . LEU A 1 63  ? 8.398   -3.506  -6.955  1.00 15.44 ? 63  LEU A CA  1 
ATOM   453  C C   . LEU A 1 63  ? 9.378   -4.430  -6.231  1.00 15.05 ? 63  LEU A C   1 
ATOM   454  O O   . LEU A 1 63  ? 9.995   -5.287  -6.866  1.00 15.47 ? 63  LEU A O   1 
ATOM   455  C CB  . LEU A 1 63  ? 7.018   -4.156  -7.036  1.00 15.71 ? 63  LEU A CB  1 
ATOM   456  C CG  . LEU A 1 63  ? 5.900   -3.182  -7.405  1.00 15.97 ? 63  LEU A CG  1 
ATOM   457  C CD1 . LEU A 1 63  ? 4.666   -3.958  -7.757  1.00 18.59 ? 63  LEU A CD1 1 
ATOM   458  C CD2 . LEU A 1 63  ? 5.616   -2.220  -6.258  1.00 16.38 ? 63  LEU A CD2 1 
ATOM   459  N N   . PRO A 1 64  ? 9.543   -4.241  -4.909  1.00 14.99 ? 64  PRO A N   1 
ATOM   460  C CA  . PRO A 1 64  ? 10.419  -5.097  -4.104  1.00 15.14 ? 64  PRO A CA  1 
ATOM   461  C C   . PRO A 1 64  ? 10.048  -6.574  -4.205  1.00 16.14 ? 64  PRO A C   1 
ATOM   462  O O   . PRO A 1 64  ? 8.892   -6.908  -4.478  1.00 15.61 ? 64  PRO A O   1 
ATOM   463  C CB  . PRO A 1 64  ? 10.204  -4.579  -2.681  1.00 15.03 ? 64  PRO A CB  1 
ATOM   464  C CG  . PRO A 1 64  ? 9.873   -3.126  -2.883  1.00 15.07 ? 64  PRO A CG  1 
ATOM   465  C CD  . PRO A 1 64  ? 9.047   -3.085  -4.138  1.00 14.58 ? 64  PRO A CD  1 
ATOM   466  N N   . ASP A 1 65  ? 11.036  -7.437  -3.982  1.00 16.95 ? 65  ASP A N   1 
ATOM   467  C CA  . ASP A 1 65  ? 10.876  -8.889  -4.139  1.00 18.38 ? 65  ASP A CA  1 
ATOM   468  C C   . ASP A 1 65  ? 9.779   -9.488  -3.262  1.00 18.33 ? 65  ASP A C   1 
ATOM   469  O O   . ASP A 1 65  ? 9.236   -10.541 -3.596  1.00 18.69 ? 65  ASP A O   1 
ATOM   470  C CB  . ASP A 1 65  ? 12.204  -9.612  -3.868  1.00 19.03 ? 65  ASP A CB  1 
ATOM   471  C CG  . ASP A 1 65  ? 13.230  -9.417  -4.980  1.00 22.16 ? 65  ASP A CG  1 
ATOM   472  O OD1 . ASP A 1 65  ? 12.909  -8.807  -6.027  1.00 25.84 ? 65  ASP A OD1 1 
ATOM   473  O OD2 . ASP A 1 65  ? 14.375  -9.897  -4.805  1.00 25.03 ? 65  ASP A OD2 1 
ATOM   474  N N   . ASN A 1 66  ? 9.454   -8.829  -2.152  1.00 18.17 ? 66  ASN A N   1 
ATOM   475  C CA  . ASN A 1 66  ? 8.404   -9.333  -1.264  1.00 18.13 ? 66  ASN A CA  1 
ATOM   476  C C   . ASN A 1 66  ? 6.975   -8.919  -1.643  1.00 18.03 ? 66  ASN A C   1 
ATOM   477  O O   . ASN A 1 66  ? 6.014   -9.306  -0.972  1.00 19.27 ? 66  ASN A O   1 
ATOM   478  C CB  . ASN A 1 66  ? 8.731   -9.080  0.217   1.00 18.63 ? 66  ASN A CB  1 
ATOM   479  C CG  . ASN A 1 66  ? 8.829   -7.605  0.574   1.00 18.63 ? 66  ASN A CG  1 
ATOM   480  O OD1 . ASN A 1 66  ? 8.567   -6.717  -0.243  1.00 17.07 ? 66  ASN A OD1 1 
ATOM   481  N ND2 . ASN A 1 66  ? 9.223   -7.338  1.820   1.00 21.73 ? 66  ASN A ND2 1 
ATOM   482  N N   . LEU A 1 67  ? 6.673   -8.099  -2.624  1.00 17.09 ? 67  LEU A N   1 
ATOM   483  C CA  . LEU A 1 67  ? 5.390   -7.697  -3.142  1.00 16.36 ? 67  LEU A CA  1 
ATOM   484  C C   . LEU A 1 67  ? 5.190   -7.944  -4.641  1.00 16.74 ? 67  LEU A C   1 
ATOM   485  O O   . LEU A 1 67  ? 4.106   -8.043  -5.077  1.00 16.24 ? 67  LEU A O   1 
ATOM   486  C CB  . LEU A 1 67  ? 5.168   -6.214  -2.931  1.00 16.01 ? 67  LEU A CB  1 
ATOM   487  C CG  . LEU A 1 67  ? 3.859   -5.612  -3.372  1.00 15.07 ? 67  LEU A CG  1 
ATOM   488  C CD1 . LEU A 1 67  ? 2.703   -6.236  -2.687  1.00 14.59 ? 67  LEU A CD1 1 
ATOM   489  C CD2 . LEU A 1 67  ? 3.825   -4.177  -3.161  1.00 14.32 ? 67  LEU A CD2 1 
ATOM   490  N N   . GLN A 1 68  ? 6.308   -8.048  -5.390  1.00 16.85 ? 68  GLN A N   1 
ATOM   491  C CA  . GLN A 1 68  ? 6.283   -8.235  -6.837  1.00 17.34 ? 68  GLN A CA  1 
ATOM   492  C C   . GLN A 1 68  ? 5.618   -9.527  -7.324  1.00 17.13 ? 68  GLN A C   1 
ATOM   493  O O   . GLN A 1 68  ? 4.806   -9.479  -8.167  1.00 16.83 ? 68  GLN A O   1 
ATOM   494  C CB  . GLN A 1 68  ? 7.655   -8.037  -7.504  1.00 17.82 ? 68  GLN A CB  1 
ATOM   495  C CG  . GLN A 1 68  ? 7.603   -7.842  -8.978  1.00 20.57 ? 68  GLN A CG  1 
ATOM   496  C CD  . GLN A 1 68  ? 8.945   -7.551  -9.655  1.00 25.14 ? 68  GLN A CD  1 
ATOM   497  O OE1 . GLN A 1 68  ? 9.833   -7.127  -9.014  1.00 28.83 ? 68  GLN A OE1 1 
ATOM   498  N NE2 . GLN A 1 68  ? 9.068   -7.809  -10.934 1.00 26.96 ? 68  GLN A NE2 1 
ATOM   499  N N   . PRO A 1 69  ? 5.963   -10.644 -6.742  1.00 17.30 ? 69  PRO A N   1 
ATOM   500  C CA  . PRO A 1 69  ? 5.253   -11.879 -7.108  1.00 17.26 ? 69  PRO A CA  1 
ATOM   501  C C   . PRO A 1 69  ? 3.744   -11.810 -6.858  1.00 17.00 ? 69  PRO A C   1 
ATOM   502  O O   . PRO A 1 69  ? 2.961   -12.284 -7.690  1.00 17.27 ? 69  PRO A O   1 
ATOM   503  C CB  . PRO A 1 69  ? 5.891   -12.931 -6.199  1.00 17.49 ? 69  PRO A CB  1 
ATOM   504  C CG  . PRO A 1 69  ? 7.265   -12.409 -5.946  1.00 17.74 ? 69  PRO A CG  1 
ATOM   505  C CD  . PRO A 1 69  ? 7.079   -10.921 -5.818  1.00 17.49 ? 69  PRO A CD  1 
ATOM   506  N N   . LEU A 1 70  ? 3.342   -11.229 -5.730  1.00 16.36 ? 70  LEU A N   1 
ATOM   507  C CA  . LEU A 1 70  ? 1.920   -11.051 -5.444  1.00 15.65 ? 70  LEU A CA  1 
ATOM   508  C C   . LEU A 1 70  ? 1.265   -10.126 -6.461  1.00 15.53 ? 70  LEU A C   1 
ATOM   509  O O   . LEU A 1 70  ? 0.144   -10.379 -6.901  1.00 15.19 ? 70  LEU A O   1 
ATOM   510  C CB  . LEU A 1 70  ? 1.699   -10.531 -4.021  1.00 15.38 ? 70  LEU A CB  1 
ATOM   511  C CG  . LEU A 1 70  ? 0.262   -10.179 -3.612  1.00 15.22 ? 70  LEU A CG  1 
ATOM   512  C CD1 . LEU A 1 70  ? -0.678  -11.397 -3.685  1.00 16.86 ? 70  LEU A CD1 1 
ATOM   513  C CD2 . LEU A 1 70  ? 0.250   -9.580  -2.218  1.00 16.40 ? 70  LEU A CD2 1 
ATOM   514  N N   . TYR A 1 71  ? 1.964   -9.048  -6.819  1.00 15.41 ? 71  TYR A N   1 
ATOM   515  C CA  . TYR A 1 71  ? 1.501   -8.123  -7.850  1.00 16.15 ? 71  TYR A CA  1 
ATOM   516  C C   . TYR A 1 71  ? 1.182   -8.862  -9.146  1.00 16.20 ? 71  TYR A C   1 
ATOM   517  O O   . TYR A 1 71  ? 0.097   -8.706  -9.699  1.00 15.57 ? 71  TYR A O   1 
ATOM   518  C CB  . TYR A 1 71  ? 2.557   -7.046  -8.107  1.00 16.67 ? 71  TYR A CB  1 
ATOM   519  C CG  . TYR A 1 71  ? 2.173   -6.014  -9.146  1.00 18.18 ? 71  TYR A CG  1 
ATOM   520  C CD1 . TYR A 1 71  ? 1.567   -4.821  -8.755  1.00 20.52 ? 71  TYR A CD1 1 
ATOM   521  C CD2 . TYR A 1 71  ? 2.428   -6.213  -10.502 1.00 21.27 ? 71  TYR A CD2 1 
ATOM   522  C CE1 . TYR A 1 71  ? 1.218   -3.857  -9.673  1.00 21.90 ? 71  TYR A CE1 1 
ATOM   523  C CE2 . TYR A 1 71  ? 2.065   -5.237  -11.446 1.00 21.66 ? 71  TYR A CE2 1 
ATOM   524  C CZ  . TYR A 1 71  ? 1.460   -4.064  -11.007 1.00 21.94 ? 71  TYR A CZ  1 
ATOM   525  O OH  . TYR A 1 71  ? 1.089   -3.070  -11.887 1.00 24.47 ? 71  TYR A OH  1 
ATOM   526  N N   . TYR A 1 72  ? 2.127   -9.678  -9.613  1.00 16.54 ? 72  TYR A N   1 
ATOM   527  C CA  . TYR A 1 72  ? 1.927   -10.443 -10.839 1.00 17.75 ? 72  TYR A CA  1 
ATOM   528  C C   . TYR A 1 72  ? 0.801   -11.461 -10.717 1.00 16.91 ? 72  TYR A C   1 
ATOM   529  O O   . TYR A 1 72  ? 0.066   -11.669 -11.675 1.00 17.77 ? 72  TYR A O   1 
ATOM   530  C CB  . TYR A 1 72  ? 3.218   -11.120 -11.293 1.00 18.37 ? 72  TYR A CB  1 
ATOM   531  C CG  . TYR A 1 72  ? 4.187   -10.184 -11.985 1.00 22.69 ? 72  TYR A CG  1 
ATOM   532  C CD1 . TYR A 1 72  ? 3.814   -9.484  -13.135 1.00 25.76 ? 72  TYR A CD1 1 
ATOM   533  C CD2 . TYR A 1 72  ? 5.480   -10.016 -11.503 1.00 26.92 ? 72  TYR A CD2 1 
ATOM   534  C CE1 . TYR A 1 72  ? 4.706   -8.626  -13.778 1.00 29.39 ? 72  TYR A CE1 1 
ATOM   535  C CE2 . TYR A 1 72  ? 6.380   -9.165  -12.139 1.00 29.70 ? 72  TYR A CE2 1 
ATOM   536  C CZ  . TYR A 1 72  ? 5.986   -8.475  -13.272 1.00 30.53 ? 72  TYR A CZ  1 
ATOM   537  O OH  . TYR A 1 72  ? 6.880   -7.634  -13.898 1.00 34.15 ? 72  TYR A OH  1 
ATOM   538  N N   . ALA A 1 73  ? 0.669   -12.087 -9.545  1.00 16.49 ? 73  ALA A N   1 
ATOM   539  C CA  . ALA A 1 73  ? -0.403  -13.056 -9.310  1.00 15.99 ? 73  ALA A CA  1 
ATOM   540  C C   . ALA A 1 73  ? -1.778  -12.388 -9.360  1.00 15.99 ? 73  ALA A C   1 
ATOM   541  O O   . ALA A 1 73  ? -2.707  -12.913 -9.978  1.00 15.80 ? 73  ALA A O   1 
ATOM   542  C CB  . ALA A 1 73  ? -0.202  -13.772 -7.988  1.00 15.83 ? 73  ALA A CB  1 
ATOM   543  N N   . ILE A 1 74  ? -1.895  -11.227 -8.716  1.00 15.34 ? 74  ILE A N   1 
ATOM   544  C CA  . ILE A 1 74  ? -3.129  -10.450 -8.744  1.00 15.69 ? 74  ILE A CA  1 
ATOM   545  C C   . ILE A 1 74  ? -3.451  -10.017 -10.175 1.00 16.19 ? 74  ILE A C   1 
ATOM   546  O O   . ILE A 1 74  ? -4.597  -10.127 -10.617 1.00 16.44 ? 74  ILE A O   1 
ATOM   547  C CB  . ILE A 1 74  ? -3.063  -9.216  -7.795  1.00 15.30 ? 74  ILE A CB  1 
ATOM   548  C CG1 . ILE A 1 74  ? -2.991  -9.674  -6.333  1.00 15.35 ? 74  ILE A CG1 1 
ATOM   549  C CG2 . ILE A 1 74  ? -4.282  -8.302  -7.998  1.00 15.32 ? 74  ILE A CG2 1 
ATOM   550  C CD1 . ILE A 1 74  ? -2.643  -8.571  -5.339  1.00 14.75 ? 74  ILE A CD1 1 
ATOM   551  N N   . ARG A 1 75  ? -2.439  -9.540  -10.898 1.00 17.25 ? 75  ARG A N   1 
ATOM   552  C CA  . ARG A 1 75  ? -2.654  -9.051  -12.261 1.00 18.57 ? 75  ARG A CA  1 
ATOM   553  C C   . ARG A 1 75  ? -3.109  -10.175 -13.191 1.00 19.46 ? 75  ARG A C   1 
ATOM   554  O O   . ARG A 1 75  ? -3.925  -9.951  -14.096 1.00 19.80 ? 75  ARG A O   1 
ATOM   555  C CB  . ARG A 1 75  ? -1.404  -8.368  -12.812 1.00 18.95 ? 75  ARG A CB  1 
ATOM   556  C CG  . ARG A 1 75  ? -1.726  -7.410  -13.936 1.00 20.85 ? 75  ARG A CG  1 
ATOM   557  C CD  . ARG A 1 75  ? -0.497  -6.739  -14.497 1.00 23.45 ? 75  ARG A CD  1 
ATOM   558  N NE  . ARG A 1 75  ? -0.884  -5.809  -15.555 1.00 26.50 ? 75  ARG A NE  1 
ATOM   559  C CZ  . ARG A 1 75  ? -0.045  -5.261  -16.430 1.00 28.45 ? 75  ARG A CZ  1 
ATOM   560  N NH1 . ARG A 1 75  ? -0.507  -4.429  -17.353 1.00 29.19 ? 75  ARG A NH1 1 
ATOM   561  N NH2 . ARG A 1 75  ? 1.253   -5.541  -16.386 1.00 30.96 ? 75  ARG A NH2 1 
ATOM   562  N N   . ASP A 1 76  ? -2.597  -11.377 -12.934 1.00 20.13 ? 76  ASP A N   1 
ATOM   563  C CA  . ASP A 1 76  ? -2.920  -12.566 -13.724 1.00 20.97 ? 76  ASP A CA  1 
ATOM   564  C C   . ASP A 1 76  ? -4.347  -13.046 -13.477 1.00 20.59 ? 76  ASP A C   1 
ATOM   565  O O   . ASP A 1 76  ? -5.059  -13.397 -14.418 1.00 21.01 ? 76  ASP A O   1 
ATOM   566  C CB  . ASP A 1 76  ? -1.926  -13.695 -13.424 1.00 21.74 ? 76  ASP A CB  1 
ATOM   567  C CG  . ASP A 1 76  ? -2.207  -14.955 -14.229 1.00 24.55 ? 76  ASP A CG  1 
ATOM   568  O OD1 . ASP A 1 76  ? -2.172  -14.884 -15.475 1.00 28.71 ? 76  ASP A OD1 1 
ATOM   569  O OD2 . ASP A 1 76  ? -2.444  -16.018 -13.617 1.00 27.85 ? 76  ASP A OD2 1 
ATOM   570  N N   . GLN A 1 77  ? -4.761  -13.060 -12.214 1.00 19.88 ? 77  GLN A N   1 
ATOM   571  C CA  . GLN A 1 77  ? -6.050  -13.641 -11.832 1.00 19.36 ? 77  GLN A CA  1 
ATOM   572  C C   . GLN A 1 77  ? -7.199  -12.648 -11.849 1.00 18.81 ? 77  GLN A C   1 
ATOM   573  O O   . GLN A 1 77  ? -8.349  -13.041 -12.047 1.00 19.27 ? 77  GLN A O   1 
ATOM   574  C CB  . GLN A 1 77  ? -5.952  -14.301 -10.452 1.00 19.65 ? 77  GLN A CB  1 
ATOM   575  C CG  . GLN A 1 77  ? -4.998  -15.480 -10.396 1.00 21.66 ? 77  GLN A CG  1 
ATOM   576  C CD  . GLN A 1 77  ? -5.424  -16.629 -11.289 1.00 24.52 ? 77  GLN A CD  1 
ATOM   577  O OE1 . GLN A 1 77  ? -6.568  -17.088 -11.228 1.00 26.58 ? 77  GLN A OE1 1 
ATOM   578  N NE2 . GLN A 1 77  ? -4.503  -17.102 -12.121 1.00 25.62 ? 77  GLN A NE2 1 
ATOM   579  N N   . LEU A 1 78  ? -6.877  -11.377 -11.629 1.00 17.96 ? 78  LEU A N   1 
ATOM   580  C CA  . LEU A 1 78  ? -7.870  -10.312 -11.601 1.00 17.60 ? 78  LEU A CA  1 
ATOM   581  C C   . LEU A 1 78  ? -9.085  -10.704 -10.769 1.00 16.79 ? 78  LEU A C   1 
ATOM   582  O O   . LEU A 1 78  ? -10.162 -10.953 -11.312 1.00 17.03 ? 78  LEU A O   1 
ATOM   583  C CB  . LEU A 1 78  ? -8.304  -9.947  -13.023 1.00 18.12 ? 78  LEU A CB  1 
ATOM   584  C CG  . LEU A 1 78  ? -7.356  -9.038  -13.807 1.00 19.26 ? 78  LEU A CG  1 
ATOM   585  C CD1 . LEU A 1 78  ? -8.112  -8.274  -14.883 1.00 21.55 ? 78  LEU A CD1 1 
ATOM   586  C CD2 . LEU A 1 78  ? -6.632  -8.080  -12.872 1.00 21.11 ? 78  LEU A CD2 1 
ATOM   587  N N   . PRO A 1 79  ? -8.915  -10.758 -9.451  1.00 16.16 ? 79  PRO A N   1 
ATOM   588  C CA  . PRO A 1 79  ? -10.028 -11.104 -8.577  1.00 15.74 ? 79  PRO A CA  1 
ATOM   589  C C   . PRO A 1 79  ? -11.095 -10.024 -8.657  1.00 15.77 ? 79  PRO A C   1 
ATOM   590  O O   . PRO A 1 79  ? -10.790 -8.875  -8.994  1.00 15.43 ? 79  PRO A O   1 
ATOM   591  C CB  . PRO A 1 79  ? -9.371  -11.098 -7.193  1.00 15.91 ? 79  PRO A CB  1 
ATOM   592  C CG  . PRO A 1 79  ? -7.957  -11.462 -7.439  1.00 15.32 ? 79  PRO A CG  1 
ATOM   593  C CD  . PRO A 1 79  ? -7.615  -10.782 -8.728  1.00 15.88 ? 79  PRO A CD  1 
ATOM   594  N N   . ALA A 1 80  ? -12.309 -10.373 -8.248  1.00 15.31 ? 80  ALA A N   1 
ATOM   595  C CA  . ALA A 1 80  ? -13.473 -9.492  -8.377  1.00 15.35 ? 80  ALA A CA  1 
ATOM   596  C C   . ALA A 1 80  ? -13.504 -8.477  -7.264  1.00 15.05 ? 80  ALA A C   1 
ATOM   597  O O   . ALA A 1 80  ? -14.367 -8.512  -6.378  1.00 15.44 ? 80  ALA A O   1 
ATOM   598  C CB  . ALA A 1 80  ? -14.749 -10.349 -8.406  1.00 15.35 ? 80  ALA A CB  1 
ATOM   599  N N   . TRP A 1 81  ? -12.548 -7.559  -7.316  1.00 14.71 ? 81  TRP A N   1 
ATOM   600  C CA  . TRP A 1 81  ? -12.384 -6.547  -6.291  1.00 14.72 ? 81  TRP A CA  1 
ATOM   601  C C   . TRP A 1 81  ? -12.816 -5.187  -6.824  1.00 15.06 ? 81  TRP A C   1 
ATOM   602  O O   . TRP A 1 81  ? -12.569 -4.152  -6.189  1.00 14.66 ? 81  TRP A O   1 
ATOM   603  C CB  . TRP A 1 81  ? -10.934 -6.500  -5.804  1.00 14.36 ? 81  TRP A CB  1 
ATOM   604  C CG  . TRP A 1 81  ? -10.526 -7.716  -5.002  1.00 14.15 ? 81  TRP A CG  1 
ATOM   605  C CD1 . TRP A 1 81  ? -11.345 -8.527  -4.256  1.00 14.33 ? 81  TRP A CD1 1 
ATOM   606  C CD2 . TRP A 1 81  ? -9.200  -8.235  -4.838  1.00 13.50 ? 81  TRP A CD2 1 
ATOM   607  N NE1 . TRP A 1 81  ? -10.611 -9.517  -3.651  1.00 14.38 ? 81  TRP A NE1 1 
ATOM   608  C CE2 . TRP A 1 81  ? -9.292  -9.362  -3.988  1.00 13.51 ? 81  TRP A CE2 1 
ATOM   609  C CE3 . TRP A 1 81  ? -7.941  -7.855  -5.324  1.00 13.96 ? 81  TRP A CE3 1 
ATOM   610  C CZ2 . TRP A 1 81  ? -8.175  -10.113 -3.614  1.00 14.21 ? 81  TRP A CZ2 1 
ATOM   611  C CZ3 . TRP A 1 81  ? -6.828  -8.604  -4.954  1.00 14.38 ? 81  TRP A CZ3 1 
ATOM   612  C CH2 . TRP A 1 81  ? -6.954  -9.720  -4.100  1.00 13.92 ? 81  TRP A CH2 1 
ATOM   613  N N   . HIS A 1 82  ? -13.463 -5.186  -7.987  1.00 15.14 ? 82  HIS A N   1 
ATOM   614  C CA  . HIS A 1 82  ? -13.983 -3.952  -8.570  1.00 15.91 ? 82  HIS A CA  1 
ATOM   615  C C   . HIS A 1 82  ? -14.902 -3.205  -7.599  1.00 15.38 ? 82  HIS A C   1 
ATOM   616  O O   . HIS A 1 82  ? -15.742 -3.812  -6.920  1.00 16.00 ? 82  HIS A O   1 
ATOM   617  C CB  . HIS A 1 82  ? -14.692 -4.249  -9.894  1.00 16.78 ? 82  HIS A CB  1 
ATOM   618  C CG  . HIS A 1 82  ? -15.731 -5.318  -9.791  1.00 20.10 ? 82  HIS A CG  1 
ATOM   619  N ND1 . HIS A 1 82  ? -17.048 -5.047  -9.490  1.00 23.73 ? 82  HIS A ND1 1 
ATOM   620  C CD2 . HIS A 1 82  ? -15.647 -6.661  -9.944  1.00 23.01 ? 82  HIS A CD2 1 
ATOM   621  C CE1 . HIS A 1 82  ? -17.731 -6.178  -9.463  1.00 23.91 ? 82  HIS A CE1 1 
ATOM   622  N NE2 . HIS A 1 82  ? -16.906 -7.170  -9.741  1.00 24.18 ? 82  HIS A NE2 1 
ATOM   623  N N   . GLY A 1 83  ? -14.706 -1.892  -7.507  1.00 14.35 ? 83  GLY A N   1 
ATOM   624  C CA  . GLY A 1 83  ? -15.523 -1.050  -6.642  1.00 14.02 ? 83  GLY A CA  1 
ATOM   625  C C   . GLY A 1 83  ? -15.035 -0.877  -5.218  1.00 13.52 ? 83  GLY A C   1 
ATOM   626  O O   . GLY A 1 83  ? -15.510 0.017   -4.507  1.00 13.63 ? 83  GLY A O   1 
ATOM   627  N N   . LEU A 1 84  ? -14.104 -1.724  -4.784  1.00 13.17 ? 84  LEU A N   1 
ATOM   628  C CA  . LEU A 1 84  ? -13.562 -1.612  -3.435  1.00 12.40 ? 84  LEU A CA  1 
ATOM   629  C C   . LEU A 1 84  ? -12.655 -0.392  -3.358  1.00 12.14 ? 84  LEU A C   1 
ATOM   630  O O   . LEU A 1 84  ? -12.006 -0.057  -4.342  1.00 11.68 ? 84  LEU A O   1 
ATOM   631  C CB  . LEU A 1 84  ? -12.778 -2.866  -3.042  1.00 12.78 ? 84  LEU A CB  1 
ATOM   632  C CG  . LEU A 1 84  ? -13.561 -4.182  -2.951  1.00 13.84 ? 84  LEU A CG  1 
ATOM   633  C CD1 . LEU A 1 84  ? -12.608 -5.306  -2.564  1.00 15.92 ? 84  LEU A CD1 1 
ATOM   634  C CD2 . LEU A 1 84  ? -14.704 -4.081  -1.971  1.00 15.41 ? 84  LEU A CD2 1 
ATOM   635  N N   . PRO A 1 85  ? -12.620 0.267   -2.187  1.00 11.48 ? 85  PRO A N   1 
ATOM   636  C CA  . PRO A 1 85  ? -11.756 1.433   -1.989  1.00 11.34 ? 85  PRO A CA  1 
ATOM   637  C C   . PRO A 1 85  ? -10.306 1.040   -1.707  1.00 11.27 ? 85  PRO A C   1 
ATOM   638  O O   . PRO A 1 85  ? -10.045 0.021   -1.058  1.00 12.04 ? 85  PRO A O   1 
ATOM   639  C CB  . PRO A 1 85  ? -12.375 2.116   -0.772  1.00 11.02 ? 85  PRO A CB  1 
ATOM   640  C CG  . PRO A 1 85  ? -12.971 0.992   0.020   1.00 11.67 ? 85  PRO A CG  1 
ATOM   641  C CD  . PRO A 1 85  ? -13.467 0.002   -1.011  1.00 11.66 ? 85  PRO A CD  1 
ATOM   642  N N   . GLY A 1 86  ? -9.380  1.860   -2.190  1.00 11.22 ? 86  GLY A N   1 
ATOM   643  C CA  . GLY A 1 86  ? -7.960  1.613   -2.007  1.00 10.88 ? 86  GLY A CA  1 
ATOM   644  C C   . GLY A 1 86  ? -7.181  2.898   -1.845  1.00 10.55 ? 86  GLY A C   1 
ATOM   645  O O   . GLY A 1 86  ? -7.659  3.986   -2.205  1.00 11.27 ? 86  GLY A O   1 
ATOM   646  N N   . GLY A 1 87  ? -5.975  2.765   -1.306  1.00 9.67  ? 87  GLY A N   1 
ATOM   647  C CA  . GLY A 1 87  ? -5.030  3.868   -1.238  1.00 8.75  ? 87  GLY A CA  1 
ATOM   648  C C   . GLY A 1 87  ? -3.615  3.324   -1.330  1.00 8.76  ? 87  GLY A C   1 
ATOM   649  O O   . GLY A 1 87  ? -3.354  2.165   -0.976  1.00 8.59  ? 87  GLY A O   1 
ATOM   650  N N   . VAL A 1 88  ? -2.841  4.179   -1.781  1.00 8.07  ? 88  VAL A N   1 
ATOM   651  C CA  . VAL A 1 88  ? -1.429  3.825   -1.910  1.00 8.40  ? 88  VAL A CA  1 
ATOM   652  C C   . VAL A 1 88  ? -0.483  4.778   -1.178  1.00 8.27  ? 88  VAL A C   1 
ATOM   653  O O   . VAL A 1 88  ? -0.445  5.974   -1.466  1.00 8.45  ? 88  VAL A O   1 
ATOM   654  C CB  . VAL A 1 88  ? -1.005  3.745   -3.391  1.00 8.33  ? 88  VAL A CB  1 
ATOM   655  C CG1 . VAL A 1 88  ? 0.499   3.543   -3.500  1.00 9.50  ? 88  VAL A CG1 1 
ATOM   656  C CG2 . VAL A 1 88  ? -1.753  2.624   -4.096  1.00 9.59  ? 88  VAL A CG2 1 
ATOM   657  N N   . ILE A 1 89  ? 0.527   4.299   -0.417  1.00 8.39  ? 89  ILE A N   1 
ATOM   658  C CA  . ILE A 1 89  ? 1.640   5.103   0.073   1.00 9.16  ? 89  ILE A CA  1 
ATOM   659  C C   . ILE A 1 89  ? 2.878   4.650   -0.681  1.00 9.48  ? 89  ILE A C   1 
ATOM   660  O O   . ILE A 1 89  ? 3.277   3.480   -0.591  1.00 9.99  ? 89  ILE A O   1 
ATOM   661  C CB  . ILE A 1 89  ? 1.863   4.925   1.580   1.00 8.72  ? 89  ILE A CB  1 
ATOM   662  C CG1 . ILE A 1 89  ? 0.637   5.444   2.340   1.00 8.63  ? 89  ILE A CG1 1 
ATOM   663  C CG2 . ILE A 1 89  ? 3.146   5.684   2.004   1.00 8.47  ? 89  ILE A CG2 1 
ATOM   664  C CD1 . ILE A 1 89  ? 0.628   5.104   3.828   1.00 10.20 ? 89  ILE A CD1 1 
ATOM   665  N N   . GLY A 1 90  ? 3.473   5.578   -1.428  1.00 10.37 ? 90  GLY A N   1 
ATOM   666  C CA  . GLY A 1 90  ? 4.676   5.299   -2.207  1.00 11.20 ? 90  GLY A CA  1 
ATOM   667  C C   . GLY A 1 90  ? 5.887   5.912   -1.548  1.00 12.33 ? 90  GLY A C   1 
ATOM   668  O O   . GLY A 1 90  ? 5.967   7.133   -1.389  1.00 12.18 ? 90  GLY A O   1 
ATOM   669  N N   . LEU A 1 91  ? 6.819   5.056   -1.142  1.00 12.47 ? 91  LEU A N   1 
ATOM   670  C CA  . LEU A 1 91  ? 8.071   5.504   -0.558  1.00 14.47 ? 91  LEU A CA  1 
ATOM   671  C C   . LEU A 1 91  ? 9.062   5.715   -1.681  1.00 15.01 ? 91  LEU A C   1 
ATOM   672  O O   . LEU A 1 91  ? 9.704   4.770   -2.138  1.00 15.54 ? 91  LEU A O   1 
ATOM   673  C CB  . LEU A 1 91  ? 8.594   4.475   0.447   1.00 15.01 ? 91  LEU A CB  1 
ATOM   674  C CG  . LEU A 1 91  ? 8.157   4.629   1.900   1.00 18.21 ? 91  LEU A CG  1 
ATOM   675  C CD1 . LEU A 1 91  ? 6.737   4.124   2.147   1.00 21.25 ? 91  LEU A CD1 1 
ATOM   676  C CD2 . LEU A 1 91  ? 9.154   3.917   2.803   1.00 20.56 ? 91  LEU A CD2 1 
ATOM   677  N N   . GLY A 1 92  ? 9.154   6.964   -2.125  1.00 15.38 ? 92  GLY A N   1 
ATOM   678  C CA  . GLY A 1 92  ? 10.069  7.366   -3.180  1.00 15.80 ? 92  GLY A CA  1 
ATOM   679  C C   . GLY A 1 92  ? 11.419  7.750   -2.614  1.00 16.27 ? 92  GLY A C   1 
ATOM   680  O O   . GLY A 1 92  ? 11.678  7.606   -1.407  1.00 16.18 ? 92  GLY A O   1 
ATOM   681  N N   . ASP A 1 93  ? 12.286  8.232   -3.495  1.00 16.61 ? 93  ASP A N   1 
ATOM   682  C CA  . ASP A 1 93  ? 13.638  8.611   -3.114  1.00 17.06 ? 93  ASP A CA  1 
ATOM   683  C C   . ASP A 1 93  ? 14.015  9.697   -4.123  1.00 17.05 ? 93  ASP A C   1 
ATOM   684  O O   . ASP A 1 93  ? 14.216  9.422   -5.308  1.00 16.85 ? 93  ASP A O   1 
ATOM   685  C CB  . ASP A 1 93  ? 14.528  7.363   -3.049  1.00 17.63 ? 93  ASP A CB  1 
ATOM   686  C CG  . ASP A 1 93  ? 15.831  7.621   -2.344  1.00 18.64 ? 93  ASP A CG  1 
ATOM   687  O OD1 . ASP A 1 93  ? 16.567  8.526   -2.789  1.00 19.56 ? 93  ASP A OD1 1 
ATOM   688  O OD2 . ASP A 1 93  ? 16.125  6.918   -1.349  1.00 20.81 ? 93  ASP A OD2 1 
ATOM   689  N N   . SER A 1 94  ? 14.350  10.851  -3.734  1.00 17.20 ? 94  SER A N   1 
ATOM   690  C CA  . SER A 1 94  ? 14.532  11.979  -4.650  1.00 17.52 ? 94  SER A CA  1 
ATOM   691  C C   . SER A 1 94  ? 16.028  11.964  -4.992  1.00 17.38 ? 94  SER A C   1 
ATOM   692  O O   . SER A 1 94  ? 16.410  12.279  -6.126  1.00 17.92 ? 94  SER A O   1 
ATOM   693  C CB  . SER A 1 94  ? 14.111  13.344  -4.109  1.00 17.84 ? 94  SER A CB  1 
ATOM   694  O OG  . SER A 1 94  ? 14.774  13.635  -2.895  1.00 19.40 ? 94  SER A OG  1 
ATOM   695  N N   . SER A 1 95  ? 16.859  11.587  -4.021  1.00 17.05 ? 95  SER A N   1 
ATOM   696  C CA  . SER A 1 95  ? 18.309  11.468  -4.234  1.00 17.32 ? 95  SER A CA  1 
ATOM   697  C C   . SER A 1 95  ? 18.628  10.487  -5.360  1.00 16.77 ? 95  SER A C   1 
ATOM   698  O O   . SER A 1 95  ? 19.502  10.737  -6.193  1.00 16.50 ? 95  SER A O   1 
ATOM   699  C CB  . SER A 1 95  ? 19.003  11.023  -2.949  1.00 17.59 ? 95  SER A CB  1 
ATOM   700  O OG  . SER A 1 95  ? 18.955  12.054  -1.978  1.00 19.52 ? 95  SER A OG  1 
ATOM   701  N N   . TYR A 1 96  ? 17.897  9.375   -5.384  1.00 16.44 ? 96  TYR A N   1 
ATOM   702  C CA  . TYR A 1 96  ? 18.147  8.318   -6.346  1.00 16.22 ? 96  TYR A CA  1 
ATOM   703  C C   . TYR A 1 96  ? 17.545  8.636   -7.709  1.00 16.60 ? 96  TYR A C   1 
ATOM   704  O O   . TYR A 1 96  ? 18.003  8.137   -8.736  1.00 16.18 ? 96  TYR A O   1 
ATOM   705  C CB  . TYR A 1 96  ? 17.588  7.000   -5.818  1.00 15.91 ? 96  TYR A CB  1 
ATOM   706  C CG  . TYR A 1 96  ? 18.046  5.805   -6.607  1.00 15.87 ? 96  TYR A CG  1 
ATOM   707  C CD1 . TYR A 1 96  ? 17.187  5.173   -7.500  1.00 15.58 ? 96  TYR A CD1 1 
ATOM   708  C CD2 . TYR A 1 96  ? 19.350  5.316   -6.476  1.00 15.64 ? 96  TYR A CD2 1 
ATOM   709  C CE1 . TYR A 1 96  ? 17.607  4.064   -8.231  1.00 16.75 ? 96  TYR A CE1 1 
ATOM   710  C CE2 . TYR A 1 96  ? 19.781  4.210   -7.205  1.00 16.19 ? 96  TYR A CE2 1 
ATOM   711  C CZ  . TYR A 1 96  ? 18.906  3.596   -8.082  1.00 16.72 ? 96  TYR A CZ  1 
ATOM   712  O OH  . TYR A 1 96  ? 19.316  2.507   -8.819  1.00 17.27 ? 96  TYR A OH  1 
ATOM   713  N N   . GLY A 1 97  ? 16.505  9.465   -7.711  1.00 17.07 ? 97  GLY A N   1 
ATOM   714  C CA  . GLY A 1 97  ? 15.794  9.788   -8.937  1.00 17.33 ? 97  GLY A CA  1 
ATOM   715  C C   . GLY A 1 97  ? 14.414  9.165   -8.997  1.00 18.19 ? 97  GLY A C   1 
ATOM   716  O O   . GLY A 1 97  ? 13.766  9.183   -10.046 1.00 18.63 ? 97  GLY A O   1 
ATOM   717  N N   . ASP A 1 98  ? 14.021  8.682   -7.911  1.00 18.24 ? 98  ASP A N   1 
ATOM   718  C CA  . ASP A 1 98  ? 12.680  8.112   -7.784  1.00 18.51 ? 98  ASP A CA  1 
ATOM   719  C C   . ASP A 1 98  ? 11.651  9.059   -7.169  1.00 19.09 ? 98  ASP A C   1 
ATOM   720  O O   . ASP A 1 98  ? 10.676  8.617   -6.561  1.00 19.14 ? 98  ASP A O   1 
ATOM   721  C CB  . ASP A 1 98  ? 12.727  6.756   -7.055  1.00 18.20 ? 98  ASP A CB  1 
ATOM   722  C CG  . ASP A 1 98  ? 11.369  6.052   -7.036  1.00 18.22 ? 98  ASP A CG  1 
ATOM   723  O OD1 . ASP A 1 98  ? 10.646  6.134   -8.054  1.00 18.63 ? 98  ASP A OD1 1 
ATOM   724  O OD2 . ASP A 1 98  ? 11.028  5.427   -6.006  1.00 16.72 ? 98  ASP A OD2 1 
ATOM   725  N N   . THR A 1 99  ? 11.794  10.295  -7.308  1.00 19.97 ? 99  THR A N   1 
ATOM   726  C CA  . THR A 1 99  ? 10.884  11.260  -6.687  1.00 20.95 ? 99  THR A CA  1 
ATOM   727  C C   . THR A 1 99  ? 9.394   10.894  -6.713  1.00 20.68 ? 99  THR A C   1 
ATOM   728  O O   . THR A 1 99  ? 8.673   11.077  -5.722  1.00 21.29 ? 99  THR A O   1 
ATOM   729  C CB  . THR A 1 99  ? 11.112  12.702  -7.223  1.00 21.22 ? 99  THR A CB  1 
ATOM   730  O OG1 . THR A 1 99  ? 10.271  13.624  -6.514  1.00 23.42 ? 99  THR A OG1 1 
ATOM   731  C CG2 . THR A 1 99  ? 10.827  12.796  -8.722  1.00 22.39 ? 99  THR A CG2 1 
ATOM   732  N N   . PHE A 1 100 ? 9.011   10.326  -7.817  1.00 20.17 ? 100 PHE A N   1 
ATOM   733  C CA  . PHE A 1 100 ? 7.626   10.040  -8.044  1.00 19.88 ? 100 PHE A CA  1 
ATOM   734  C C   . PHE A 1 100 ? 7.127   8.705   -7.447  1.00 18.74 ? 100 PHE A C   1 
ATOM   735  O O   . PHE A 1 100 ? 5.957   8.413   -7.645  1.00 18.52 ? 100 PHE A O   1 
ATOM   736  C CB  . PHE A 1 100 ? 7.343   10.041  -9.530  1.00 20.91 ? 100 PHE A CB  1 
ATOM   737  C CG  . PHE A 1 100 ? 8.137   9.011   -10.270 1.00 24.25 ? 100 PHE A CG  1 
ATOM   738  C CD1 . PHE A 1 100 ? 7.536   7.879   -10.782 1.00 27.30 ? 100 PHE A CD1 1 
ATOM   739  C CD2 . PHE A 1 100 ? 9.501   9.122   -10.372 1.00 27.10 ? 100 PHE A CD2 1 
ATOM   740  C CE1 . PHE A 1 100 ? 8.276   6.927   -11.422 1.00 28.49 ? 100 PHE A CE1 1 
ATOM   741  C CE2 . PHE A 1 100 ? 10.229  8.161   -10.993 1.00 28.81 ? 100 PHE A CE2 1 
ATOM   742  C CZ  . PHE A 1 100 ? 9.609   7.072   -11.521 1.00 29.35 ? 100 PHE A CZ  1 
ATOM   743  N N   . ALA A 1 101 ? 7.985   7.923   -6.801  1.00 17.15 ? 101 ALA A N   1 
ATOM   744  C CA  . ALA A 1 101 ? 7.567   6.637   -6.246  1.00 15.76 ? 101 ALA A CA  1 
ATOM   745  C C   . ALA A 1 101 ? 7.024   5.673   -7.308  1.00 15.29 ? 101 ALA A C   1 
ATOM   746  O O   . ALA A 1 101 ? 5.855   5.291   -7.272  1.00 15.09 ? 101 ALA A O   1 
ATOM   747  C CB  . ALA A 1 101 ? 6.539   6.846   -5.143  1.00 15.77 ? 101 ALA A CB  1 
ATOM   748  N N   . GLY A 1 102 ? 7.886   5.282   -8.243  1.00 14.47 ? 102 GLY A N   1 
ATOM   749  C CA  . GLY A 1 102 ? 7.553   4.297   -9.271  1.00 13.69 ? 102 GLY A CA  1 
ATOM   750  C C   . GLY A 1 102 ? 6.813   3.036   -8.875  1.00 13.04 ? 102 GLY A C   1 
ATOM   751  O O   . GLY A 1 102 ? 5.896   2.605   -9.581  1.00 13.47 ? 102 GLY A O   1 
ATOM   752  N N   . GLY A 1 103 ? 7.212   2.444   -7.755  1.00 12.39 ? 103 GLY A N   1 
ATOM   753  C CA  . GLY A 1 103 ? 6.540   1.254   -7.233  1.00 11.86 ? 103 GLY A CA  1 
ATOM   754  C C   . GLY A 1 103 ? 5.092   1.565   -6.912  1.00 11.34 ? 103 GLY A C   1 
ATOM   755  O O   . GLY A 1 103 ? 4.175   0.845   -7.332  1.00 11.22 ? 103 GLY A O   1 
ATOM   756  N N   . GLY A 1 104 ? 4.893   2.647   -6.166  1.00 11.34 ? 104 GLY A N   1 
ATOM   757  C CA  . GLY A 1 104 ? 3.553   3.135   -5.853  1.00 11.15 ? 104 GLY A CA  1 
ATOM   758  C C   . GLY A 1 104 ? 2.719   3.325   -7.104  1.00 11.39 ? 104 GLY A C   1 
ATOM   759  O O   . GLY A 1 104 ? 1.553   2.915   -7.155  1.00 10.95 ? 104 GLY A O   1 
ATOM   760  N N   . GLU A 1 105 ? 3.317   3.940   -8.118  1.00 11.11 ? 105 GLU A N   1 
ATOM   761  C CA  . GLU A 1 105 ? 2.600   4.195   -9.365  1.00 12.07 ? 105 GLU A CA  1 
ATOM   762  C C   . GLU A 1 105 ? 2.156   2.912   -10.059 1.00 11.76 ? 105 GLU A C   1 
ATOM   763  O O   . GLU A 1 105 ? 1.068   2.866   -10.634 1.00 11.26 ? 105 GLU A O   1 
ATOM   764  C CB  . GLU A 1 105 ? 3.424   5.074   -10.320 1.00 12.75 ? 105 GLU A CB  1 
ATOM   765  C CG  . GLU A 1 105 ? 3.343   6.558   -10.009 1.00 16.76 ? 105 GLU A CG  1 
ATOM   766  C CD  . GLU A 1 105 ? 1.937   7.170   -10.193 1.00 17.26 ? 105 GLU A CD  1 
ATOM   767  O OE1 . GLU A 1 105 ? 1.092   6.632   -10.950 1.00 21.28 ? 105 GLU A OE1 1 
ATOM   768  O OE2 . GLU A 1 105 ? 1.693   8.232   -9.604  1.00 22.15 ? 105 GLU A OE2 1 
ATOM   769  N N   . GLN A 1 106 ? 2.991   1.876   -9.990  1.00 11.63 ? 106 GLN A N   1 
ATOM   770  C CA  . GLN A 1 106 ? 2.655   0.579   -10.572 1.00 12.29 ? 106 GLN A CA  1 
ATOM   771  C C   . GLN A 1 106 ? 1.457   -0.026  -9.846  1.00 11.86 ? 106 GLN A C   1 
ATOM   772  O O   . GLN A 1 106 ? 0.609   -0.670  -10.474 1.00 11.92 ? 106 GLN A O   1 
ATOM   773  C CB  . GLN A 1 106 ? 3.857   -0.370  -10.536 1.00 13.20 ? 106 GLN A CB  1 
ATOM   774  C CG  . GLN A 1 106 ? 5.002   0.073   -11.440 1.00 17.20 ? 106 GLN A CG  1 
ATOM   775  C CD  . GLN A 1 106 ? 6.210   -0.830  -11.330 1.00 22.23 ? 106 GLN A CD  1 
ATOM   776  O OE1 . GLN A 1 106 ? 6.078   -2.057  -11.287 1.00 23.69 ? 106 GLN A OE1 1 
ATOM   777  N NE2 . GLN A 1 106 ? 7.403   -0.226  -11.279 1.00 24.34 ? 106 GLN A NE2 1 
ATOM   778  N N   . VAL A 1 107 ? 1.381   0.196   -8.534  1.00 10.97 ? 107 VAL A N   1 
ATOM   779  C CA  . VAL A 1 107 ? 0.215   -0.260  -7.762  1.00 10.75 ? 107 VAL A CA  1 
ATOM   780  C C   . VAL A 1 107 ? -1.042  0.498   -8.184  1.00 10.60 ? 107 VAL A C   1 
ATOM   781  O O   . VAL A 1 107 ? -2.109  -0.105  -8.341  1.00 10.40 ? 107 VAL A O   1 
ATOM   782  C CB  . VAL A 1 107 ? 0.434   -0.176  -6.236  1.00 10.49 ? 107 VAL A CB  1 
ATOM   783  C CG1 . VAL A 1 107 ? -0.828  -0.618  -5.489  1.00 11.57 ? 107 VAL A CG1 1 
ATOM   784  C CG2 . VAL A 1 107 ? 1.610   -1.060  -5.830  1.00 10.77 ? 107 VAL A CG2 1 
ATOM   785  N N   . ARG A 1 108 ? -0.922  1.811   -8.392  1.00 10.58 ? 108 ARG A N   1 
ATOM   786  C CA  . ARG A 1 108 ? -2.055  2.594   -8.921  1.00 11.11 ? 108 ARG A CA  1 
ATOM   787  C C   . ARG A 1 108 ? -2.572  2.026   -10.236 1.00 11.58 ? 108 ARG A C   1 
ATOM   788  O O   . ARG A 1 108 ? -3.786  1.977   -10.464 1.00 11.77 ? 108 ARG A O   1 
ATOM   789  C CB  . ARG A 1 108 ? -1.680  4.061   -9.115  1.00 11.39 ? 108 ARG A CB  1 
ATOM   790  C CG  . ARG A 1 108 ? -1.341  4.769   -7.824  1.00 12.18 ? 108 ARG A CG  1 
ATOM   791  C CD  . ARG A 1 108 ? -1.099  6.246   -8.061  1.00 13.29 ? 108 ARG A CD  1 
ATOM   792  N NE  . ARG A 1 108 ? -2.344  6.965   -8.324  1.00 14.17 ? 108 ARG A NE  1 
ATOM   793  C CZ  . ARG A 1 108 ? -2.596  7.720   -9.394  1.00 15.71 ? 108 ARG A CZ  1 
ATOM   794  N NH1 . ARG A 1 108 ? -1.678  7.902   -10.343 1.00 16.36 ? 108 ARG A NH1 1 
ATOM   795  N NH2 . ARG A 1 108 ? -3.781  8.314   -9.505  1.00 17.15 ? 108 ARG A NH2 1 
ATOM   796  N N   . GLU A 1 109 ? -1.646  1.614   -11.102 1.00 12.17 ? 109 GLU A N   1 
ATOM   797  C CA  . GLU A 1 109 ? -2.011  1.010   -12.387 1.00 12.70 ? 109 GLU A CA  1 
ATOM   798  C C   . GLU A 1 109 ? -2.790  -0.294  -12.195 1.00 12.41 ? 109 GLU A C   1 
ATOM   799  O O   . GLU A 1 109 ? -3.791  -0.529  -12.891 1.00 12.65 ? 109 GLU A O   1 
ATOM   800  C CB  . GLU A 1 109 ? -0.768  0.807   -13.251 1.00 13.25 ? 109 GLU A CB  1 
ATOM   801  C CG  . GLU A 1 109 ? -0.186  2.141   -13.722 1.00 16.85 ? 109 GLU A CG  1 
ATOM   802  C CD  . GLU A 1 109 ? 1.257   2.050   -14.183 1.00 19.92 ? 109 GLU A CD  1 
ATOM   803  O OE1 . GLU A 1 109 ? 1.756   0.932   -14.426 1.00 23.57 ? 109 GLU A OE1 1 
ATOM   804  O OE2 . GLU A 1 109 ? 1.896   3.114   -14.295 1.00 22.31 ? 109 GLU A OE2 1 
ATOM   805  N N   . LEU A 1 110 ? -2.346  -1.111  -11.245 1.00 12.00 ? 110 LEU A N   1 
ATOM   806  C CA  . LEU A 1 110 ? -3.043  -2.344  -10.903 1.00 11.97 ? 110 LEU A CA  1 
ATOM   807  C C   . LEU A 1 110 ? -4.454  -2.031  -10.420 1.00 11.97 ? 110 LEU A C   1 
ATOM   808  O O   . LEU A 1 110 ? -5.427  -2.612  -10.904 1.00 12.36 ? 110 LEU A O   1 
ATOM   809  C CB  . LEU A 1 110 ? -2.275  -3.114  -9.827  1.00 12.07 ? 110 LEU A CB  1 
ATOM   810  C CG  . LEU A 1 110 ? -2.805  -4.508  -9.485  1.00 12.99 ? 110 LEU A CG  1 
ATOM   811  C CD1 . LEU A 1 110 ? -2.863  -5.381  -10.729 1.00 14.39 ? 110 LEU A CD1 1 
ATOM   812  C CD2 . LEU A 1 110 ? -1.950  -5.158  -8.407  1.00 13.90 ? 110 LEU A CD2 1 
ATOM   813  N N   . PHE A 1 111 ? -4.565  -1.109  -9.468  1.00 11.88 ? 111 PHE A N   1 
ATOM   814  C CA  . PHE A 1 111 ? -5.882  -0.692  -8.962  1.00 12.09 ? 111 PHE A CA  1 
ATOM   815  C C   . PHE A 1 111 ? -6.803  -0.393  -10.138 1.00 12.34 ? 111 PHE A C   1 
ATOM   816  O O   . PHE A 1 111 ? -7.960  -0.795  -10.147 1.00 12.43 ? 111 PHE A O   1 
ATOM   817  C CB  . PHE A 1 111 ? -5.778  0.560   -8.082  1.00 12.31 ? 111 PHE A CB  1 
ATOM   818  C CG  . PHE A 1 111 ? -5.370  0.296   -6.643  1.00 11.93 ? 111 PHE A CG  1 
ATOM   819  C CD1 . PHE A 1 111 ? -4.983  -0.970  -6.202  1.00 13.10 ? 111 PHE A CD1 1 
ATOM   820  C CD2 . PHE A 1 111 ? -5.352  1.352   -5.730  1.00 13.49 ? 111 PHE A CD2 1 
ATOM   821  C CE1 . PHE A 1 111 ? -4.605  -1.182  -4.870  1.00 14.25 ? 111 PHE A CE1 1 
ATOM   822  C CE2 . PHE A 1 111 ? -4.971  1.141   -4.399  1.00 13.14 ? 111 PHE A CE2 1 
ATOM   823  C CZ  . PHE A 1 111 ? -4.595  -0.121  -3.977  1.00 13.37 ? 111 PHE A CZ  1 
ATOM   824  N N   . GLY A 1 112 ? -6.267  0.305   -11.136 1.00 12.49 ? 112 GLY A N   1 
ATOM   825  C CA  . GLY A 1 112 ? -7.034  0.653   -12.326 1.00 13.35 ? 112 GLY A CA  1 
ATOM   826  C C   . GLY A 1 112 ? -7.544  -0.572  -13.057 1.00 13.36 ? 112 GLY A C   1 
ATOM   827  O O   . GLY A 1 112 ? -8.712  -0.622  -13.464 1.00 14.46 ? 112 GLY A O   1 
ATOM   828  N N   . GLU A 1 113 ? -6.667  -1.564  -13.206 1.00 13.62 ? 113 GLU A N   1 
ATOM   829  C CA  . GLU A 1 113 ? -6.997  -2.796  -13.924 1.00 14.21 ? 113 GLU A CA  1 
ATOM   830  C C   . GLU A 1 113 ? -8.008  -3.630  -13.144 1.00 14.16 ? 113 GLU A C   1 
ATOM   831  O O   . GLU A 1 113 ? -8.820  -4.337  -13.735 1.00 15.29 ? 113 GLU A O   1 
ATOM   832  C CB  . GLU A 1 113 ? -5.721  -3.582  -14.245 1.00 14.57 ? 113 GLU A CB  1 
ATOM   833  C CG  . GLU A 1 113 ? -4.863  -2.860  -15.299 1.00 17.22 ? 113 GLU A CG  1 
ATOM   834  C CD  . GLU A 1 113 ? -3.474  -3.446  -15.495 1.00 22.38 ? 113 GLU A CD  1 
ATOM   835  O OE1 . GLU A 1 113 ? -2.923  -4.057  -14.552 1.00 23.62 ? 113 GLU A OE1 1 
ATOM   836  O OE2 . GLU A 1 113 ? -2.917  -3.266  -16.607 1.00 23.93 ? 113 GLU A OE2 1 
ATOM   837  N N   . LEU A 1 114 ? -7.971  -3.522  -11.819 1.00 13.35 ? 114 LEU A N   1 
ATOM   838  C CA  . LEU A 1 114 ? -8.905  -4.254  -10.963 1.00 13.14 ? 114 LEU A CA  1 
ATOM   839  C C   . LEU A 1 114 ? -10.246 -3.560  -10.805 1.00 13.35 ? 114 LEU A C   1 
ATOM   840  O O   . LEU A 1 114 ? -11.227 -4.194  -10.420 1.00 13.63 ? 114 LEU A O   1 
ATOM   841  C CB  . LEU A 1 114 ? -8.304  -4.470  -9.572  1.00 13.34 ? 114 LEU A CB  1 
ATOM   842  C CG  . LEU A 1 114 ? -7.144  -5.446  -9.409  1.00 13.35 ? 114 LEU A CG  1 
ATOM   843  C CD1 . LEU A 1 114 ? -6.432  -5.155  -8.091  1.00 13.18 ? 114 LEU A CD1 1 
ATOM   844  C CD2 . LEU A 1 114 ? -7.637  -6.883  -9.432  1.00 13.68 ? 114 LEU A CD2 1 
ATOM   845  N N   . GLY A 1 115 ? -10.284 -2.254  -11.064 1.00 13.35 ? 115 GLY A N   1 
ATOM   846  C CA  . GLY A 1 115 ? -11.448 -1.444  -10.728 1.00 13.30 ? 115 GLY A CA  1 
ATOM   847  C C   . GLY A 1 115 ? -11.516 -1.016  -9.267  1.00 13.45 ? 115 GLY A C   1 
ATOM   848  O O   . GLY A 1 115 ? -12.566 -0.597  -8.794  1.00 13.54 ? 115 GLY A O   1 
ATOM   849  N N   . VAL A 1 116 ? -10.390 -1.101  -8.558  1.00 13.47 ? 116 VAL A N   1 
ATOM   850  C CA  . VAL A 1 116 ? -10.295 -0.575  -7.198  1.00 13.91 ? 116 VAL A CA  1 
ATOM   851  C C   . VAL A 1 116 ? -10.265 0.944   -7.304  1.00 14.25 ? 116 VAL A C   1 
ATOM   852  O O   . VAL A 1 116 ? -9.548  1.505   -8.142  1.00 14.91 ? 116 VAL A O   1 
ATOM   853  C CB  . VAL A 1 116 ? -9.060  -1.134  -6.450  1.00 13.71 ? 116 VAL A CB  1 
ATOM   854  C CG1 . VAL A 1 116 ? -8.743  -0.322  -5.183  1.00 14.89 ? 116 VAL A CG1 1 
ATOM   855  C CG2 . VAL A 1 116 ? -9.280  -2.608  -6.096  1.00 14.21 ? 116 VAL A CG2 1 
ATOM   856  N N   . ARG A 1 117 ? -11.088 1.603   -6.503  1.00 14.19 ? 117 ARG A N   1 
ATOM   857  C CA  . ARG A 1 117 ? -11.188 3.055   -6.598  1.00 14.51 ? 117 ARG A CA  1 
ATOM   858  C C   . ARG A 1 117 ? -10.310 3.728   -5.541  1.00 13.99 ? 117 ARG A C   1 
ATOM   859  O O   . ARG A 1 117 ? -10.386 3.414   -4.352  1.00 13.41 ? 117 ARG A O   1 
ATOM   860  C CB  . ARG A 1 117 ? -12.643 3.515   -6.548  1.00 15.49 ? 117 ARG A CB  1 
ATOM   861  C CG  . ARG A 1 117 ? -13.334 3.199   -5.271  1.00 17.94 ? 117 ARG A CG  1 
ATOM   862  C CD  . ARG A 1 117 ? -14.846 3.245   -5.401  1.00 21.29 ? 117 ARG A CD  1 
ATOM   863  N NE  . ARG A 1 117 ? -15.437 2.756   -4.160  1.00 22.78 ? 117 ARG A NE  1 
ATOM   864  C CZ  . ARG A 1 117 ? -15.516 3.455   -3.030  1.00 24.64 ? 117 ARG A CZ  1 
ATOM   865  N NH1 . ARG A 1 117 ? -16.051 2.898   -1.952  1.00 26.29 ? 117 ARG A NH1 1 
ATOM   866  N NH2 . ARG A 1 117 ? -15.061 4.704   -2.967  1.00 24.42 ? 117 ARG A NH2 1 
ATOM   867  N N   . GLU A 1 118 ? -9.440  4.622   -5.997  1.00 13.47 ? 118 GLU A N   1 
ATOM   868  C CA  . GLU A 1 118 ? -8.576  5.366   -5.085  1.00 13.48 ? 118 GLU A CA  1 
ATOM   869  C C   . GLU A 1 118 ? -9.427  6.365   -4.328  1.00 13.35 ? 118 GLU A C   1 
ATOM   870  O O   . GLU A 1 118 ? -10.195 7.118   -4.930  1.00 14.51 ? 118 GLU A O   1 
ATOM   871  C CB  . GLU A 1 118 ? -7.494  6.110   -5.860  1.00 13.89 ? 118 GLU A CB  1 
ATOM   872  C CG  . GLU A 1 118 ? -6.269  5.313   -6.111  1.00 15.42 ? 118 GLU A CG  1 
ATOM   873  C CD  . GLU A 1 118 ? -5.202  6.126   -6.816  1.00 16.63 ? 118 GLU A CD  1 
ATOM   874  O OE1 . GLU A 1 118 ? -4.143  6.373   -6.202  1.00 16.38 ? 118 GLU A OE1 1 
ATOM   875  O OE2 . GLU A 1 118 ? -5.445  6.527   -7.981  1.00 19.27 ? 118 GLU A OE2 1 
ATOM   876  N N   . VAL A 1 119 ? -9.321  6.356   -3.006  1.00 12.24 ? 119 VAL A N   1 
ATOM   877  C CA  . VAL A 1 119 ? -10.118 7.276   -2.194  1.00 12.10 ? 119 VAL A CA  1 
ATOM   878  C C   . VAL A 1 119 ? -9.326  8.520   -1.797  1.00 11.99 ? 119 VAL A C   1 
ATOM   879  O O   . VAL A 1 119 ? -9.913  9.529   -1.427  1.00 13.03 ? 119 VAL A O   1 
ATOM   880  C CB  . VAL A 1 119 ? -10.749 6.588   -0.948  1.00 11.90 ? 119 VAL A CB  1 
ATOM   881  C CG1 . VAL A 1 119 ? -11.793 5.581   -1.392  1.00 12.73 ? 119 VAL A CG1 1 
ATOM   882  C CG2 . VAL A 1 119 ? -9.684  5.913   -0.080  1.00 13.14 ? 119 VAL A CG2 1 
ATOM   883  N N   . LEU A 1 120 ? -8.000  8.415   -1.875  1.00 11.46 ? 120 LEU A N   1 
ATOM   884  C CA  . LEU A 1 120 ? -7.076  9.533   -1.662  1.00 11.48 ? 120 LEU A CA  1 
ATOM   885  C C   . LEU A 1 120 ? -6.014  9.508   -2.744  1.00 10.97 ? 120 LEU A C   1 
ATOM   886  O O   . LEU A 1 120 ? -5.712  8.449   -3.292  1.00 10.29 ? 120 LEU A O   1 
ATOM   887  C CB  . LEU A 1 120 ? -6.348  9.411   -0.310  1.00 12.03 ? 120 LEU A CB  1 
ATOM   888  C CG  . LEU A 1 120 ? -7.075  9.586   1.019   1.00 13.92 ? 120 LEU A CG  1 
ATOM   889  C CD1 . LEU A 1 120 ? -6.061  9.500   2.141   1.00 14.41 ? 120 LEU A CD1 1 
ATOM   890  C CD2 . LEU A 1 120 ? -7.781  10.921  1.077   1.00 15.72 ? 120 LEU A CD2 1 
ATOM   891  N N   . PRO A 1 121 ? -5.408  10.672  -3.041  1.00 10.97 ? 121 PRO A N   1 
ATOM   892  C CA  . PRO A 1 121 ? -4.196  10.641  -3.860  1.00 10.87 ? 121 PRO A CA  1 
ATOM   893  C C   . PRO A 1 121 ? -3.109  9.806   -3.187  1.00 10.86 ? 121 PRO A C   1 
ATOM   894  O O   . PRO A 1 121 ? -3.075  9.713   -1.954  1.00 10.43 ? 121 PRO A O   1 
ATOM   895  C CB  . PRO A 1 121 ? -3.755  12.105  -3.903  1.00 10.99 ? 121 PRO A CB  1 
ATOM   896  C CG  . PRO A 1 121 ? -4.964  12.891  -3.518  1.00 11.31 ? 121 PRO A CG  1 
ATOM   897  C CD  . PRO A 1 121 ? -5.756  12.033  -2.595  1.00 11.30 ? 121 PRO A CD  1 
ATOM   898  N N   . MET A 1 122 ? -2.244  9.194   -3.983  1.00 10.20 ? 122 MET A N   1 
ATOM   899  C CA  . MET A 1 122 ? -1.107  8.466   -3.419  1.00 9.81  ? 122 MET A CA  1 
ATOM   900  C C   . MET A 1 122 ? -0.258  9.405   -2.566  1.00 9.88  ? 122 MET A C   1 
ATOM   901  O O   . MET A 1 122 ? 0.045   10.532  -2.978  1.00 10.41 ? 122 MET A O   1 
ATOM   902  C CB  . MET A 1 122 ? -0.246  7.847   -4.523  1.00 10.32 ? 122 MET A CB  1 
ATOM   903  C CG  . MET A 1 122 ? 1.043   7.204   -3.991  1.00 10.61 ? 122 MET A CG  1 
ATOM   904  S SD  . MET A 1 122 ? 1.964   6.337   -5.270  1.00 13.34 ? 122 MET A SD  1 
ATOM   905  C CE  . MET A 1 122 ? 2.763   7.694   -6.114  1.00 15.18 ? 122 MET A CE  1 
ATOM   906  N N   . LEU A 1 123 ? 0.113   8.944   -1.378  1.00 9.54  ? 123 LEU A N   1 
ATOM   907  C CA  . LEU A 1 123 ? 1.063   9.678   -0.562  1.00 10.41 ? 123 LEU A CA  1 
ATOM   908  C C   . LEU A 1 123 ? 2.465   9.433   -1.088  1.00 11.52 ? 123 LEU A C   1 
ATOM   909  O O   . LEU A 1 123 ? 2.909   8.290   -1.181  1.00 11.32 ? 123 LEU A O   1 
ATOM   910  C CB  . LEU A 1 123 ? 0.958   9.261   0.908   1.00 10.40 ? 123 LEU A CB  1 
ATOM   911  C CG  . LEU A 1 123 ? 1.904   10.037  1.822   1.00 10.47 ? 123 LEU A CG  1 
ATOM   912  C CD1 . LEU A 1 123 ? 1.531   11.512  1.927   1.00 12.27 ? 123 LEU A CD1 1 
ATOM   913  C CD2 . LEU A 1 123 ? 1.913   9.383   3.202   1.00 10.86 ? 123 LEU A CD2 1 
ATOM   914  N N   . ARG A 1 124 ? 3.152   10.514  -1.445  1.00 12.88 ? 124 ARG A N   1 
ATOM   915  C CA  . ARG A 1 124 ? 4.523   10.425  -1.926  1.00 15.66 ? 124 ARG A CA  1 
ATOM   916  C C   . ARG A 1 124 ? 5.460   10.810  -0.803  1.00 16.49 ? 124 ARG A C   1 
ATOM   917  O O   . ARG A 1 124 ? 5.595   11.988  -0.467  1.00 17.81 ? 124 ARG A O   1 
ATOM   918  C CB  . ARG A 1 124 ? 4.737   11.340  -3.139  1.00 16.41 ? 124 ARG A CB  1 
ATOM   919  C CG  . ARG A 1 124 ? 4.417   10.674  -4.447  1.00 20.49 ? 124 ARG A CG  1 
ATOM   920  C CD  . ARG A 1 124 ? 4.243   11.682  -5.576  1.00 26.45 ? 124 ARG A CD  1 
ATOM   921  N NE  . ARG A 1 124 ? 5.407   12.531  -5.811  1.00 30.45 ? 124 ARG A NE  1 
ATOM   922  C CZ  . ARG A 1 124 ? 5.607   13.228  -6.929  1.00 32.49 ? 124 ARG A CZ  1 
ATOM   923  N NH1 . ARG A 1 124 ? 6.693   13.978  -7.059  1.00 32.85 ? 124 ARG A NH1 1 
ATOM   924  N NH2 . ARG A 1 124 ? 4.722   13.175  -7.923  1.00 34.32 ? 124 ARG A NH2 1 
ATOM   925  N N   . LEU A 1 125 ? 6.088   9.809   -0.206  1.00 16.63 ? 125 LEU A N   1 
ATOM   926  C CA  . LEU A 1 125 ? 7.099   10.053  0.810   1.00 17.55 ? 125 LEU A CA  1 
ATOM   927  C C   . LEU A 1 125 ? 8.479   10.021  0.169   1.00 18.32 ? 125 LEU A C   1 
ATOM   928  O O   . LEU A 1 125 ? 8.695   9.336   -0.830  1.00 18.67 ? 125 LEU A O   1 
ATOM   929  C CB  . LEU A 1 125 ? 7.007   9.018   1.924   1.00 17.74 ? 125 LEU A CB  1 
ATOM   930  C CG  . LEU A 1 125 ? 5.754   9.043   2.805   1.00 18.47 ? 125 LEU A CG  1 
ATOM   931  C CD1 . LEU A 1 125 ? 5.846   7.936   3.830   1.00 17.36 ? 125 LEU A CD1 1 
ATOM   932  C CD2 . LEU A 1 125 ? 5.580   10.398  3.474   1.00 19.59 ? 125 LEU A CD2 1 
ATOM   933  N N   . ASP A 1 126 ? 9.404   10.787  0.732   1.00 19.25 ? 126 ASP A N   1 
ATOM   934  C CA  . ASP A 1 126 ? 10.761  10.847  0.202   1.00 19.99 ? 126 ASP A CA  1 
ATOM   935  C C   . ASP A 1 126 ? 11.718  10.270  1.235   1.00 20.64 ? 126 ASP A C   1 
ATOM   936  O O   . ASP A 1 126 ? 12.088  10.949  2.191   1.00 20.90 ? 126 ASP A O   1 
ATOM   937  C CB  . ASP A 1 126 ? 11.132  12.291  -0.148  1.00 20.42 ? 126 ASP A CB  1 
ATOM   938  C CG  . ASP A 1 126 ? 12.450  12.400  -0.896  1.00 21.18 ? 126 ASP A CG  1 
ATOM   939  O OD1 . ASP A 1 126 ? 13.167  11.385  -1.043  1.00 21.35 ? 126 ASP A OD1 1 
ATOM   940  O OD2 . ASP A 1 126 ? 12.765  13.523  -1.338  1.00 22.50 ? 126 ASP A OD2 1 
ATOM   941  N N   . ALA A 1 127 ? 12.111  9.014   1.021   1.00 20.88 ? 127 ALA A N   1 
ATOM   942  C CA  . ALA A 1 127 ? 12.943  8.264   1.960   1.00 21.47 ? 127 ALA A CA  1 
ATOM   943  C C   . ALA A 1 127 ? 14.326  8.880   2.159   1.00 21.72 ? 127 ALA A C   1 
ATOM   944  O O   . ALA A 1 127 ? 14.972  8.650   3.182   1.00 22.18 ? 127 ALA A O   1 
ATOM   945  C CB  . ALA A 1 127 ? 13.060  6.810   1.523   1.00 21.59 ? 127 ALA A CB  1 
ATOM   946  N N   . SER A 1 128 ? 14.769  9.682   1.195   1.00 21.94 ? 128 SER A N   1 
ATOM   947  C CA  . SER A 1 128 ? 16.076  10.324  1.308   1.00 22.59 ? 128 SER A CA  1 
ATOM   948  C C   . SER A 1 128 ? 16.020  11.650  2.069   1.00 23.03 ? 128 SER A C   1 
ATOM   949  O O   . SER A 1 128 ? 17.065  12.231  2.380   1.00 23.33 ? 128 SER A O   1 
ATOM   950  C CB  . SER A 1 128 ? 16.718  10.506  -0.072  1.00 22.50 ? 128 SER A CB  1 
ATOM   951  O OG  . SER A 1 128 ? 16.051  11.493  -0.835  1.00 22.39 ? 128 SER A OG  1 
ATOM   952  N N   . GLU A 1 129 ? 14.809  12.114  2.385   1.00 23.45 ? 129 GLU A N   1 
ATOM   953  C CA  . GLU A 1 129 ? 14.623  13.403  3.064   1.00 24.16 ? 129 GLU A CA  1 
ATOM   954  C C   . GLU A 1 129 ? 13.900  13.286  4.407   1.00 24.09 ? 129 GLU A C   1 
ATOM   955  O O   . GLU A 1 129 ? 13.431  14.286  4.967   1.00 24.59 ? 129 GLU A O   1 
ATOM   956  C CB  . GLU A 1 129 ? 13.891  14.399  2.151   1.00 24.52 ? 129 GLU A CB  1 
ATOM   957  C CG  . GLU A 1 129 ? 14.715  14.888  0.952   1.00 26.98 ? 129 GLU A CG  1 
ATOM   958  C CD  . GLU A 1 129 ? 15.997  15.607  1.355   1.00 30.69 ? 129 GLU A CD  1 
ATOM   959  O OE1 . GLU A 1 129 ? 17.012  15.452  0.641   1.00 31.67 ? 129 GLU A OE1 1 
ATOM   960  O OE2 . GLU A 1 129 ? 15.997  16.324  2.383   1.00 32.20 ? 129 GLU A OE2 1 
ATOM   961  N N   . THR A 1 130 ? 13.810  12.063  4.916   1.00 24.00 ? 130 THR A N   1 
ATOM   962  C CA  . THR A 1 130 ? 13.140  11.812  6.191   1.00 23.96 ? 130 THR A CA  1 
ATOM   963  C C   . THR A 1 130 ? 13.765  10.650  6.939   1.00 23.90 ? 130 THR A C   1 
ATOM   964  O O   . THR A 1 130 ? 14.232  9.682   6.336   1.00 24.08 ? 130 THR A O   1 
ATOM   965  C CB  . THR A 1 130 ? 11.611  11.575  6.015   1.00 24.04 ? 130 THR A CB  1 
ATOM   966  O OG1 . THR A 1 130 ? 10.965  11.587  7.297   1.00 23.96 ? 130 THR A OG1 1 
ATOM   967  C CG2 . THR A 1 130 ? 11.316  10.245  5.300   1.00 24.30 ? 130 THR A CG2 1 
ATOM   968  N N   . VAL A 1 131 ? 13.777  10.764  8.262   1.00 23.76 ? 131 VAL A N   1 
ATOM   969  C CA  . VAL A 1 131 ? 14.125  9.649   9.132   1.00 23.78 ? 131 VAL A CA  1 
ATOM   970  C C   . VAL A 1 131 ? 12.887  9.219   9.926   1.00 23.16 ? 131 VAL A C   1 
ATOM   971  O O   . VAL A 1 131 ? 12.971  8.364   10.813  1.00 23.55 ? 131 VAL A O   1 
ATOM   972  C CB  . VAL A 1 131 ? 15.328  9.983   10.071  1.00 24.05 ? 131 VAL A CB  1 
ATOM   973  C CG1 . VAL A 1 131 ? 16.608  10.142  9.252   1.00 24.89 ? 131 VAL A CG1 1 
ATOM   974  C CG2 . VAL A 1 131 ? 15.056  11.241  10.905  1.00 24.75 ? 131 VAL A CG2 1 
ATOM   975  N N   . THR A 1 132 ? 11.740  9.806   9.588   1.00 22.21 ? 132 THR A N   1 
ATOM   976  C CA  . THR A 1 132 ? 10.480  9.506   10.282  1.00 21.42 ? 132 THR A CA  1 
ATOM   977  C C   . THR A 1 132 ? 9.329   9.316   9.274   1.00 20.18 ? 132 THR A C   1 
ATOM   978  O O   . THR A 1 132 ? 8.380   10.102  9.270   1.00 20.00 ? 132 THR A O   1 
ATOM   979  C CB  . THR A 1 132 ? 10.096  10.619  11.306  1.00 21.54 ? 132 THR A CB  1 
ATOM   980  O OG1 . THR A 1 132 ? 9.823   11.854  10.627  1.00 22.17 ? 132 THR A OG1 1 
ATOM   981  C CG2 . THR A 1 132 ? 11.198  10.835  12.356  1.00 22.44 ? 132 THR A CG2 1 
ATOM   982  N N   . PRO A 1 133 ? 9.399   8.270   8.424   1.00 19.20 ? 133 PRO A N   1 
ATOM   983  C CA  . PRO A 1 133 ? 8.357   8.148   7.395   1.00 18.35 ? 133 PRO A CA  1 
ATOM   984  C C   . PRO A 1 133 ? 7.032   7.678   7.999   1.00 17.71 ? 133 PRO A C   1 
ATOM   985  O O   . PRO A 1 133 ? 5.978   7.988   7.451   1.00 17.22 ? 133 PRO A O   1 
ATOM   986  C CB  . PRO A 1 133 ? 8.916   7.110   6.413   1.00 18.64 ? 133 PRO A CB  1 
ATOM   987  C CG  . PRO A 1 133 ? 9.935   6.364   7.191   1.00 19.35 ? 133 PRO A CG  1 
ATOM   988  C CD  . PRO A 1 133 ? 10.521  7.325   8.174   1.00 19.49 ? 133 PRO A CD  1 
ATOM   989  N N   . GLU A 1 134 ? 7.087   6.951   9.115   1.00 17.43 ? 134 GLU A N   1 
ATOM   990  C CA  . GLU A 1 134 ? 5.863   6.518   9.809   1.00 17.90 ? 134 GLU A CA  1 
ATOM   991  C C   . GLU A 1 134 ? 5.048   7.712   10.294  1.00 17.31 ? 134 GLU A C   1 
ATOM   992  O O   . GLU A 1 134 ? 3.829   7.757   10.103  1.00 17.13 ? 134 GLU A O   1 
ATOM   993  C CB  . GLU A 1 134 ? 6.181   5.585   10.995  1.00 18.35 ? 134 GLU A CB  1 
ATOM   994  C CG  . GLU A 1 134 ? 6.965   4.338   10.628  1.00 21.95 ? 134 GLU A CG  1 
ATOM   995  C CD  . GLU A 1 134 ? 8.470   4.488   10.839  1.00 26.53 ? 134 GLU A CD  1 
ATOM   996  O OE1 . GLU A 1 134 ? 8.999   5.621   10.725  1.00 27.53 ? 134 GLU A OE1 1 
ATOM   997  O OE2 . GLU A 1 134 ? 9.125   3.457   11.123  1.00 29.44 ? 134 GLU A OE2 1 
ATOM   998  N N   . THR A 1 135 ? 5.710   8.684   10.918  1.00 16.84 ? 135 THR A N   1 
ATOM   999  C CA  . THR A 1 135 ? 4.985   9.852   11.423  1.00 17.19 ? 135 THR A CA  1 
ATOM   1000 C C   . THR A 1 135 ? 4.604   10.793  10.285  1.00 16.07 ? 135 THR A C   1 
ATOM   1001 O O   . THR A 1 135 ? 3.569   11.446  10.341  1.00 15.74 ? 135 THR A O   1 
ATOM   1002 C CB  . THR A 1 135 ? 5.738   10.601  12.544  1.00 17.80 ? 135 THR A CB  1 
ATOM   1003 O OG1 . THR A 1 135 ? 6.973   11.107  12.038  1.00 20.78 ? 135 THR A OG1 1 
ATOM   1004 C CG2 . THR A 1 135 ? 6.021   9.663   13.711  1.00 19.49 ? 135 THR A CG2 1 
ATOM   1005 N N   . ASP A 1 136 ? 5.420   10.817  9.237   1.00 15.27 ? 136 ASP A N   1 
ATOM   1006 C CA  . ASP A 1 136 ? 5.124   11.633  8.059   1.00 15.03 ? 136 ASP A CA  1 
ATOM   1007 C C   . ASP A 1 136 ? 3.817   11.204  7.405   1.00 14.20 ? 136 ASP A C   1 
ATOM   1008 O O   . ASP A 1 136 ? 3.154   12.009  6.752   1.00 14.63 ? 136 ASP A O   1 
ATOM   1009 C CB  . ASP A 1 136 ? 6.232   11.510  7.019   1.00 15.42 ? 136 ASP A CB  1 
ATOM   1010 C CG  . ASP A 1 136 ? 7.529   12.166  7.451   1.00 18.83 ? 136 ASP A CG  1 
ATOM   1011 O OD1 . ASP A 1 136 ? 7.557   12.873  8.481   1.00 20.90 ? 136 ASP A OD1 1 
ATOM   1012 O OD2 . ASP A 1 136 ? 8.529   11.964  6.734   1.00 23.09 ? 136 ASP A OD2 1 
ATOM   1013 N N   . ALA A 1 137 ? 3.472   9.930   7.559   1.00 12.35 ? 137 ALA A N   1 
ATOM   1014 C CA  . ALA A 1 137 ? 2.276   9.367   6.926   1.00 11.22 ? 137 ALA A CA  1 
ATOM   1015 C C   . ALA A 1 137 ? 0.996   9.597   7.737   1.00 10.54 ? 137 ALA A C   1 
ATOM   1016 O O   . ALA A 1 137 ? -0.103  9.316   7.258   1.00 9.87  ? 137 ALA A O   1 
ATOM   1017 C CB  . ALA A 1 137 ? 2.474   7.877   6.662   1.00 11.02 ? 137 ALA A CB  1 
ATOM   1018 N N   . GLU A 1 138 ? 1.125   10.125  8.956   1.00 9.98  ? 138 GLU A N   1 
ATOM   1019 C CA  . GLU A 1 138 ? -0.032  10.204  9.850   1.00 10.20 ? 138 GLU A CA  1 
ATOM   1020 C C   . GLU A 1 138 ? -1.193  11.081  9.345   1.00 10.29 ? 138 GLU A C   1 
ATOM   1021 O O   . GLU A 1 138 ? -2.350  10.644  9.412   1.00 9.49  ? 138 GLU A O   1 
ATOM   1022 C CB  . GLU A 1 138 ? 0.394   10.559  11.289  1.00 10.50 ? 138 GLU A CB  1 
ATOM   1023 C CG  . GLU A 1 138 ? 1.035   9.380   12.014  1.00 11.77 ? 138 GLU A CG  1 
ATOM   1024 C CD  . GLU A 1 138 ? 1.773   9.760   13.296  1.00 13.75 ? 138 GLU A CD  1 
ATOM   1025 O OE1 . GLU A 1 138 ? 1.820   10.958  13.656  1.00 14.07 ? 138 GLU A OE1 1 
ATOM   1026 O OE2 . GLU A 1 138 ? 2.305   8.842   13.959  1.00 15.76 ? 138 GLU A OE2 1 
ATOM   1027 N N   . PRO A 1 139 ? -0.898  12.295  8.827   1.00 10.61 ? 139 PRO A N   1 
ATOM   1028 C CA  . PRO A 1 139 ? -2.002  13.113  8.298   1.00 10.78 ? 139 PRO A CA  1 
ATOM   1029 C C   . PRO A 1 139 ? -2.781  12.438  7.166   1.00 10.04 ? 139 PRO A C   1 
ATOM   1030 O O   . PRO A 1 139 ? -4.013  12.537  7.115   1.00 10.41 ? 139 PRO A O   1 
ATOM   1031 C CB  . PRO A 1 139 ? -1.287  14.363  7.786   1.00 11.31 ? 139 PRO A CB  1 
ATOM   1032 C CG  . PRO A 1 139 ? -0.127  14.506  8.763   1.00 11.58 ? 139 PRO A CG  1 
ATOM   1033 C CD  . PRO A 1 139 ? 0.358   13.071  8.890   1.00 11.05 ? 139 PRO A CD  1 
ATOM   1034 N N   . TRP A 1 140 ? -2.068  11.755  6.279   1.00 8.75  ? 140 TRP A N   1 
ATOM   1035 C CA  . TRP A 1 140 ? -2.704  11.061  5.159   1.00 8.55  ? 140 TRP A CA  1 
ATOM   1036 C C   . TRP A 1 140 ? -3.540  9.896   5.688   1.00 8.36  ? 140 TRP A C   1 
ATOM   1037 O O   . TRP A 1 140 ? -4.677  9.692   5.249   1.00 8.78  ? 140 TRP A O   1 
ATOM   1038 C CB  . TRP A 1 140 ? -1.624  10.567  4.205   1.00 8.54  ? 140 TRP A CB  1 
ATOM   1039 C CG  . TRP A 1 140 ? -2.091  9.933   2.932   1.00 8.21  ? 140 TRP A CG  1 
ATOM   1040 C CD1 . TRP A 1 140 ? -2.215  10.545  1.702   1.00 9.10  ? 140 TRP A CD1 1 
ATOM   1041 C CD2 . TRP A 1 140 ? -2.431  8.560   2.731   1.00 7.50  ? 140 TRP A CD2 1 
ATOM   1042 N NE1 . TRP A 1 140 ? -2.634  9.635   0.765   1.00 8.22  ? 140 TRP A NE1 1 
ATOM   1043 C CE2 . TRP A 1 140 ? -2.762  8.408   1.363   1.00 8.03  ? 140 TRP A CE2 1 
ATOM   1044 C CE3 . TRP A 1 140 ? -2.485  7.435   3.571   1.00 6.28  ? 140 TRP A CE3 1 
ATOM   1045 C CZ2 . TRP A 1 140 ? -3.153  7.183   0.814   1.00 7.89  ? 140 TRP A CZ2 1 
ATOM   1046 C CZ3 . TRP A 1 140 ? -2.882  6.203   3.020   1.00 7.42  ? 140 TRP A CZ3 1 
ATOM   1047 C CH2 . TRP A 1 140 ? -3.211  6.095   1.651   1.00 7.06  ? 140 TRP A CH2 1 
ATOM   1048 N N   . LEU A 1 141 ? -2.989  9.150   6.647   1.00 8.34  ? 141 LEU A N   1 
ATOM   1049 C CA  . LEU A 1 141 ? -3.722  8.021   7.235   1.00 8.85  ? 141 LEU A CA  1 
ATOM   1050 C C   . LEU A 1 141 ? -4.975  8.477   7.980   1.00 9.36  ? 141 LEU A C   1 
ATOM   1051 O O   . LEU A 1 141 ? -5.979  7.767   7.988   1.00 9.56  ? 141 LEU A O   1 
ATOM   1052 C CB  . LEU A 1 141 ? -2.821  7.202   8.168   1.00 9.05  ? 141 LEU A CB  1 
ATOM   1053 C CG  . LEU A 1 141 ? -1.766  6.373   7.436   1.00 9.79  ? 141 LEU A CG  1 
ATOM   1054 C CD1 . LEU A 1 141 ? -0.688  5.905   8.408   1.00 10.12 ? 141 LEU A CD1 1 
ATOM   1055 C CD2 . LEU A 1 141 ? -2.394  5.191   6.707   1.00 10.46 ? 141 LEU A CD2 1 
ATOM   1056 N N   . ALA A 1 142 ? -4.906  9.658   8.590   1.00 9.54  ? 142 ALA A N   1 
ATOM   1057 C CA  . ALA A 1 142 ? -6.068  10.250  9.256   1.00 10.26 ? 142 ALA A CA  1 
ATOM   1058 C C   . ALA A 1 142 ? -7.213  10.449  8.270   1.00 11.02 ? 142 ALA A C   1 
ATOM   1059 O O   . ALA A 1 142 ? -8.373  10.156  8.571   1.00 11.50 ? 142 ALA A O   1 
ATOM   1060 C CB  . ALA A 1 142 ? -5.691  11.581  9.928   1.00 10.03 ? 142 ALA A CB  1 
ATOM   1061 N N   . GLU A 1 143 ? -6.887  10.946  7.082   1.00 11.02 ? 143 GLU A N   1 
ATOM   1062 C CA  . GLU A 1 143 ? -7.913  11.162  6.072   1.00 11.77 ? 143 GLU A CA  1 
ATOM   1063 C C   . GLU A 1 143 ? -8.341  9.852   5.411   1.00 12.15 ? 143 GLU A C   1 
ATOM   1064 O O   . GLU A 1 143 ? -9.505  9.683   5.035   1.00 12.25 ? 143 GLU A O   1 
ATOM   1065 C CB  . GLU A 1 143 ? -7.438  12.176  5.029   1.00 12.05 ? 143 GLU A CB  1 
ATOM   1066 C CG  . GLU A 1 143 ? -8.579  12.739  4.148   1.00 14.23 ? 143 GLU A CG  1 
ATOM   1067 C CD  . GLU A 1 143 ? -9.658  13.465  4.950   1.00 16.57 ? 143 GLU A CD  1 
ATOM   1068 O OE1 . GLU A 1 143 ? -10.862 13.211  4.716   1.00 19.54 ? 143 GLU A OE1 1 
ATOM   1069 O OE2 . GLU A 1 143 ? -9.309  14.287  5.809   1.00 16.77 ? 143 GLU A OE2 1 
ATOM   1070 N N   . PHE A 1 144 ? -7.402  8.920   5.287   1.00 11.77 ? 144 PHE A N   1 
ATOM   1071 C CA  . PHE A 1 144 ? -7.684  7.633   4.653   1.00 11.86 ? 144 PHE A CA  1 
ATOM   1072 C C   . PHE A 1 144 ? -8.757  6.866   5.418   1.00 12.30 ? 144 PHE A C   1 
ATOM   1073 O O   . PHE A 1 144 ? -9.666  6.302   4.818   1.00 12.02 ? 144 PHE A O   1 
ATOM   1074 C CB  . PHE A 1 144 ? -6.402  6.808   4.566   1.00 11.34 ? 144 PHE A CB  1 
ATOM   1075 C CG  . PHE A 1 144 ? -6.561  5.495   3.852   1.00 11.25 ? 144 PHE A CG  1 
ATOM   1076 C CD1 . PHE A 1 144 ? -6.894  5.444   2.499   1.00 10.67 ? 144 PHE A CD1 1 
ATOM   1077 C CD2 . PHE A 1 144 ? -6.356  4.303   4.537   1.00 11.54 ? 144 PHE A CD2 1 
ATOM   1078 C CE1 . PHE A 1 144 ? -7.026  4.216   1.839   1.00 11.96 ? 144 PHE A CE1 1 
ATOM   1079 C CE2 . PHE A 1 144 ? -6.470  3.072   3.889   1.00 11.58 ? 144 PHE A CE2 1 
ATOM   1080 C CZ  . PHE A 1 144 ? -6.820  3.031   2.530   1.00 12.27 ? 144 PHE A CZ  1 
ATOM   1081 N N   . ALA A 1 145 ? -8.659  6.858   6.745   1.00 12.88 ? 145 ALA A N   1 
ATOM   1082 C CA  . ALA A 1 145 ? -9.654  6.159   7.557   1.00 14.01 ? 145 ALA A CA  1 
ATOM   1083 C C   . ALA A 1 145 ? -11.044 6.761   7.334   1.00 15.10 ? 145 ALA A C   1 
ATOM   1084 O O   . ALA A 1 145 ? -12.020 6.025   7.247   1.00 15.04 ? 145 ALA A O   1 
ATOM   1085 C CB  . ALA A 1 145 ? -9.276  6.203   9.032   1.00 14.40 ? 145 ALA A CB  1 
ATOM   1086 N N   . ALA A 1 146 ? -11.115 8.090   7.213   1.00 16.27 ? 146 ALA A N   1 
ATOM   1087 C CA  . ALA A 1 146 ? -12.387 8.781   6.975   1.00 18.22 ? 146 ALA A CA  1 
ATOM   1088 C C   . ALA A 1 146 ? -12.955 8.374   5.623   1.00 19.74 ? 146 ALA A C   1 
ATOM   1089 O O   . ALA A 1 146 ? -14.168 8.187   5.471   1.00 20.19 ? 146 ALA A O   1 
ATOM   1090 C CB  . ALA A 1 146 ? -12.196 10.295  7.033   1.00 18.00 ? 146 ALA A CB  1 
ATOM   1091 N N   . ALA A 1 147 ? -12.047 8.230   4.660   1.00 21.35 ? 147 ALA A N   1 
ATOM   1092 C CA  . ALA A 1 147 ? -12.370 7.967   3.258   1.00 23.81 ? 147 ALA A CA  1 
ATOM   1093 C C   . ALA A 1 147 ? -12.913 6.569   3.015   1.00 25.69 ? 147 ALA A C   1 
ATOM   1094 O O   . ALA A 1 147 ? -13.649 6.349   2.050   1.00 26.38 ? 147 ALA A O   1 
ATOM   1095 C CB  . ALA A 1 147 ? -11.142 8.209   2.400   1.00 23.69 ? 147 ALA A CB  1 
ATOM   1096 N N   . LEU A 1 148 ? -12.536 5.629   3.879   1.00 27.80 ? 148 LEU A N   1 
ATOM   1097 C CA  . LEU A 1 148 ? -12.993 4.244   3.783   1.00 30.08 ? 148 LEU A CA  1 
ATOM   1098 C C   . LEU A 1 148 ? -14.374 4.066   4.394   1.00 31.94 ? 148 LEU A C   1 
ATOM   1099 O O   . LEU A 1 148 ? -15.294 3.588   3.728   1.00 32.79 ? 148 LEU A O   1 
ATOM   1100 C CB  . LEU A 1 148 ? -12.006 3.301   4.474   1.00 29.59 ? 148 LEU A CB  1 
ATOM   1101 C CG  . LEU A 1 148 ? -10.597 3.165   3.904   1.00 28.78 ? 148 LEU A CG  1 
ATOM   1102 C CD1 . LEU A 1 148 ? -9.803  2.194   4.759   1.00 27.45 ? 148 LEU A CD1 1 
ATOM   1103 C CD2 . LEU A 1 148 ? -10.620 2.712   2.448   1.00 28.67 ? 148 LEU A CD2 1 
ATOM   1104 N N   . LYS A 1 149 ? -14.502 4.434   5.644   1.00 34.05 ? 149 LYS A N   1 
ATOM   1105 C CA  . LYS A 1 149 ? -15.732 4.327   6.401   1.00 35.86 ? 149 LYS A CA  1 
ATOM   1106 C C   . LYS A 1 149 ? -16.131 5.651   7.051   1.00 36.64 ? 149 LYS A C   1 
ATOM   1107 O O   . LYS A 1 149 ? -15.786 5.887   8.204   1.00 37.24 ? 149 LYS A O   1 
ATOM   1108 C CB  . LYS A 1 149 ? -15.521 3.318   7.511   1.00 36.05 ? 149 LYS A CB  1 
ATOM   1109 C CG  . LYS A 1 149 ? -16.787 2.631   8.038   1.00 37.19 ? 149 LYS A CG  1 
ATOM   1110 C CD  . LYS A 1 149 ? -16.945 2.851   9.550   1.00 38.77 ? 149 LYS A CD  1 
ATOM   1111 C CE  . LYS A 1 149 ? -18.200 2.294   10.120  1.00 39.36 ? 149 LYS A CE  1 
ATOM   1112 N NZ  . LYS A 1 149 ? -19.277 3.288   10.107  1.00 40.16 ? 149 LYS A NZ  1 
ATOM   1113 N N   . GLY A 1 150 ? -16.832 6.537   6.355   1.00 37.45 ? 150 GLY A N   1 
ATOM   1114 C CA  . GLY A 1 150 ? -17.319 6.275   5.001   1.00 38.07 ? 150 GLY A CA  1 
ATOM   1115 C C   . GLY A 1 150 ? -17.716 7.558   4.291   1.00 38.50 ? 150 GLY A C   1 
ATOM   1116 O O   . GLY A 1 150 ? -17.685 7.638   3.060   1.00 38.88 ? 150 GLY A O   1 
ATOM   1117 O OXT . GLY A 1 150 ? -18.077 8.551   4.929   1.00 38.76 ? 150 GLY A OXT 1 
HETATM 1118 S S   . SO4 B 2 .   ? 12.596  0.141   1.906   1.00 17.15 ? 201 SO4 A S   1 
HETATM 1119 O O1  . SO4 B 2 .   ? 12.856  -0.592  0.676   1.00 18.32 ? 201 SO4 A O1  1 
HETATM 1120 O O2  . SO4 B 2 .   ? 12.831  1.566   1.742   1.00 18.39 ? 201 SO4 A O2  1 
HETATM 1121 O O3  . SO4 B 2 .   ? 13.462  -0.349  2.979   1.00 18.15 ? 201 SO4 A O3  1 
HETATM 1122 O O4  . SO4 B 2 .   ? 11.200  -0.053  2.307   1.00 19.07 ? 201 SO4 A O4  1 
HETATM 1123 O O   . HOH C 3 .   ? 8.543   -9.191  4.942   1.00 60.94 ? 301 HOH A O   1 
HETATM 1124 O O   . HOH C 3 .   ? 0.204   9.526   -8.109  1.00 29.95 ? 302 HOH A O   1 
HETATM 1125 O O   . HOH C 3 .   ? -0.586  -2.947  -13.735 1.00 38.85 ? 303 HOH A O   1 
HETATM 1126 O O   . HOH C 3 .   ? -2.519  -22.866 -2.913  1.00 30.71 ? 304 HOH A O   1 
HETATM 1127 O O   . HOH C 3 .   ? 2.277   -7.499  1.747   1.00 18.52 ? 305 HOH A O   1 
HETATM 1128 O O   . HOH C 3 .   ? 3.732   -11.407 -0.978  1.00 33.94 ? 306 HOH A O   1 
HETATM 1129 O O   . HOH C 3 .   ? -13.149 -9.050  -1.018  1.00 29.61 ? 307 HOH A O   1 
HETATM 1130 O O   . HOH C 3 .   ? -3.736  -1.908  -18.641 1.00 37.66 ? 308 HOH A O   1 
HETATM 1131 O O   . HOH C 3 .   ? 6.445   13.454  10.735  1.00 45.73 ? 309 HOH A O   1 
HETATM 1132 O O   . HOH C 3 .   ? 7.856   -4.553  18.466  1.00 32.19 ? 310 HOH A O   1 
HETATM 1133 O O   . HOH C 3 .   ? 5.539   -7.793  2.044   1.00 57.28 ? 311 HOH A O   1 
HETATM 1134 O O   . HOH C 3 .   ? 9.134   11.229  -3.166  1.00 32.26 ? 312 HOH A O   1 
HETATM 1135 O O   . HOH C 3 .   ? 15.075  4.573   -0.919  1.00 21.27 ? 313 HOH A O   1 
HETATM 1136 O O   . HOH C 3 .   ? -14.420 1.196   -9.243  1.00 42.50 ? 314 HOH A O   1 
HETATM 1137 O O   . HOH C 3 .   ? 3.742   9.692   -8.866  1.00 34.73 ? 315 HOH A O   1 
HETATM 1138 O O   . HOH C 3 .   ? 12.092  -6.729  -7.524  1.00 24.07 ? 316 HOH A O   1 
HETATM 1139 O O   . HOH C 3 .   ? 13.919  0.310   -1.554  1.00 26.75 ? 317 HOH A O   1 
HETATM 1140 O O   . HOH C 3 .   ? 0.428   7.865   15.526  1.00 24.36 ? 318 HOH A O   1 
HETATM 1141 O O   . HOH C 3 .   ? 11.775  4.271   -3.692  1.00 20.42 ? 319 HOH A O   1 
HETATM 1142 O O   . HOH C 3 .   ? -8.571  -7.506  10.121  1.00 35.54 ? 320 HOH A O   1 
HETATM 1143 O O   . HOH C 3 .   ? 10.022  14.180  11.877  1.00 47.74 ? 321 HOH A O   1 
HETATM 1144 O O   . HOH C 3 .   ? -15.372 -9.440  3.665   1.00 35.03 ? 322 HOH A O   1 
HETATM 1145 O O   . HOH C 3 .   ? -10.249 10.986  10.254  1.00 15.42 ? 323 HOH A O   1 
HETATM 1146 O O   . HOH C 3 .   ? 0.757   12.359  5.643   1.00 13.59 ? 324 HOH A O   1 
HETATM 1147 O O   . HOH C 3 .   ? -2.018  -3.949  16.318  1.00 31.57 ? 325 HOH A O   1 
HETATM 1148 O O   . HOH C 3 .   ? -11.763 2.207   17.930  1.00 19.77 ? 326 HOH A O   1 
HETATM 1149 O O   . HOH C 3 .   ? 17.565  6.716   0.909   1.00 25.55 ? 327 HOH A O   1 
HETATM 1150 O O   . HOH C 3 .   ? 3.689   8.494   16.247  1.00 43.18 ? 328 HOH A O   1 
HETATM 1151 O O   . HOH C 3 .   ? 17.210  14.473  -1.868  1.00 28.59 ? 329 HOH A O   1 
HETATM 1152 O O   . HOH C 3 .   ? 1.452   13.472  12.732  1.00 19.81 ? 330 HOH A O   1 
HETATM 1153 O O   . HOH C 3 .   ? 3.882   2.306   15.452  1.00 32.63 ? 331 HOH A O   1 
HETATM 1154 O O   . HOH C 3 .   ? -10.685 1.229   -13.315 1.00 22.68 ? 332 HOH A O   1 
HETATM 1155 O O   . HOH C 3 .   ? -4.678  -8.738  12.269  1.00 23.42 ? 333 HOH A O   1 
HETATM 1156 O O   . HOH C 3 .   ? -0.046  11.875  -5.338  1.00 19.03 ? 334 HOH A O   1 
HETATM 1157 O O   . HOH C 3 .   ? -13.377 6.326   13.519  1.00 18.80 ? 335 HOH A O   1 
HETATM 1158 O O   . HOH C 3 .   ? -12.292 -13.934 6.519   1.00 35.50 ? 336 HOH A O   1 
HETATM 1159 O O   . HOH C 3 .   ? 0.718   -3.459  13.493  1.00 25.43 ? 337 HOH A O   1 
HETATM 1160 O O   . HOH C 3 .   ? 21.733  -5.485  0.736   1.00 43.51 ? 338 HOH A O   1 
HETATM 1161 O O   . HOH C 3 .   ? 0.950   -12.171 5.890   1.00 31.04 ? 339 HOH A O   1 
HETATM 1162 O O   . HOH C 3 .   ? 14.235  -5.081  -8.705  1.00 25.53 ? 340 HOH A O   1 
HETATM 1163 O O   . HOH C 3 .   ? -4.522  0.987   -15.045 1.00 20.75 ? 341 HOH A O   1 
HETATM 1164 O O   . HOH C 3 .   ? -14.895 -1.030  10.807  1.00 40.07 ? 342 HOH A O   1 
HETATM 1165 O O   . HOH C 3 .   ? 19.042  7.356   -2.634  1.00 16.86 ? 343 HOH A O   1 
HETATM 1166 O O   . HOH C 3 .   ? 3.474   11.771  15.686  1.00 34.95 ? 344 HOH A O   1 
HETATM 1167 O O   . HOH C 3 .   ? -11.753 -6.868  -10.733 1.00 23.90 ? 345 HOH A O   1 
HETATM 1168 O O   . HOH C 3 .   ? 4.162   14.348  5.732   1.00 36.39 ? 346 HOH A O   1 
HETATM 1169 O O   . HOH C 3 .   ? -11.757 -11.179 -1.792  1.00 19.43 ? 347 HOH A O   1 
HETATM 1170 O O   . HOH C 3 .   ? -1.269  -1.092  -17.005 1.00 38.89 ? 348 HOH A O   1 
HETATM 1171 O O   . HOH C 3 .   ? 0.899   -1.492  -15.424 1.00 30.80 ? 349 HOH A O   1 
HETATM 1172 O O   . HOH C 3 .   ? 21.570  12.355  -1.149  1.00 35.86 ? 350 HOH A O   1 
HETATM 1173 O O   . HOH C 3 .   ? -16.014 -2.039  0.734   1.00 23.81 ? 351 HOH A O   1 
HETATM 1174 O O   . HOH C 3 .   ? 16.410  -8.357  -5.881  1.00 36.64 ? 352 HOH A O   1 
HETATM 1175 O O   . HOH C 3 .   ? 7.282   3.457   -4.557  1.00 11.67 ? 353 HOH A O   1 
HETATM 1176 O O   . HOH C 3 .   ? 3.239   14.166  10.769  1.00 30.65 ? 354 HOH A O   1 
HETATM 1177 O O   . HOH C 3 .   ? -9.357  -14.275 -9.776  1.00 37.48 ? 355 HOH A O   1 
HETATM 1178 O O   . HOH C 3 .   ? -13.295 13.687  5.975   1.00 26.79 ? 356 HOH A O   1 
HETATM 1179 O O   . HOH C 3 .   ? -8.120  -18.945 0.896   1.00 23.20 ? 357 HOH A O   1 
HETATM 1180 O O   . HOH C 3 .   ? 11.853  4.718   -10.124 1.00 32.19 ? 358 HOH A O   1 
HETATM 1181 O O   . HOH C 3 .   ? 13.560  -6.401  -3.427  1.00 24.27 ? 359 HOH A O   1 
HETATM 1182 O O   . HOH C 3 .   ? 19.396  10.802  2.906   1.00 36.72 ? 360 HOH A O   1 
HETATM 1183 O O   . HOH C 3 .   ? -3.914  6.313   -3.426  1.00 10.88 ? 361 HOH A O   1 
HETATM 1184 O O   . HOH C 3 .   ? -15.872 3.354   0.794   1.00 46.18 ? 362 HOH A O   1 
HETATM 1185 O O   . HOH C 3 .   ? -16.058 -6.195  -5.504  1.00 29.28 ? 363 HOH A O   1 
HETATM 1186 O O   . HOH C 3 .   ? 16.635  6.869   -10.816 1.00 24.71 ? 364 HOH A O   1 
HETATM 1187 O O   . HOH C 3 .   ? -12.810 -10.186 -11.771 1.00 49.52 ? 365 HOH A O   1 
HETATM 1188 O O   . HOH C 3 .   ? 10.363  -3.739  8.910   1.00 33.16 ? 366 HOH A O   1 
HETATM 1189 O O   . HOH C 3 .   ? -8.818  -16.864 -9.579  1.00 30.86 ? 367 HOH A O   1 
HETATM 1190 O O   . HOH C 3 .   ? -7.878  -19.990 -1.410  1.00 35.48 ? 368 HOH A O   1 
HETATM 1191 O O   . HOH C 3 .   ? 6.103   0.545   12.749  1.00 25.92 ? 369 HOH A O   1 
HETATM 1192 O O   . HOH C 3 .   ? -16.601 -6.333  8.004   1.00 38.12 ? 370 HOH A O   1 
HETATM 1193 O O   . HOH C 3 .   ? -8.093  3.084   -9.945  1.00 24.32 ? 371 HOH A O   1 
HETATM 1194 O O   . HOH C 3 .   ? -3.346  9.125   11.550  1.00 26.12 ? 372 HOH A O   1 
HETATM 1195 O O   . HOH C 3 .   ? 3.853   -14.383 -9.325  1.00 28.89 ? 373 HOH A O   1 
HETATM 1196 O O   . HOH C 3 .   ? 16.857  9.007   5.604   1.00 36.37 ? 374 HOH A O   1 
HETATM 1197 O O   . HOH C 3 .   ? 18.614  13.412  -7.445  1.00 23.51 ? 375 HOH A O   1 
HETATM 1198 O O   . HOH C 3 .   ? -1.881  -6.900  11.392  1.00 20.40 ? 376 HOH A O   1 
HETATM 1199 O O   . HOH C 3 .   ? 1.009   -11.138 -14.270 1.00 32.50 ? 377 HOH A O   1 
HETATM 1200 O O   . HOH C 3 .   ? 8.498   7.805   12.425  1.00 47.94 ? 378 HOH A O   1 
HETATM 1201 O O   . HOH C 3 .   ? 14.006  3.418   -8.304  1.00 34.18 ? 379 HOH A O   1 
HETATM 1202 O O   . HOH C 3 .   ? -5.631  4.100   -10.215 1.00 26.68 ? 380 HOH A O   1 
HETATM 1203 O O   . HOH C 3 .   ? -12.017 11.319  2.959   1.00 24.46 ? 381 HOH A O   1 
HETATM 1204 O O   . HOH C 3 .   ? -7.669  7.441   -9.475  1.00 21.32 ? 382 HOH A O   1 
HETATM 1205 O O   . HOH C 3 .   ? -4.041  0.331   17.620  1.00 20.21 ? 383 HOH A O   1 
HETATM 1206 O O   . HOH C 3 .   ? 11.879  -7.451  -0.743  1.00 23.02 ? 384 HOH A O   1 
HETATM 1207 O O   . HOH C 3 .   ? 7.470   -12.548 -2.632  1.00 29.27 ? 385 HOH A O   1 
HETATM 1208 O O   . HOH C 3 .   ? 3.270   -9.055  -0.230  1.00 39.92 ? 386 HOH A O   1 
HETATM 1209 O O   . HOH C 3 .   ? -15.642 -0.136  14.686  1.00 42.04 ? 387 HOH A O   1 
HETATM 1210 O O   . HOH C 3 .   ? 9.742   2.792   -11.386 1.00 43.68 ? 388 HOH A O   1 
HETATM 1211 O O   . HOH C 3 .   ? 21.752  12.377  -5.445  1.00 17.21 ? 389 HOH A O   1 
HETATM 1212 O O   . HOH C 3 .   ? -8.473  -5.230  -16.456 1.00 37.84 ? 390 HOH A O   1 
HETATM 1213 O O   . HOH C 3 .   ? 7.665   -4.407  -10.609 1.00 27.19 ? 391 HOH A O   1 
HETATM 1214 O O   . HOH C 3 .   ? -1.668  -10.635 9.706   1.00 43.05 ? 392 HOH A O   1 
HETATM 1215 O O   . HOH C 3 .   ? 8.104   14.619  -9.533  1.00 44.40 ? 393 HOH A O   1 
HETATM 1216 O O   . HOH C 3 .   ? 2.798   -5.827  11.315  1.00 38.17 ? 394 HOH A O   1 
HETATM 1217 O O   . HOH C 3 .   ? -13.841 -12.063 9.127   1.00 44.98 ? 395 HOH A O   1 
HETATM 1218 O O   . HOH C 3 .   ? 0.051   -16.081 -4.399  1.00 32.79 ? 396 HOH A O   1 
HETATM 1219 O O   . HOH C 3 .   ? -10.450 -2.257  15.287  1.00 27.25 ? 397 HOH A O   1 
HETATM 1220 O O   . HOH C 3 .   ? -9.436  5.232   -8.910  1.00 18.46 ? 398 HOH A O   1 
HETATM 1221 O O   . HOH C 3 .   ? -11.518 -17.288 6.094   1.00 41.72 ? 399 HOH A O   1 
HETATM 1222 O O   . HOH C 3 .   ? 4.907   -11.206 -3.195  1.00 22.95 ? 400 HOH A O   1 
HETATM 1223 O O   . HOH C 3 .   ? -9.438  -13.222 8.295   1.00 43.36 ? 401 HOH A O   1 
HETATM 1224 O O   . HOH C 3 .   ? -10.501 -6.816  -13.719 1.00 30.80 ? 402 HOH A O   1 
HETATM 1225 O O   . HOH C 3 .   ? -3.337  -19.712 -4.964  1.00 36.27 ? 403 HOH A O   1 
HETATM 1226 O O   . HOH C 3 .   ? -20.530 10.053  4.049   1.00 51.96 ? 404 HOH A O   1 
HETATM 1227 O O   . HOH C 3 .   ? 17.435  18.866  3.121   1.00 40.19 ? 405 HOH A O   1 
HETATM 1228 O O   . HOH C 3 .   ? 12.590  13.293  9.419   1.00 31.19 ? 406 HOH A O   1 
HETATM 1229 O O   . HOH C 3 .   ? 1.204   -8.337  10.890  1.00 45.56 ? 407 HOH A O   1 
HETATM 1230 O O   . HOH C 3 .   ? 10.241  14.398  8.304   1.00 38.50 ? 408 HOH A O   1 
HETATM 1231 O O   . HOH C 3 .   ? 8.647   11.858  3.665   1.00 33.86 ? 409 HOH A O   1 
HETATM 1232 O O   . HOH C 3 .   ? 13.227  6.951   5.310   1.00 46.00 ? 410 HOH A O   1 
HETATM 1233 O O   . HOH C 3 .   ? -1.405  -18.261 -3.024  1.00 28.44 ? 411 HOH A O   1 
HETATM 1234 O O   . HOH C 3 .   ? 15.811  1.721   3.635   1.00 49.33 ? 412 HOH A O   1 
HETATM 1235 O O   . HOH C 3 .   ? -6.067  -14.413 6.016   1.00 44.77 ? 413 HOH A O   1 
HETATM 1236 O O   . HOH C 3 .   ? -11.047 -0.475  17.806  1.00 33.40 ? 414 HOH A O   1 
HETATM 1237 O O   . HOH C 3 .   ? 12.433  3.960   -0.257  1.00 29.61 ? 415 HOH A O   1 
HETATM 1238 O O   . HOH C 3 .   ? 4.070   14.587  0.455   1.00 37.35 ? 416 HOH A O   1 
HETATM 1239 O O   . HOH C 3 .   ? 10.789  -12.399 -5.636  1.00 39.70 ? 417 HOH A O   1 
HETATM 1240 O O   . HOH C 3 .   ? -11.126 1.992   -10.848 1.00 31.31 ? 418 HOH A O   1 
HETATM 1241 O O   . HOH C 3 .   ? -8.361  -1.414  18.147  1.00 37.92 ? 419 HOH A O   1 
HETATM 1242 O O   . HOH C 3 .   ? 4.286   -0.143  14.625  1.00 32.68 ? 420 HOH A O   1 
HETATM 1243 O O   . HOH C 3 .   ? -19.587 -7.906  4.659   1.00 45.39 ? 421 HOH A O   1 
HETATM 1244 O O   . HOH C 3 .   ? -16.904 -0.242  -1.443  1.00 42.01 ? 422 HOH A O   1 
HETATM 1245 O O   . HOH C 3 .   ? 10.397  -10.382 -7.503  1.00 40.90 ? 423 HOH A O   1 
HETATM 1246 O O   . HOH C 3 .   ? -0.830  -6.403  13.913  1.00 25.93 ? 424 HOH A O   1 
HETATM 1247 O O   . HOH C 3 .   ? -4.601  -3.719  16.643  1.00 34.28 ? 425 HOH A O   1 
HETATM 1248 O O   . HOH C 3 .   ? 8.080   13.585  -2.218  1.00 44.70 ? 426 HOH A O   1 
HETATM 1249 O O   . HOH C 3 .   ? -14.589 11.053  3.580   1.00 35.18 ? 427 HOH A O   1 
HETATM 1250 O O   . HOH C 3 .   ? 3.917   -14.166 -2.733  1.00 55.40 ? 428 HOH A O   1 
HETATM 1251 O O   . HOH C 3 .   ? 0.675   -11.671 8.824   1.00 48.35 ? 429 HOH A O   1 
HETATM 1252 O O   . HOH C 3 .   ? 2.016   11.067  -6.894  1.00 31.80 ? 430 HOH A O   1 
# 
